data_7DAH
#
_entry.id   7DAH
#
_cell.length_a   136.603
_cell.length_b   136.603
_cell.length_c   121.931
_cell.angle_alpha   90.000
_cell.angle_beta   90.000
_cell.angle_gamma   120.000
#
_symmetry.space_group_name_H-M   'P 32'
#
loop_
_entity.id
_entity.type
_entity.pdbx_description
1 polymer 'ATP phosphoribosyltransferase'
2 non-polymer DI(HYDROXYETHYL)ETHER
3 non-polymer 1,2-ETHANEDIOL
4 non-polymer 'PHOSPHATE ION'
5 non-polymer GLYCEROL
6 non-polymer 'MAGNESIUM ION'
7 non-polymer "ADENOSINE-5'-TRIPHOSPHATE"
8 non-polymer 1-O-pyrophosphono-5-O-phosphono-alpha-D-ribofuranose
9 water water
#
_entity_poly.entity_id   1
_entity_poly.type   'polypeptide(L)'
_entity_poly.pdbx_seq_one_letter_code
;HHHHHHMQRKNDMQTQRLRIAIQKKGRLSQECQELLKKCGVKFNIMGERLVVHSLNMPIDLLLVRDDDIPGLIMDGVVDL
GFVGENVLEETRLDRLALNQRNEFTTLRRMDFGGCRLSIAIEKDAEYRGPQDLNGKRIATTYPQLLKAYMDRQGVDFSTC
MLTGSVEVAPRAGLADAIADLVSTGATLEANGLKEVEVIFESKATLIQRPGAFAADKAALIDKLLTRMHGVQQAKESKYI
MLHAPVEKLAQIKTLLPGAEDPTVLPLSADKSKVAVHMVSSENLFWETMEQLKALGASSILVLPIEKMME
;
_entity_poly.pdbx_strand_id   A,B,C,D,E,F
#
# COMPACT_ATOMS: atom_id res chain seq x y z
N THR A 15 -10.80 -17.86 22.78
CA THR A 15 -10.71 -16.42 23.17
C THR A 15 -10.55 -16.31 24.70
N GLN A 16 -9.57 -15.57 25.15
CA GLN A 16 -9.49 -15.09 26.55
C GLN A 16 -9.13 -13.59 26.47
N ARG A 17 -8.63 -13.14 25.33
CA ARG A 17 -8.44 -11.69 25.07
C ARG A 17 -9.77 -11.10 24.59
N LEU A 18 -9.96 -9.82 24.90
CA LEU A 18 -11.16 -9.00 24.60
C LEU A 18 -11.19 -8.77 23.10
N ARG A 19 -12.23 -9.15 22.40
CA ARG A 19 -12.21 -9.06 20.91
C ARG A 19 -13.15 -7.91 20.52
N ILE A 20 -12.64 -6.94 19.74
CA ILE A 20 -13.30 -5.66 19.34
C ILE A 20 -13.41 -5.63 17.83
N ALA A 21 -14.61 -5.38 17.31
CA ALA A 21 -14.81 -5.33 15.85
C ALA A 21 -14.84 -3.87 15.44
N ILE A 22 -14.08 -3.54 14.43
CA ILE A 22 -13.94 -2.17 13.84
C ILE A 22 -14.13 -2.37 12.34
N GLN A 23 -14.82 -1.47 11.68
CA GLN A 23 -14.85 -1.46 10.19
C GLN A 23 -13.40 -1.42 9.69
N LYS A 24 -13.06 -2.25 8.69
CA LYS A 24 -11.67 -2.40 8.19
C LYS A 24 -11.16 -1.09 7.58
N LYS A 25 -11.83 -0.59 6.55
CA LYS A 25 -11.38 0.65 5.86
C LYS A 25 -12.64 1.49 5.65
N GLY A 26 -12.51 2.81 5.87
CA GLY A 26 -13.58 3.82 5.92
C GLY A 26 -13.25 4.93 6.89
N ARG A 27 -13.90 6.09 6.77
CA ARG A 27 -13.65 7.26 7.68
C ARG A 27 -13.91 6.75 9.10
N LEU A 28 -14.99 5.96 9.31
CA LEU A 28 -15.36 5.30 10.61
C LEU A 28 -14.18 4.49 11.16
N SER A 29 -13.37 3.85 10.33
CA SER A 29 -12.20 3.09 10.84
C SER A 29 -11.19 3.99 11.58
N GLN A 30 -10.61 4.98 10.91
CA GLN A 30 -9.60 5.92 11.49
C GLN A 30 -10.13 6.45 12.83
N GLU A 31 -11.36 6.97 12.89
CA GLU A 31 -11.91 7.63 14.10
C GLU A 31 -11.97 6.61 15.24
N CYS A 32 -12.20 5.33 14.93
CA CYS A 32 -12.29 4.25 15.94
C CYS A 32 -10.89 3.87 16.45
N GLN A 33 -9.95 3.68 15.53
CA GLN A 33 -8.55 3.40 15.89
C GLN A 33 -8.05 4.55 16.74
N GLU A 34 -8.22 5.78 16.27
CA GLU A 34 -7.79 7.00 17.00
C GLU A 34 -8.30 6.96 18.44
N LEU A 35 -9.55 6.60 18.66
CA LEU A 35 -10.14 6.66 20.04
C LEU A 35 -9.51 5.58 20.92
N LEU A 36 -9.34 4.37 20.40
CA LEU A 36 -8.65 3.30 21.17
C LEU A 36 -7.25 3.75 21.59
N LYS A 37 -6.53 4.45 20.70
CA LYS A 37 -5.14 4.92 20.95
C LYS A 37 -5.21 6.05 21.99
N LYS A 38 -6.11 7.02 21.84
CA LYS A 38 -6.28 8.11 22.83
C LYS A 38 -6.60 7.51 24.20
N CYS A 39 -7.08 6.27 24.27
CA CYS A 39 -7.42 5.59 25.54
C CYS A 39 -6.26 4.69 25.97
N GLY A 40 -5.13 4.80 25.30
CA GLY A 40 -3.89 4.11 25.70
C GLY A 40 -3.86 2.65 25.26
N VAL A 41 -4.62 2.28 24.24
CA VAL A 41 -4.48 0.96 23.58
C VAL A 41 -3.48 1.11 22.43
N LYS A 42 -2.32 0.46 22.57
CA LYS A 42 -1.22 0.50 21.58
C LYS A 42 -1.41 -0.73 20.67
N PHE A 43 -1.21 -0.57 19.36
CA PHE A 43 -1.27 -1.65 18.34
C PHE A 43 -0.77 -1.12 17.00
N ASN A 44 -0.27 -1.99 16.12
CA ASN A 44 0.05 -1.62 14.71
C ASN A 44 -0.73 -2.52 13.77
N ILE A 45 -1.40 -1.91 12.78
CA ILE A 45 -2.00 -2.64 11.63
C ILE A 45 -0.84 -3.05 10.72
N MET A 46 -0.63 -4.37 10.57
CA MET A 46 0.38 -4.97 9.65
C MET A 46 -0.32 -5.18 8.31
N GLY A 47 -0.44 -4.12 7.51
CA GLY A 47 -1.41 -3.89 6.42
C GLY A 47 -1.94 -5.12 5.73
N GLU A 48 -3.25 -5.24 5.60
CA GLU A 48 -4.00 -6.32 4.91
C GLU A 48 -4.21 -7.51 5.87
N ARG A 49 -3.48 -7.59 6.99
CA ARG A 49 -3.82 -8.51 8.11
C ARG A 49 -4.98 -7.92 8.89
N LEU A 50 -5.99 -8.74 9.16
CA LEU A 50 -7.33 -8.34 9.61
C LEU A 50 -7.54 -8.69 11.08
N VAL A 51 -6.75 -9.58 11.67
CA VAL A 51 -6.61 -9.66 13.15
C VAL A 51 -5.43 -8.78 13.53
N VAL A 52 -5.66 -7.81 14.42
CA VAL A 52 -4.63 -6.93 15.03
C VAL A 52 -4.54 -7.20 16.54
N HIS A 53 -3.39 -7.58 17.07
CA HIS A 53 -3.18 -7.86 18.52
C HIS A 53 -2.63 -6.62 19.19
N SER A 54 -3.20 -6.19 20.31
CA SER A 54 -2.69 -5.01 21.07
C SER A 54 -1.33 -5.37 21.67
N LEU A 55 -0.37 -4.44 21.61
CA LEU A 55 0.99 -4.61 22.21
C LEU A 55 0.88 -4.61 23.74
N ASN A 56 0.10 -3.73 24.34
CA ASN A 56 0.21 -3.43 25.79
C ASN A 56 -1.04 -3.86 26.57
N MET A 57 -2.06 -4.41 25.91
CA MET A 57 -3.35 -4.76 26.58
C MET A 57 -3.86 -6.08 26.02
N PRO A 58 -4.58 -6.87 26.85
CA PRO A 58 -5.13 -8.15 26.41
C PRO A 58 -6.37 -7.95 25.50
N ILE A 59 -6.14 -7.37 24.31
CA ILE A 59 -7.18 -6.92 23.35
C ILE A 59 -6.80 -7.39 21.96
N ASP A 60 -7.75 -8.01 21.22
CA ASP A 60 -7.67 -8.22 19.76
C ASP A 60 -8.66 -7.30 19.02
N LEU A 61 -8.25 -6.76 17.89
CA LEU A 61 -9.10 -6.00 16.96
C LEU A 61 -9.38 -6.88 15.76
N LEU A 62 -10.62 -6.94 15.31
CA LEU A 62 -11.02 -7.62 14.07
C LEU A 62 -11.52 -6.55 13.10
N LEU A 63 -10.88 -6.51 11.93
CA LEU A 63 -11.13 -5.48 10.89
C LEU A 63 -12.05 -6.17 9.87
N VAL A 64 -13.35 -5.89 9.98
CA VAL A 64 -14.42 -6.62 9.27
C VAL A 64 -15.24 -5.58 8.52
N ARG A 65 -16.20 -5.99 7.67
CA ARG A 65 -17.23 -5.07 7.13
C ARG A 65 -18.14 -4.57 8.24
N ASP A 66 -18.47 -3.28 8.24
CA ASP A 66 -19.39 -2.64 9.21
C ASP A 66 -20.70 -3.42 9.26
N ASP A 67 -21.20 -3.88 8.11
CA ASP A 67 -22.51 -4.57 7.93
C ASP A 67 -22.59 -5.84 8.78
N ASP A 68 -21.44 -6.47 9.06
CA ASP A 68 -21.38 -7.78 9.75
C ASP A 68 -21.29 -7.58 11.25
N ILE A 69 -21.00 -6.37 11.72
CA ILE A 69 -20.63 -6.12 13.14
C ILE A 69 -21.82 -6.36 14.05
N PRO A 70 -23.04 -5.92 13.72
CA PRO A 70 -24.17 -6.15 14.62
C PRO A 70 -24.37 -7.66 14.74
N GLY A 71 -24.48 -8.33 13.59
CA GLY A 71 -24.46 -9.80 13.49
C GLY A 71 -23.43 -10.45 14.41
N LEU A 72 -22.15 -10.05 14.35
CA LEU A 72 -21.09 -10.67 15.18
C LEU A 72 -21.37 -10.43 16.67
N ILE A 73 -21.80 -9.22 17.04
CA ILE A 73 -22.01 -8.83 18.46
C ILE A 73 -23.17 -9.64 19.00
N MET A 74 -24.18 -9.83 18.16
CA MET A 74 -25.48 -10.45 18.53
C MET A 74 -25.28 -11.97 18.72
N ASP A 75 -24.36 -12.55 17.94
CA ASP A 75 -23.95 -13.97 18.00
C ASP A 75 -22.77 -14.16 18.97
N GLY A 76 -22.47 -13.21 19.85
CA GLY A 76 -21.43 -13.36 20.89
C GLY A 76 -20.00 -13.60 20.37
N VAL A 77 -19.82 -13.63 19.05
CA VAL A 77 -18.54 -14.01 18.42
C VAL A 77 -17.46 -12.92 18.66
N VAL A 78 -17.86 -11.69 18.96
CA VAL A 78 -16.91 -10.62 19.41
C VAL A 78 -17.50 -10.02 20.69
N ASP A 79 -16.74 -9.24 21.41
CA ASP A 79 -17.16 -8.74 22.74
C ASP A 79 -17.70 -7.33 22.58
N LEU A 80 -16.95 -6.47 21.88
CA LEU A 80 -17.34 -5.07 21.64
C LEU A 80 -17.32 -4.82 20.14
N GLY A 81 -18.05 -3.80 19.72
CA GLY A 81 -18.15 -3.45 18.30
C GLY A 81 -18.48 -2.00 18.12
N PHE A 82 -17.81 -1.37 17.16
CA PHE A 82 -18.06 0.03 16.75
C PHE A 82 -18.82 -0.01 15.44
N VAL A 83 -19.95 0.67 15.37
CA VAL A 83 -20.84 0.52 14.18
C VAL A 83 -21.82 1.69 14.12
N GLY A 84 -22.19 2.05 12.89
CA GLY A 84 -23.28 3.01 12.66
C GLY A 84 -24.58 2.53 13.27
N GLU A 85 -25.18 3.37 14.13
CA GLU A 85 -26.57 3.23 14.62
C GLU A 85 -27.50 2.84 13.47
N ASN A 86 -27.29 3.35 12.26
CA ASN A 86 -28.18 3.00 11.12
C ASN A 86 -28.01 1.51 10.75
N VAL A 87 -26.79 1.02 10.56
CA VAL A 87 -26.58 -0.42 10.15
C VAL A 87 -27.10 -1.32 11.28
N LEU A 88 -26.89 -0.90 12.53
CA LEU A 88 -27.23 -1.70 13.71
C LEU A 88 -28.73 -1.92 13.72
N GLU A 89 -29.50 -0.84 13.61
CA GLU A 89 -30.98 -0.91 13.77
C GLU A 89 -31.55 -1.66 12.56
N GLU A 90 -31.04 -1.39 11.36
CA GLU A 90 -31.49 -2.16 10.18
C GLU A 90 -31.24 -3.64 10.41
N THR A 91 -30.11 -4.04 10.96
CA THR A 91 -29.80 -5.50 11.02
C THR A 91 -30.68 -6.12 12.13
N ARG A 92 -30.82 -5.43 13.26
CA ARG A 92 -31.71 -5.86 14.38
C ARG A 92 -33.11 -6.17 13.82
N LEU A 93 -33.71 -5.27 13.06
CA LEU A 93 -35.03 -5.45 12.44
C LEU A 93 -34.99 -6.57 11.40
N ASP A 94 -34.03 -6.64 10.46
CA ASP A 94 -33.95 -7.78 9.48
C ASP A 94 -33.95 -9.08 10.28
N ARG A 95 -33.32 -9.11 11.44
CA ARG A 95 -33.23 -10.34 12.25
C ARG A 95 -34.52 -10.62 13.03
N LEU A 96 -35.09 -9.62 13.69
CA LEU A 96 -36.37 -9.76 14.42
C LEU A 96 -37.40 -10.34 13.45
N ALA A 97 -37.32 -10.02 12.15
CA ALA A 97 -38.22 -10.54 11.10
C ALA A 97 -37.97 -12.04 10.82
N LEU A 98 -36.86 -12.63 11.31
CA LEU A 98 -36.51 -14.08 11.12
C LEU A 98 -36.32 -14.78 12.46
N ASN A 99 -36.88 -14.20 13.53
CA ASN A 99 -36.82 -14.66 14.94
C ASN A 99 -35.38 -15.01 15.37
N GLN A 100 -34.36 -14.50 14.67
CA GLN A 100 -32.93 -14.62 15.01
C GLN A 100 -32.62 -13.68 16.21
N ARG A 101 -31.65 -14.09 17.05
CA ARG A 101 -31.20 -13.35 18.25
C ARG A 101 -30.73 -11.99 17.75
N ASN A 102 -31.19 -10.95 18.43
CA ASN A 102 -31.01 -9.54 18.00
C ASN A 102 -30.74 -8.69 19.25
N GLU A 103 -30.31 -9.30 20.34
CA GLU A 103 -30.10 -8.59 21.63
C GLU A 103 -28.61 -8.24 21.74
N PHE A 104 -28.36 -7.06 22.32
CA PHE A 104 -27.03 -6.51 22.62
C PHE A 104 -27.21 -5.36 23.62
N THR A 105 -26.10 -4.91 24.17
CA THR A 105 -26.08 -3.80 25.15
C THR A 105 -25.30 -2.64 24.54
N THR A 106 -25.88 -1.43 24.56
CA THR A 106 -25.20 -0.20 24.09
C THR A 106 -24.39 0.42 25.25
N LEU A 107 -23.09 0.56 25.06
CA LEU A 107 -22.19 1.04 26.13
C LEU A 107 -22.08 2.57 26.05
N ARG A 108 -21.97 3.14 24.87
CA ARG A 108 -21.73 4.60 24.70
C ARG A 108 -21.99 5.04 23.25
N ARG A 109 -22.56 6.22 23.07
CA ARG A 109 -22.72 6.83 21.73
C ARG A 109 -21.45 7.63 21.41
N MET A 110 -20.89 7.47 20.22
CA MET A 110 -19.70 8.22 19.79
C MET A 110 -20.10 9.63 19.37
N ASP A 111 -19.15 10.58 19.41
CA ASP A 111 -19.32 11.94 18.82
C ASP A 111 -18.74 11.93 17.41
N PHE A 112 -18.94 10.86 16.64
CA PHE A 112 -18.54 10.74 15.22
C PHE A 112 -19.40 9.71 14.46
N GLY A 113 -19.26 9.66 13.13
CA GLY A 113 -20.03 8.82 12.21
C GLY A 113 -21.42 9.39 11.95
N GLY A 114 -21.67 10.63 12.35
CA GLY A 114 -22.95 11.34 12.09
C GLY A 114 -23.34 11.26 10.63
N CYS A 115 -24.62 11.07 10.37
CA CYS A 115 -25.24 10.98 9.03
C CYS A 115 -26.73 10.70 9.28
N ARG A 116 -27.54 10.77 8.23
CA ARG A 116 -28.99 10.64 8.38
C ARG A 116 -29.55 9.95 7.16
N LEU A 117 -30.54 9.11 7.40
CA LEU A 117 -31.40 8.54 6.36
C LEU A 117 -32.47 9.58 6.10
N SER A 118 -32.58 10.01 4.85
CA SER A 118 -33.52 11.07 4.44
C SER A 118 -34.31 10.61 3.23
N ILE A 119 -35.56 11.04 3.15
CA ILE A 119 -36.35 10.81 1.91
C ILE A 119 -35.94 11.90 0.95
N ALA A 120 -35.74 11.56 -0.31
CA ALA A 120 -35.42 12.51 -1.37
C ALA A 120 -36.36 12.28 -2.56
N ILE A 121 -36.80 13.37 -3.19
CA ILE A 121 -37.62 13.32 -4.42
C ILE A 121 -36.89 14.17 -5.47
N GLU A 122 -37.44 14.19 -6.69
CA GLU A 122 -37.00 15.08 -7.79
C GLU A 122 -37.20 16.56 -7.42
N LYS A 123 -36.27 17.44 -7.84
CA LYS A 123 -36.29 18.90 -7.53
C LYS A 123 -37.68 19.44 -7.90
N ASP A 124 -38.14 19.23 -9.14
CA ASP A 124 -39.38 19.88 -9.63
C ASP A 124 -40.55 19.01 -9.20
N ALA A 125 -40.74 18.82 -7.89
CA ALA A 125 -41.85 18.00 -7.35
C ALA A 125 -42.29 18.53 -5.98
N GLU A 126 -43.60 18.48 -5.73
CA GLU A 126 -44.20 19.13 -4.53
C GLU A 126 -44.24 18.09 -3.40
N TYR A 127 -43.91 18.48 -2.17
CA TYR A 127 -43.95 17.60 -0.97
C TYR A 127 -44.43 18.43 0.23
N ARG A 128 -45.68 18.23 0.64
CA ARG A 128 -46.28 18.92 1.81
C ARG A 128 -45.98 18.10 3.07
N GLY A 129 -45.70 16.79 2.93
CA GLY A 129 -45.35 15.87 4.05
C GLY A 129 -45.39 14.39 3.69
N PRO A 130 -45.06 13.47 4.62
CA PRO A 130 -45.00 12.03 4.33
C PRO A 130 -46.20 11.43 3.58
N GLN A 131 -47.40 11.93 3.87
CA GLN A 131 -48.63 11.42 3.25
C GLN A 131 -48.58 11.62 1.73
N ASP A 132 -47.75 12.54 1.22
CA ASP A 132 -47.54 12.73 -0.24
C ASP A 132 -46.83 11.52 -0.88
N LEU A 133 -46.38 10.56 -0.09
CA LEU A 133 -45.68 9.32 -0.56
C LEU A 133 -46.64 8.15 -0.59
N ASN A 134 -47.80 8.28 0.05
CA ASN A 134 -48.86 7.25 0.09
C ASN A 134 -49.02 6.72 -1.34
N GLY A 135 -48.72 5.42 -1.54
CA GLY A 135 -48.98 4.72 -2.81
C GLY A 135 -47.79 4.74 -3.75
N LYS A 136 -46.76 5.52 -3.42
CA LYS A 136 -45.56 5.67 -4.27
C LYS A 136 -44.62 4.52 -3.96
N ARG A 137 -43.80 4.14 -4.93
CA ARG A 137 -42.65 3.21 -4.78
C ARG A 137 -41.46 4.02 -4.27
N ILE A 138 -40.72 3.51 -3.30
CA ILE A 138 -39.55 4.21 -2.70
C ILE A 138 -38.31 3.29 -2.74
N ALA A 139 -37.18 3.75 -3.28
CA ALA A 139 -35.95 2.96 -3.37
C ALA A 139 -35.07 3.23 -2.17
N THR A 140 -34.46 2.18 -1.61
CA THR A 140 -33.63 2.31 -0.40
C THR A 140 -32.76 1.09 -0.20
N THR A 141 -31.64 1.31 0.48
CA THR A 141 -30.78 0.19 0.92
C THR A 141 -31.12 -0.10 2.38
N TYR A 142 -32.12 0.57 2.94
CA TYR A 142 -32.51 0.45 4.36
C TYR A 142 -34.00 0.22 4.44
N PRO A 143 -34.47 -0.90 3.86
CA PRO A 143 -35.89 -1.17 3.75
C PRO A 143 -36.52 -1.25 5.14
N GLN A 144 -35.82 -1.76 6.13
CA GLN A 144 -36.41 -1.93 7.46
C GLN A 144 -36.66 -0.57 8.12
N LEU A 145 -35.67 0.33 8.09
CA LEU A 145 -35.76 1.67 8.74
C LEU A 145 -36.81 2.50 8.03
N LEU A 146 -36.94 2.32 6.71
CA LEU A 146 -37.97 2.98 5.90
C LEU A 146 -39.32 2.47 6.36
N LYS A 147 -39.52 1.14 6.49
CA LYS A 147 -40.81 0.58 6.94
C LYS A 147 -41.17 1.13 8.32
N ALA A 148 -40.24 1.07 9.26
CA ALA A 148 -40.44 1.61 10.63
C ALA A 148 -40.96 3.05 10.53
N TYR A 149 -40.33 3.89 9.72
CA TYR A 149 -40.77 5.32 9.57
C TYR A 149 -42.19 5.39 9.00
N MET A 150 -42.44 4.71 7.88
CA MET A 150 -43.72 4.84 7.17
C MET A 150 -44.83 4.22 8.01
N ASP A 151 -44.55 3.19 8.81
CA ASP A 151 -45.62 2.58 9.65
C ASP A 151 -46.00 3.60 10.72
N ARG A 152 -45.02 4.33 11.24
CA ARG A 152 -45.20 5.35 12.30
C ARG A 152 -46.05 6.50 11.73
N GLN A 153 -45.94 6.81 10.45
CA GLN A 153 -46.68 7.90 9.78
C GLN A 153 -47.97 7.37 9.16
N GLY A 154 -48.17 6.05 9.24
CA GLY A 154 -49.37 5.38 8.71
C GLY A 154 -49.54 5.56 7.22
N VAL A 155 -48.47 5.42 6.44
CA VAL A 155 -48.48 5.66 4.97
C VAL A 155 -48.05 4.40 4.28
N ASP A 156 -48.78 4.02 3.24
CA ASP A 156 -48.55 2.74 2.51
C ASP A 156 -47.70 3.10 1.30
N PHE A 157 -46.74 2.24 0.94
CA PHE A 157 -45.76 2.47 -0.16
C PHE A 157 -45.28 1.12 -0.70
N SER A 158 -44.75 1.06 -1.92
CA SER A 158 -43.99 -0.09 -2.50
C SER A 158 -42.51 0.12 -2.17
N THR A 159 -41.67 -0.93 -2.16
CA THR A 159 -40.20 -0.77 -2.06
C THR A 159 -39.55 -1.08 -3.40
N CYS A 160 -38.34 -0.55 -3.59
CA CYS A 160 -37.39 -0.97 -4.65
C CYS A 160 -36.04 -1.12 -3.96
N MET A 161 -35.64 -2.36 -3.67
CA MET A 161 -34.36 -2.62 -2.95
C MET A 161 -33.20 -2.55 -3.95
N LEU A 162 -32.25 -1.68 -3.66
CA LEU A 162 -30.92 -1.63 -4.33
C LEU A 162 -29.89 -1.50 -3.22
N THR A 163 -28.77 -2.21 -3.34
CA THR A 163 -27.75 -2.30 -2.25
C THR A 163 -26.83 -1.08 -2.35
N GLY A 164 -26.96 -0.29 -3.43
CA GLY A 164 -26.35 1.06 -3.59
C GLY A 164 -26.80 1.79 -4.85
N SER A 165 -26.20 2.94 -5.12
CA SER A 165 -26.54 3.87 -6.24
C SER A 165 -28.05 4.15 -6.17
N VAL A 166 -28.56 4.30 -4.96
CA VAL A 166 -30.01 4.51 -4.74
C VAL A 166 -30.46 5.74 -5.54
N GLU A 167 -29.60 6.77 -5.62
CA GLU A 167 -29.92 8.12 -6.18
C GLU A 167 -30.36 7.99 -7.66
N VAL A 168 -30.03 6.87 -8.30
CA VAL A 168 -30.41 6.55 -9.71
C VAL A 168 -31.92 6.43 -9.87
N ALA A 169 -32.67 6.03 -8.84
CA ALA A 169 -33.94 5.30 -9.02
C ALA A 169 -35.04 6.13 -9.68
N PRO A 170 -35.26 7.41 -9.26
CA PRO A 170 -36.33 8.25 -9.80
C PRO A 170 -36.17 8.57 -11.28
N ARG A 171 -35.04 9.15 -11.67
CA ARG A 171 -34.68 9.51 -13.06
C ARG A 171 -34.73 8.23 -13.91
N ALA A 172 -34.48 7.06 -13.35
CA ALA A 172 -34.39 5.78 -14.10
C ALA A 172 -35.76 5.12 -14.21
N GLY A 173 -36.76 5.69 -13.54
CA GLY A 173 -38.16 5.22 -13.54
C GLY A 173 -38.30 3.93 -12.78
N LEU A 174 -37.57 3.83 -11.66
CA LEU A 174 -37.47 2.61 -10.81
C LEU A 174 -38.31 2.81 -9.56
N ALA A 175 -38.59 4.08 -9.24
CA ALA A 175 -39.23 4.52 -7.99
C ALA A 175 -39.60 5.99 -8.05
N ASP A 176 -40.60 6.38 -7.29
CA ASP A 176 -41.14 7.76 -7.21
C ASP A 176 -40.22 8.57 -6.29
N ALA A 177 -39.58 7.98 -5.31
CA ALA A 177 -38.66 8.68 -4.40
C ALA A 177 -37.66 7.66 -3.84
N ILE A 178 -36.76 8.11 -2.96
CA ILE A 178 -35.69 7.28 -2.39
C ILE A 178 -35.52 7.66 -0.94
N ALA A 179 -34.86 6.78 -0.19
CA ALA A 179 -34.40 7.02 1.18
C ALA A 179 -32.94 6.62 1.22
N ASP A 180 -32.05 7.61 1.32
CA ASP A 180 -30.60 7.34 1.32
C ASP A 180 -29.95 8.01 2.51
N LEU A 181 -28.75 7.53 2.84
CA LEU A 181 -27.78 8.26 3.68
C LEU A 181 -27.39 9.54 2.97
N VAL A 182 -27.16 10.57 3.76
CA VAL A 182 -26.85 11.93 3.27
C VAL A 182 -25.95 12.57 4.33
N SER A 183 -25.05 13.41 3.84
CA SER A 183 -24.17 14.32 4.62
C SER A 183 -24.13 15.68 3.93
N THR A 184 -23.71 15.70 2.66
CA THR A 184 -23.58 16.90 1.81
C THR A 184 -24.88 17.06 1.00
N GLY A 185 -25.23 16.13 0.11
CA GLY A 185 -26.30 16.30 -0.89
C GLY A 185 -25.74 16.48 -2.30
N ALA A 186 -24.42 16.30 -2.45
CA ALA A 186 -23.72 16.39 -3.75
C ALA A 186 -24.39 15.45 -4.75
N THR A 187 -24.44 14.17 -4.36
CA THR A 187 -24.99 13.07 -5.17
C THR A 187 -26.43 13.41 -5.55
N LEU A 188 -27.17 14.05 -4.65
CA LEU A 188 -28.61 14.35 -4.80
C LEU A 188 -28.76 15.35 -5.94
N GLU A 189 -28.10 16.52 -5.81
CA GLU A 189 -28.11 17.58 -6.86
C GLU A 189 -27.70 16.96 -8.21
N ALA A 190 -26.60 16.20 -8.23
CA ALA A 190 -26.07 15.54 -9.45
C ALA A 190 -27.14 14.70 -10.13
N ASN A 191 -28.10 14.17 -9.37
CA ASN A 191 -29.06 13.14 -9.86
C ASN A 191 -30.47 13.68 -9.83
N GLY A 192 -30.61 14.97 -9.56
CA GLY A 192 -31.85 15.74 -9.79
C GLY A 192 -32.77 15.69 -8.60
N LEU A 193 -32.23 15.51 -7.40
CA LEU A 193 -33.02 15.20 -6.18
C LEU A 193 -32.73 16.23 -5.09
N LYS A 194 -33.68 16.35 -4.14
CA LYS A 194 -33.54 17.20 -2.93
C LYS A 194 -33.97 16.36 -1.72
N GLU A 195 -33.20 16.44 -0.63
CA GLU A 195 -33.62 15.92 0.68
C GLU A 195 -34.88 16.65 1.09
N VAL A 196 -35.91 16.00 1.62
CA VAL A 196 -37.18 16.67 2.01
C VAL A 196 -37.65 16.14 3.36
N GLU A 197 -36.99 15.16 3.97
CA GLU A 197 -37.46 14.54 5.24
C GLU A 197 -36.40 13.61 5.84
N VAL A 198 -35.94 13.96 7.04
CA VAL A 198 -35.04 13.16 7.87
C VAL A 198 -35.89 12.10 8.56
N ILE A 199 -35.58 10.81 8.35
CA ILE A 199 -36.34 9.72 9.00
C ILE A 199 -35.48 9.08 10.09
N PHE A 200 -34.17 9.19 10.01
CA PHE A 200 -33.26 8.55 10.99
C PHE A 200 -31.95 9.33 11.04
N GLU A 201 -31.51 9.65 12.26
CA GLU A 201 -30.23 10.32 12.55
C GLU A 201 -29.35 9.28 13.23
N SER A 202 -28.21 8.95 12.66
CA SER A 202 -27.27 7.94 13.16
C SER A 202 -26.00 8.65 13.65
N LYS A 203 -25.39 8.14 14.70
CA LYS A 203 -23.93 8.27 14.95
C LYS A 203 -23.37 6.85 15.07
N ALA A 204 -22.06 6.70 15.08
CA ALA A 204 -21.42 5.44 15.50
C ALA A 204 -21.75 5.24 16.96
N THR A 205 -21.70 4.00 17.44
CA THR A 205 -22.07 3.63 18.82
C THR A 205 -21.17 2.47 19.19
N LEU A 206 -20.88 2.32 20.47
CA LEU A 206 -20.09 1.19 20.95
C LEU A 206 -21.03 0.23 21.67
N ILE A 207 -21.20 -0.97 21.10
CA ILE A 207 -22.11 -2.00 21.65
C ILE A 207 -21.30 -3.19 22.17
N GLN A 208 -21.94 -3.97 23.04
CA GLN A 208 -21.36 -5.14 23.76
C GLN A 208 -22.23 -6.36 23.45
N ARG A 209 -21.59 -7.50 23.18
CA ARG A 209 -22.32 -8.79 23.04
C ARG A 209 -23.15 -9.00 24.29
N PRO A 210 -24.27 -9.74 24.18
CA PRO A 210 -25.05 -10.09 25.36
C PRO A 210 -24.38 -11.26 26.07
N GLY A 211 -24.72 -11.41 27.35
CA GLY A 211 -24.31 -12.53 28.21
C GLY A 211 -23.33 -12.12 29.29
N ALA A 212 -22.71 -13.10 29.94
CA ALA A 212 -21.85 -12.92 31.13
C ALA A 212 -20.41 -12.66 30.69
N PHE A 213 -19.67 -11.93 31.49
CA PHE A 213 -18.26 -11.58 31.25
C PHE A 213 -17.44 -12.08 32.45
N ALA A 214 -16.27 -12.67 32.22
CA ALA A 214 -15.23 -12.78 33.26
C ALA A 214 -14.99 -11.38 33.88
N ALA A 215 -14.89 -11.27 35.21
CA ALA A 215 -14.76 -9.99 35.94
C ALA A 215 -13.51 -9.21 35.52
N ASP A 216 -12.41 -9.89 35.17
CA ASP A 216 -11.20 -9.25 34.57
C ASP A 216 -11.62 -8.50 33.29
N LYS A 217 -12.23 -9.20 32.34
CA LYS A 217 -12.69 -8.64 31.04
C LYS A 217 -13.73 -7.53 31.33
N ALA A 218 -14.59 -7.72 32.34
CA ALA A 218 -15.56 -6.69 32.76
C ALA A 218 -14.80 -5.42 33.18
N ALA A 219 -13.81 -5.57 34.05
CA ALA A 219 -13.00 -4.48 34.62
C ALA A 219 -12.31 -3.74 33.48
N LEU A 220 -11.83 -4.47 32.47
CA LEU A 220 -11.10 -3.88 31.33
C LEU A 220 -12.02 -2.93 30.53
N ILE A 221 -13.20 -3.43 30.16
CA ILE A 221 -14.21 -2.65 29.41
C ILE A 221 -14.58 -1.41 30.23
N ASP A 222 -14.66 -1.55 31.54
CA ASP A 222 -15.06 -0.45 32.44
C ASP A 222 -13.94 0.60 32.43
N LYS A 223 -12.69 0.15 32.48
CA LYS A 223 -11.52 1.06 32.43
C LYS A 223 -11.60 1.85 31.12
N LEU A 224 -11.75 1.14 29.99
CA LEU A 224 -11.81 1.73 28.63
C LEU A 224 -12.94 2.75 28.56
N LEU A 225 -14.14 2.37 28.97
CA LEU A 225 -15.30 3.29 28.97
C LEU A 225 -14.97 4.53 29.79
N THR A 226 -14.44 4.41 31.00
CA THR A 226 -14.16 5.60 31.86
C THR A 226 -13.22 6.55 31.12
N ARG A 227 -12.26 5.97 30.40
CA ARG A 227 -11.26 6.75 29.62
C ARG A 227 -11.99 7.47 28.48
N MET A 228 -12.87 6.77 27.76
CA MET A 228 -13.62 7.36 26.63
C MET A 228 -14.44 8.54 27.15
N HIS A 229 -15.03 8.38 28.32
CA HIS A 229 -15.85 9.42 28.99
C HIS A 229 -14.98 10.66 29.19
N GLY A 230 -13.75 10.43 29.63
CA GLY A 230 -12.78 11.51 29.92
C GLY A 230 -12.33 12.18 28.65
N VAL A 231 -12.14 11.43 27.57
CA VAL A 231 -11.69 12.00 26.28
C VAL A 231 -12.79 12.94 25.79
N GLN A 232 -14.05 12.49 25.90
CA GLN A 232 -15.21 13.29 25.44
C GLN A 232 -15.31 14.52 26.33
N GLN A 233 -15.21 14.34 27.64
CA GLN A 233 -15.48 15.44 28.61
C GLN A 233 -14.45 16.56 28.38
N ALA A 234 -13.22 16.21 28.02
CA ALA A 234 -12.12 17.19 27.76
C ALA A 234 -12.39 17.94 26.47
N LYS A 235 -12.97 17.27 25.46
CA LYS A 235 -13.30 17.89 24.16
C LYS A 235 -14.32 18.99 24.44
N GLU A 236 -15.35 18.64 25.21
CA GLU A 236 -16.57 19.48 25.44
C GLU A 236 -16.21 20.61 26.41
N SER A 237 -15.59 20.26 27.55
CA SER A 237 -15.38 21.15 28.71
C SER A 237 -14.33 22.23 28.39
N LYS A 238 -14.31 23.29 29.21
CA LYS A 238 -13.42 24.46 29.07
C LYS A 238 -13.18 25.08 30.45
N TYR A 239 -11.98 25.60 30.71
CA TYR A 239 -11.69 26.36 31.95
C TYR A 239 -11.97 27.82 31.64
N ILE A 240 -12.93 28.42 32.34
CA ILE A 240 -13.34 29.83 32.10
C ILE A 240 -12.96 30.71 33.29
N MET A 241 -12.38 31.87 33.01
CA MET A 241 -12.01 32.87 34.04
C MET A 241 -12.68 34.18 33.64
N LEU A 242 -13.38 34.85 34.56
CA LEU A 242 -14.02 36.16 34.26
C LEU A 242 -14.14 37.02 35.51
N HIS A 243 -14.35 38.32 35.27
CA HIS A 243 -14.81 39.34 36.24
C HIS A 243 -16.31 39.60 36.02
N VAL A 246 -19.66 41.99 40.89
CA VAL A 246 -19.70 41.06 42.06
C VAL A 246 -21.12 40.47 42.17
N GLU A 247 -22.12 41.32 41.88
CA GLU A 247 -23.55 40.98 41.78
C GLU A 247 -23.77 40.23 40.45
N LYS A 248 -24.80 39.38 40.40
CA LYS A 248 -25.31 38.66 39.20
C LYS A 248 -24.63 37.29 39.10
N LEU A 249 -23.91 36.89 40.15
CA LEU A 249 -23.11 35.64 40.20
C LEU A 249 -24.00 34.42 39.97
N ALA A 250 -25.08 34.24 40.74
CA ALA A 250 -26.02 33.09 40.66
C ALA A 250 -26.57 32.93 39.24
N GLN A 251 -26.95 34.05 38.61
CA GLN A 251 -27.43 34.12 37.20
C GLN A 251 -26.34 33.60 36.23
N ILE A 252 -25.08 34.06 36.41
CA ILE A 252 -23.90 33.67 35.58
C ILE A 252 -23.70 32.16 35.72
N LYS A 253 -23.69 31.66 36.96
CA LYS A 253 -23.59 30.22 37.30
C LYS A 253 -24.58 29.44 36.42
N THR A 254 -25.85 29.85 36.40
CA THR A 254 -26.93 29.18 35.62
C THR A 254 -26.53 29.18 34.13
N LEU A 255 -26.02 30.31 33.61
CA LEU A 255 -25.72 30.51 32.15
C LEU A 255 -24.58 29.60 31.68
N LEU A 256 -23.66 29.24 32.60
CA LEU A 256 -22.50 28.32 32.38
C LEU A 256 -22.71 27.03 33.17
N PRO A 257 -23.41 26.00 32.62
CA PRO A 257 -23.52 24.72 33.31
C PRO A 257 -22.17 24.01 33.18
N ALA A 259 -20.71 21.17 36.14
CA ALA A 259 -20.96 20.11 37.15
C ALA A 259 -20.12 20.31 38.42
N GLU A 260 -20.14 21.51 39.03
CA GLU A 260 -19.32 21.90 40.21
C GLU A 260 -19.65 23.36 40.56
N ASP A 261 -19.37 23.79 41.80
CA ASP A 261 -19.49 25.22 42.17
C ASP A 261 -18.32 25.93 41.49
N PRO A 262 -18.54 27.14 40.94
CA PRO A 262 -17.44 28.06 40.62
C PRO A 262 -16.68 28.50 41.89
N THR A 263 -15.35 28.49 41.90
CA THR A 263 -14.57 29.08 43.03
C THR A 263 -14.70 30.61 42.89
N VAL A 264 -15.05 31.28 43.99
CA VAL A 264 -15.38 32.74 44.03
C VAL A 264 -14.08 33.55 44.19
N LEU A 265 -13.81 34.45 43.24
CA LEU A 265 -12.48 35.09 43.06
C LEU A 265 -12.18 35.98 44.27
N PRO A 266 -10.89 36.13 44.64
CA PRO A 266 -10.49 37.10 45.67
C PRO A 266 -10.62 38.58 45.28
N LEU A 267 -10.16 39.00 44.10
CA LEU A 267 -10.13 40.42 43.67
C LEU A 267 -11.52 40.84 43.13
N LYS A 271 -16.98 43.35 45.78
CA LYS A 271 -16.06 44.46 45.37
C LYS A 271 -16.37 44.86 43.92
N SER A 272 -15.43 45.58 43.27
CA SER A 272 -15.32 45.77 41.80
C SER A 272 -15.41 44.41 41.08
N LYS A 273 -14.47 43.50 41.36
CA LYS A 273 -14.21 42.24 40.62
C LYS A 273 -15.01 41.07 41.18
N VAL A 274 -14.89 39.93 40.48
CA VAL A 274 -15.38 38.57 40.85
C VAL A 274 -16.51 38.68 41.89
N VAL A 276 -13.89 35.16 38.99
CA VAL A 276 -14.58 33.83 39.04
C VAL A 276 -13.84 32.87 38.10
N HIS A 277 -13.51 31.68 38.61
CA HIS A 277 -12.83 30.57 37.92
C HIS A 277 -13.80 29.41 37.89
N MET A 278 -13.98 28.71 36.77
CA MET A 278 -14.85 27.50 36.76
C MET A 278 -14.69 26.69 35.48
N VAL A 279 -15.25 25.48 35.48
CA VAL A 279 -15.22 24.53 34.33
C VAL A 279 -16.64 24.42 33.76
N SER A 280 -16.85 24.78 32.49
CA SER A 280 -18.14 24.52 31.79
C SER A 280 -18.17 23.06 31.37
N SER A 281 -19.37 22.48 31.25
CA SER A 281 -19.62 21.10 30.74
C SER A 281 -19.77 21.13 29.21
N GLU A 282 -20.16 22.27 28.65
CA GLU A 282 -20.39 22.50 27.19
C GLU A 282 -19.36 23.49 26.67
N ASN A 283 -19.18 23.57 25.35
CA ASN A 283 -18.44 24.66 24.68
C ASN A 283 -19.12 26.01 24.97
N LEU A 284 -18.33 27.03 25.27
CA LEU A 284 -18.81 28.44 25.26
C LEU A 284 -19.05 28.87 23.83
N PHE A 285 -20.29 29.22 23.47
CA PHE A 285 -20.63 29.79 22.15
C PHE A 285 -20.59 31.32 22.24
N TRP A 286 -20.49 31.95 21.09
CA TRP A 286 -20.38 33.43 20.97
C TRP A 286 -21.57 34.09 21.67
N GLU A 287 -22.76 33.54 21.41
CA GLU A 287 -24.08 33.97 21.94
C GLU A 287 -23.97 34.07 23.48
N THR A 288 -23.41 33.02 24.10
CA THR A 288 -23.22 32.91 25.56
C THR A 288 -22.23 33.98 26.03
N MET A 289 -21.08 34.10 25.33
CA MET A 289 -20.06 35.12 25.66
C MET A 289 -20.71 36.50 25.62
N GLU A 290 -21.58 36.75 24.63
CA GLU A 290 -22.24 38.05 24.38
C GLU A 290 -23.24 38.30 25.53
N GLN A 291 -24.00 37.27 25.91
CA GLN A 291 -24.89 37.28 27.11
C GLN A 291 -24.10 37.73 28.34
N LEU A 292 -22.90 37.20 28.53
CA LEU A 292 -22.06 37.51 29.72
C LEU A 292 -21.63 38.98 29.69
N LYS A 293 -21.18 39.52 28.55
CA LYS A 293 -20.76 40.94 28.47
C LYS A 293 -21.98 41.80 28.83
N ALA A 294 -23.15 41.44 28.30
CA ALA A 294 -24.47 42.07 28.55
C ALA A 294 -24.81 42.13 30.05
N LEU A 295 -24.49 41.09 30.84
CA LEU A 295 -24.64 41.11 32.32
C LEU A 295 -23.63 42.11 32.92
N ALA A 297 -20.19 41.46 32.75
CA ALA A 297 -18.96 40.67 33.02
C ALA A 297 -17.87 41.13 32.06
N SER A 298 -16.62 41.01 32.48
CA SER A 298 -15.45 41.44 31.68
C SER A 298 -14.29 40.44 31.80
N SER A 299 -13.33 40.54 30.89
CA SER A 299 -12.10 39.70 30.83
C SER A 299 -12.54 38.24 30.84
N ILE A 300 -13.41 37.88 29.90
CA ILE A 300 -13.93 36.49 29.73
C ILE A 300 -12.84 35.74 28.96
N LEU A 301 -12.21 34.76 29.62
CA LEU A 301 -11.20 33.86 29.00
C LEU A 301 -11.75 32.44 28.98
N VAL A 302 -11.40 31.71 27.92
CA VAL A 302 -11.68 30.26 27.81
C VAL A 302 -10.38 29.58 27.46
N LEU A 303 -9.87 28.73 28.35
CA LEU A 303 -8.67 27.91 28.07
C LEU A 303 -9.14 26.50 27.75
N PRO A 304 -8.41 25.79 26.90
CA PRO A 304 -8.69 24.39 26.63
C PRO A 304 -8.28 23.49 27.78
N ILE A 305 -8.84 22.29 27.78
CA ILE A 305 -8.56 21.19 28.72
C ILE A 305 -8.12 19.99 27.89
N GLU A 306 -6.85 19.59 28.06
CA GLU A 306 -6.19 18.53 27.27
C GLU A 306 -6.73 17.16 27.68
N LYS A 307 -7.02 17.00 28.95
CA LYS A 307 -7.27 15.68 29.57
C LYS A 307 -8.02 15.92 30.88
N MET A 308 -8.92 15.02 31.25
CA MET A 308 -9.62 15.15 32.54
C MET A 308 -10.27 13.82 32.92
N MET A 309 -10.73 13.79 34.18
CA MET A 309 -11.42 12.68 34.85
C MET A 309 -12.10 13.26 36.10
N GLU A 310 -13.43 13.44 36.03
CA GLU A 310 -14.24 14.26 36.97
C GLU A 310 -14.10 13.64 38.36
N GLN B 16 -46.60 -40.07 14.99
CA GLN B 16 -46.86 -40.65 13.63
C GLN B 16 -47.49 -39.61 12.70
N ARG B 17 -48.66 -39.08 13.05
CA ARG B 17 -49.33 -38.01 12.26
C ARG B 17 -48.77 -36.64 12.69
N LEU B 18 -48.93 -35.65 11.80
CA LEU B 18 -48.33 -34.29 11.92
C LEU B 18 -49.05 -33.51 13.00
N ARG B 19 -48.38 -33.03 14.03
CA ARG B 19 -49.11 -32.41 15.17
C ARG B 19 -48.84 -30.89 15.10
N ILE B 20 -49.90 -30.08 15.07
CA ILE B 20 -49.85 -28.59 14.89
C ILE B 20 -50.50 -27.91 16.09
N ALA B 21 -49.80 -26.98 16.75
CA ALA B 21 -50.34 -26.32 17.94
C ALA B 21 -50.81 -24.93 17.54
N ILE B 22 -52.05 -24.61 17.88
CA ILE B 22 -52.65 -23.28 17.62
C ILE B 22 -53.28 -22.82 18.93
N GLN B 23 -53.25 -21.52 19.16
CA GLN B 23 -53.92 -20.92 20.34
C GLN B 23 -55.38 -21.35 20.34
N LYS B 24 -55.92 -21.78 21.49
CA LYS B 24 -57.27 -22.36 21.61
C LYS B 24 -58.30 -21.29 21.28
N LYS B 25 -58.34 -20.18 22.02
CA LYS B 25 -59.35 -19.11 21.79
C LYS B 25 -58.61 -17.78 21.81
N GLY B 26 -58.97 -16.86 20.89
CA GLY B 26 -58.29 -15.59 20.59
C GLY B 26 -58.39 -15.23 19.11
N ARG B 27 -58.16 -13.96 18.74
CA ARG B 27 -58.25 -13.49 17.32
C ARG B 27 -57.30 -14.36 16.50
N LEU B 28 -56.08 -14.61 17.02
CA LEU B 28 -55.04 -15.48 16.42
C LEU B 28 -55.60 -16.89 16.13
N SER B 29 -56.49 -17.41 16.95
CA SER B 29 -57.07 -18.75 16.69
C SER B 29 -57.84 -18.79 15.36
N GLN B 30 -58.89 -17.99 15.21
CA GLN B 30 -59.77 -17.95 14.00
C GLN B 30 -58.86 -17.83 12.75
N GLU B 31 -57.93 -16.87 12.72
CA GLU B 31 -57.10 -16.59 11.52
C GLU B 31 -56.27 -17.84 11.17
N CYS B 32 -55.87 -18.63 12.17
CA CYS B 32 -55.04 -19.85 11.95
C CYS B 32 -55.93 -20.99 11.43
N GLN B 33 -57.07 -21.20 12.05
CA GLN B 33 -58.03 -22.24 11.60
C GLN B 33 -58.45 -21.88 10.17
N GLU B 34 -58.83 -20.63 9.93
CA GLU B 34 -59.22 -20.15 8.58
C GLU B 34 -58.17 -20.55 7.56
N LEU B 35 -56.88 -20.34 7.86
CA LEU B 35 -55.80 -20.57 6.87
C LEU B 35 -55.65 -22.07 6.60
N LEU B 36 -55.69 -22.90 7.62
CA LEU B 36 -55.60 -24.39 7.44
C LEU B 36 -56.75 -24.85 6.51
N LYS B 37 -57.95 -24.29 6.68
CA LYS B 37 -59.14 -24.66 5.85
C LYS B 37 -58.93 -24.13 4.43
N LYS B 38 -58.49 -22.88 4.26
CA LYS B 38 -58.19 -22.31 2.92
C LYS B 38 -57.11 -23.16 2.24
N CYS B 39 -56.35 -23.97 2.98
CA CYS B 39 -55.28 -24.84 2.43
C CYS B 39 -55.82 -26.26 2.25
N GLY B 40 -57.14 -26.44 2.41
CA GLY B 40 -57.81 -27.71 2.11
C GLY B 40 -57.68 -28.72 3.23
N VAL B 41 -57.39 -28.27 4.45
CA VAL B 41 -57.43 -29.14 5.65
C VAL B 41 -58.85 -29.06 6.21
N LYS B 42 -59.56 -30.18 6.16
CA LYS B 42 -60.94 -30.32 6.68
C LYS B 42 -60.83 -30.80 8.13
N PHE B 43 -61.65 -30.21 9.02
CA PHE B 43 -61.84 -30.56 10.44
C PHE B 43 -63.02 -29.72 10.98
N ASN B 44 -63.74 -30.20 11.99
CA ASN B 44 -64.75 -29.42 12.76
C ASN B 44 -64.37 -29.44 14.24
N ILE B 45 -64.40 -28.28 14.90
CA ILE B 45 -64.19 -28.17 16.38
C ILE B 45 -65.49 -28.62 17.05
N MET B 46 -65.47 -29.74 17.79
CA MET B 46 -66.61 -30.25 18.60
C MET B 46 -66.50 -29.64 20.00
N GLY B 47 -66.93 -28.37 20.14
CA GLY B 47 -66.89 -27.60 21.40
C GLY B 47 -65.49 -27.55 22.00
N GLU B 48 -65.39 -27.81 23.30
CA GLU B 48 -64.16 -27.60 24.12
C GLU B 48 -63.28 -28.85 24.07
N ARG B 49 -63.41 -29.69 23.04
CA ARG B 49 -62.44 -30.78 22.70
C ARG B 49 -61.16 -30.13 22.13
N LEU B 50 -60.00 -30.51 22.67
CA LEU B 50 -58.75 -29.74 22.45
C LEU B 50 -57.78 -30.48 21.54
N VAL B 51 -57.81 -31.81 21.48
CA VAL B 51 -57.08 -32.55 20.41
C VAL B 51 -58.09 -32.82 19.31
N VAL B 52 -57.83 -32.31 18.10
CA VAL B 52 -58.76 -32.25 16.95
C VAL B 52 -58.11 -32.99 15.78
N HIS B 53 -58.77 -34.01 15.22
CA HIS B 53 -58.23 -34.81 14.09
C HIS B 53 -58.74 -34.22 12.77
N SER B 54 -57.87 -34.01 11.78
CA SER B 54 -58.29 -33.64 10.40
C SER B 54 -59.03 -34.83 9.80
N LEU B 55 -60.13 -34.58 9.10
CA LEU B 55 -60.95 -35.60 8.40
C LEU B 55 -60.15 -36.18 7.22
N ASN B 56 -59.49 -35.33 6.43
CA ASN B 56 -59.01 -35.71 5.08
C ASN B 56 -57.48 -35.72 4.99
N MET B 57 -56.76 -35.41 6.07
CA MET B 57 -55.28 -35.34 6.06
C MET B 57 -54.73 -35.93 7.35
N PRO B 58 -53.53 -36.55 7.32
CA PRO B 58 -52.92 -37.15 8.53
C PRO B 58 -52.33 -36.08 9.48
N ILE B 59 -53.21 -35.23 10.01
CA ILE B 59 -52.86 -33.99 10.75
C ILE B 59 -53.71 -33.91 12.01
N ASP B 60 -53.06 -33.73 13.16
CA ASP B 60 -53.72 -33.45 14.46
C ASP B 60 -53.46 -31.97 14.83
N LEU B 61 -54.50 -31.32 15.34
CA LEU B 61 -54.46 -29.95 15.87
C LEU B 61 -54.50 -30.05 17.38
N LEU B 62 -53.68 -29.28 18.07
CA LEU B 62 -53.76 -29.11 19.54
C LEU B 62 -54.12 -27.66 19.81
N LEU B 63 -55.19 -27.46 20.56
CA LEU B 63 -55.69 -26.14 20.97
C LEU B 63 -55.15 -25.86 22.37
N VAL B 64 -54.09 -25.07 22.44
CA VAL B 64 -53.30 -24.87 23.69
C VAL B 64 -53.26 -23.37 23.97
N ARG B 65 -52.83 -22.94 25.16
CA ARG B 65 -52.52 -21.53 25.48
C ARG B 65 -51.30 -21.08 24.65
N ASP B 66 -51.40 -19.88 24.09
CA ASP B 66 -50.37 -19.28 23.20
C ASP B 66 -49.00 -19.32 23.91
N ASP B 67 -48.96 -19.03 25.21
CA ASP B 67 -47.70 -18.87 25.99
C ASP B 67 -46.89 -20.17 26.00
N ASP B 68 -47.56 -21.32 25.83
CA ASP B 68 -46.93 -22.66 25.95
C ASP B 68 -46.42 -23.14 24.60
N ILE B 69 -46.77 -22.46 23.50
CA ILE B 69 -46.53 -23.00 22.14
C ILE B 69 -45.02 -23.05 21.83
N PRO B 70 -44.25 -22.01 22.17
CA PRO B 70 -42.83 -22.04 21.88
C PRO B 70 -42.19 -23.19 22.68
N GLY B 71 -42.48 -23.22 23.99
CA GLY B 71 -42.19 -24.35 24.88
C GLY B 71 -42.45 -25.71 24.22
N LEU B 72 -43.65 -25.96 23.70
CA LEU B 72 -43.98 -27.28 23.11
C LEU B 72 -43.13 -27.56 21.87
N ILE B 73 -42.91 -26.54 21.04
CA ILE B 73 -42.17 -26.71 19.76
C ILE B 73 -40.71 -27.03 20.09
N MET B 74 -40.20 -26.37 21.14
CA MET B 74 -38.76 -26.38 21.52
C MET B 74 -38.46 -27.75 22.18
N ASP B 75 -39.45 -28.32 22.86
CA ASP B 75 -39.38 -29.67 23.49
C ASP B 75 -39.85 -30.76 22.51
N GLY B 76 -39.90 -30.51 21.20
CA GLY B 76 -40.23 -31.53 20.17
C GLY B 76 -41.60 -32.19 20.31
N VAL B 77 -42.42 -31.79 21.29
CA VAL B 77 -43.68 -32.53 21.60
C VAL B 77 -44.72 -32.30 20.48
N VAL B 78 -44.59 -31.22 19.73
CA VAL B 78 -45.47 -30.94 18.54
C VAL B 78 -44.52 -30.64 17.38
N ASP B 79 -45.05 -30.62 16.16
CA ASP B 79 -44.20 -30.52 14.94
C ASP B 79 -44.21 -29.06 14.47
N LEU B 80 -45.40 -28.46 14.37
CA LEU B 80 -45.57 -27.06 13.91
C LEU B 80 -46.33 -26.27 14.97
N GLY B 81 -46.18 -24.96 14.94
CA GLY B 81 -46.81 -24.07 15.92
C GLY B 81 -47.03 -22.69 15.36
N PHE B 82 -48.24 -22.16 15.57
CA PHE B 82 -48.62 -20.78 15.20
C PHE B 82 -48.62 -19.92 16.45
N VAL B 83 -47.91 -18.81 16.44
CA VAL B 83 -47.67 -18.06 17.71
C VAL B 83 -47.16 -16.65 17.41
N GLY B 84 -47.52 -15.72 18.30
CA GLY B 84 -46.95 -14.36 18.24
C GLY B 84 -45.43 -14.36 18.36
N GLU B 85 -44.76 -13.71 17.40
CA GLU B 85 -43.33 -13.30 17.49
C GLU B 85 -43.02 -12.77 18.89
N ASN B 86 -43.92 -12.01 19.53
CA ASN B 86 -43.66 -11.48 20.89
C ASN B 86 -43.58 -12.64 21.91
N VAL B 87 -44.53 -13.56 21.97
CA VAL B 87 -44.45 -14.62 23.03
C VAL B 87 -43.30 -15.57 22.70
N LEU B 88 -42.97 -15.75 21.43
CA LEU B 88 -41.87 -16.65 21.02
C LEU B 88 -40.57 -16.08 21.58
N GLU B 89 -40.29 -14.81 21.34
CA GLU B 89 -39.00 -14.19 21.72
C GLU B 89 -38.95 -14.09 23.26
N GLU B 90 -40.06 -13.72 23.91
CA GLU B 90 -40.07 -13.69 25.39
C GLU B 90 -39.74 -15.09 25.89
N THR B 91 -40.27 -16.17 25.33
CA THR B 91 -40.02 -17.50 25.97
C THR B 91 -38.60 -17.95 25.65
N ARG B 92 -38.11 -17.69 24.44
CA ARG B 92 -36.69 -17.97 24.06
C ARG B 92 -35.73 -17.36 25.08
N LEU B 93 -35.91 -16.08 25.40
CA LEU B 93 -35.11 -15.37 26.41
C LEU B 93 -35.35 -15.97 27.80
N ASP B 94 -36.59 -16.16 28.29
CA ASP B 94 -36.86 -16.79 29.62
C ASP B 94 -36.07 -18.08 29.68
N ARG B 95 -36.00 -18.82 28.58
CA ARG B 95 -35.34 -20.15 28.57
C ARG B 95 -33.80 -20.01 28.52
N LEU B 96 -33.28 -19.18 27.65
CA LEU B 96 -31.81 -18.95 27.56
C LEU B 96 -31.31 -18.54 28.95
N ALA B 97 -32.13 -17.87 29.76
CA ALA B 97 -31.78 -17.48 31.14
C ALA B 97 -31.74 -18.68 32.10
N LEU B 98 -32.25 -19.87 31.70
CA LEU B 98 -32.29 -21.12 32.53
C LEU B 98 -31.59 -22.26 31.77
N ASN B 99 -30.76 -21.94 30.79
CA ASN B 99 -29.98 -22.87 29.93
C ASN B 99 -30.86 -24.01 29.36
N GLN B 100 -32.19 -23.81 29.32
CA GLN B 100 -33.16 -24.73 28.68
C GLN B 100 -33.06 -24.60 27.14
N ARG B 101 -33.34 -25.72 26.43
CA ARG B 101 -33.35 -25.79 24.95
C ARG B 101 -34.34 -24.73 24.45
N ASN B 102 -33.87 -23.94 23.50
CA ASN B 102 -34.58 -22.75 22.96
C ASN B 102 -34.38 -22.71 21.43
N GLU B 103 -34.06 -23.85 20.84
CA GLU B 103 -33.77 -23.98 19.40
C GLU B 103 -35.04 -24.46 18.69
N PHE B 104 -35.26 -23.91 17.51
CA PHE B 104 -36.43 -24.19 16.62
C PHE B 104 -36.13 -23.60 15.25
N THR B 105 -36.94 -23.95 14.26
CA THR B 105 -36.81 -23.45 12.88
C THR B 105 -38.05 -22.61 12.56
N THR B 106 -37.85 -21.40 12.04
CA THR B 106 -38.97 -20.52 11.58
C THR B 106 -39.27 -20.83 10.11
N LEU B 107 -40.52 -21.21 9.81
CA LEU B 107 -40.91 -21.62 8.44
C LEU B 107 -41.41 -20.41 7.66
N ARG B 108 -42.20 -19.53 8.25
CA ARG B 108 -42.91 -18.45 7.49
C ARG B 108 -43.47 -17.40 8.44
N ARG B 109 -43.37 -16.11 8.05
CA ARG B 109 -43.99 -15.01 8.82
C ARG B 109 -45.41 -14.80 8.31
N MET B 110 -46.42 -14.74 9.19
CA MET B 110 -47.83 -14.55 8.78
C MET B 110 -48.07 -13.07 8.48
N ASP B 111 -49.09 -12.79 7.66
CA ASP B 111 -49.62 -11.43 7.42
C ASP B 111 -50.81 -11.23 8.36
N PHE B 112 -50.72 -11.66 9.63
CA PHE B 112 -51.74 -11.42 10.69
C PHE B 112 -51.13 -11.52 12.10
N GLY B 113 -51.90 -11.20 13.15
CA GLY B 113 -51.48 -11.28 14.57
C GLY B 113 -50.64 -10.08 14.97
N GLY B 114 -50.68 -9.03 14.15
CA GLY B 114 -50.04 -7.72 14.44
C GLY B 114 -50.39 -7.22 15.81
N CYS B 115 -49.43 -6.66 16.50
CA CYS B 115 -49.59 -5.96 17.80
C CYS B 115 -48.21 -5.45 18.18
N ARG B 116 -48.15 -4.58 19.18
CA ARG B 116 -46.87 -3.93 19.50
C ARG B 116 -46.80 -3.70 21.00
N LEU B 117 -45.63 -3.99 21.53
CA LEU B 117 -45.29 -3.73 22.93
C LEU B 117 -44.75 -2.31 22.95
N SER B 118 -45.32 -1.44 23.77
CA SER B 118 -44.93 0.00 23.83
C SER B 118 -44.72 0.45 25.27
N ILE B 119 -43.80 1.37 25.48
CA ILE B 119 -43.66 2.00 26.82
C ILE B 119 -44.70 3.09 26.90
N ALA B 120 -45.37 3.22 28.05
CA ALA B 120 -46.32 4.33 28.34
C ALA B 120 -45.99 4.98 29.68
N ILE B 121 -46.10 6.31 29.79
CA ILE B 121 -45.86 7.05 31.07
C ILE B 121 -47.05 7.96 31.32
N GLU B 122 -47.11 8.64 32.48
CA GLU B 122 -48.18 9.60 32.87
C GLU B 122 -48.18 10.83 31.92
N LYS B 123 -49.39 11.32 31.56
CA LYS B 123 -49.60 12.46 30.63
C LYS B 123 -48.70 13.63 31.07
N ASP B 124 -48.80 14.05 32.33
CA ASP B 124 -48.09 15.22 32.92
C ASP B 124 -46.57 14.96 33.02
N GLU B 126 -43.22 14.66 31.49
CA GLU B 126 -42.20 15.14 30.50
C GLU B 126 -41.32 13.96 30.06
N TYR B 127 -41.19 13.70 28.76
CA TYR B 127 -40.37 12.58 28.18
C TYR B 127 -39.70 13.10 26.90
N ARG B 128 -38.39 13.35 26.98
CA ARG B 128 -37.59 13.84 25.84
C ARG B 128 -37.07 12.61 25.06
N GLY B 129 -36.97 11.45 25.70
CA GLY B 129 -36.51 10.17 25.08
C GLY B 129 -36.17 9.08 26.11
N PRO B 130 -35.77 7.86 25.67
CA PRO B 130 -35.52 6.73 26.57
C PRO B 130 -34.69 7.01 27.81
N GLN B 131 -33.70 7.87 27.68
CA GLN B 131 -32.78 8.21 28.81
C GLN B 131 -33.58 8.76 29.99
N ASP B 132 -34.77 9.33 29.75
CA ASP B 132 -35.68 9.87 30.79
C ASP B 132 -36.28 8.74 31.64
N LEU B 133 -36.04 7.47 31.29
CA LEU B 133 -36.53 6.29 32.07
C LEU B 133 -35.47 5.81 33.06
N ASN B 134 -34.21 6.20 32.85
CA ASN B 134 -33.09 5.80 33.71
C ASN B 134 -33.54 5.94 35.15
N GLY B 135 -33.60 4.83 35.88
CA GLY B 135 -33.83 4.80 37.33
C GLY B 135 -35.29 4.68 37.72
N LYS B 136 -36.19 4.76 36.73
CA LYS B 136 -37.64 4.64 36.98
C LYS B 136 -38.00 3.15 37.08
N ARG B 137 -39.03 2.83 37.85
CA ARG B 137 -39.66 1.48 37.98
C ARG B 137 -40.65 1.32 36.83
N ILE B 138 -40.67 0.18 36.15
CA ILE B 138 -41.53 -0.07 34.95
C ILE B 138 -42.30 -1.38 35.09
N ALA B 139 -43.62 -1.39 34.91
CA ALA B 139 -44.45 -2.61 35.02
C ALA B 139 -44.66 -3.23 33.64
N THR B 140 -44.66 -4.56 33.54
CA THR B 140 -44.87 -5.26 32.25
C THR B 140 -45.21 -6.73 32.45
N THR B 141 -45.85 -7.31 31.44
CA THR B 141 -46.11 -8.75 31.32
C THR B 141 -45.02 -9.38 30.48
N TYR B 142 -44.06 -8.61 30.01
CA TYR B 142 -43.00 -9.09 29.07
C TYR B 142 -41.66 -8.63 29.61
N PRO B 143 -41.28 -9.14 30.78
CA PRO B 143 -40.09 -8.66 31.47
C PRO B 143 -38.84 -8.86 30.64
N GLN B 144 -38.78 -9.95 29.87
CA GLN B 144 -37.57 -10.25 29.08
C GLN B 144 -37.41 -9.23 27.95
N LEU B 145 -38.47 -8.96 27.20
CA LEU B 145 -38.46 -8.06 26.03
C LEU B 145 -38.18 -6.65 26.51
N LEU B 146 -38.65 -6.30 27.70
CA LEU B 146 -38.38 -4.99 28.34
C LEU B 146 -36.89 -4.92 28.63
N LYS B 147 -36.30 -5.93 29.25
CA LYS B 147 -34.83 -5.96 29.53
C LYS B 147 -34.05 -5.79 28.21
N ALA B 148 -34.37 -6.60 27.21
CA ALA B 148 -33.73 -6.52 25.87
C ALA B 148 -33.78 -5.07 25.37
N TYR B 149 -34.91 -4.40 25.45
CA TYR B 149 -35.08 -2.98 25.02
C TYR B 149 -34.16 -2.07 25.84
N MET B 150 -34.21 -2.16 27.15
CA MET B 150 -33.46 -1.22 28.02
C MET B 150 -31.95 -1.46 27.87
N ASP B 151 -31.53 -2.71 27.63
CA ASP B 151 -30.09 -3.02 27.42
C ASP B 151 -29.64 -2.31 26.14
N ARG B 152 -30.50 -2.34 25.12
CA ARG B 152 -30.22 -1.81 23.78
C ARG B 152 -30.07 -0.30 23.87
N GLN B 153 -30.79 0.35 24.77
CA GLN B 153 -30.75 1.84 24.94
C GLN B 153 -29.73 2.23 26.02
N GLY B 154 -29.16 1.23 26.68
CA GLY B 154 -28.18 1.39 27.76
C GLY B 154 -28.74 2.16 28.95
N VAL B 155 -29.94 1.82 29.41
CA VAL B 155 -30.64 2.56 30.51
C VAL B 155 -30.94 1.57 31.63
N ASP B 156 -30.78 1.95 32.89
CA ASP B 156 -31.13 1.10 34.06
C ASP B 156 -32.53 1.47 34.53
N PHE B 157 -33.28 0.50 35.07
CA PHE B 157 -34.68 0.63 35.53
C PHE B 157 -34.96 -0.46 36.56
N SER B 158 -35.99 -0.31 37.40
CA SER B 158 -36.55 -1.37 38.29
C SER B 158 -37.69 -2.05 37.53
N THR B 159 -38.11 -3.25 37.89
CA THR B 159 -39.29 -3.93 37.27
C THR B 159 -40.44 -4.05 38.30
N CYS B 160 -41.64 -4.25 37.76
CA CYS B 160 -42.80 -4.78 38.48
C CYS B 160 -43.47 -5.76 37.53
N MET B 161 -43.24 -7.07 37.75
CA MET B 161 -43.87 -8.14 36.93
C MET B 161 -45.32 -8.35 37.42
N LEU B 162 -46.27 -8.20 36.51
CA LEU B 162 -47.70 -8.56 36.68
C LEU B 162 -48.13 -9.33 35.44
N THR B 163 -49.10 -10.22 35.60
CA THR B 163 -49.58 -11.16 34.55
C THR B 163 -50.61 -10.41 33.71
N GLY B 164 -51.05 -9.23 34.18
CA GLY B 164 -52.12 -8.42 33.55
C GLY B 164 -52.40 -7.10 34.29
N SER B 165 -53.35 -6.33 33.75
CA SER B 165 -53.86 -5.06 34.34
C SER B 165 -52.67 -4.14 34.61
N VAL B 166 -51.72 -4.15 33.68
CA VAL B 166 -50.41 -3.43 33.82
C VAL B 166 -50.69 -1.95 34.06
N GLU B 167 -51.73 -1.43 33.37
CA GLU B 167 -52.04 0.02 33.28
C GLU B 167 -52.38 0.59 34.65
N VAL B 168 -52.65 -0.27 35.64
CA VAL B 168 -52.89 0.12 37.06
C VAL B 168 -51.67 0.82 37.67
N ALA B 169 -50.45 0.47 37.24
CA ALA B 169 -49.27 0.59 38.13
C ALA B 169 -48.93 2.06 38.49
N PRO B 170 -48.91 2.98 37.49
CA PRO B 170 -48.54 4.37 37.70
C PRO B 170 -49.49 5.14 38.63
N ARG B 171 -50.79 5.15 38.29
CA ARG B 171 -51.87 5.81 39.08
C ARG B 171 -51.84 5.23 40.51
N ALA B 172 -51.43 3.98 40.69
CA ALA B 172 -51.48 3.28 42.00
C ALA B 172 -50.22 3.54 42.81
N GLY B 173 -49.22 4.19 42.18
CA GLY B 173 -47.91 4.47 42.80
C GLY B 173 -47.11 3.21 43.00
N LEU B 174 -47.18 2.29 42.03
CA LEU B 174 -46.47 0.99 41.99
C LEU B 174 -45.22 1.09 41.10
N ALA B 175 -45.22 2.09 40.21
CA ALA B 175 -44.31 2.19 39.06
C ALA B 175 -44.45 3.53 38.36
N ASP B 176 -43.37 3.98 37.76
CA ASP B 176 -43.28 5.29 37.06
C ASP B 176 -43.85 5.10 35.65
N ALA B 177 -43.75 3.90 35.07
CA ALA B 177 -44.13 3.66 33.66
C ALA B 177 -44.49 2.21 33.48
N ILE B 178 -44.94 1.86 32.27
CA ILE B 178 -45.37 0.48 31.95
C ILE B 178 -44.93 0.15 30.53
N ALA B 179 -44.93 -1.12 30.20
CA ALA B 179 -44.70 -1.64 28.84
C ALA B 179 -45.79 -2.65 28.56
N ASP B 180 -46.76 -2.29 27.71
CA ASP B 180 -47.92 -3.17 27.44
C ASP B 180 -48.13 -3.38 25.95
N LEU B 181 -48.91 -4.41 25.62
CA LEU B 181 -49.49 -4.54 24.25
C LEU B 181 -50.48 -3.40 24.04
N VAL B 182 -50.59 -2.93 22.81
CA VAL B 182 -51.40 -1.73 22.46
C VAL B 182 -51.91 -1.92 21.02
N SER B 183 -53.05 -1.28 20.74
CA SER B 183 -53.83 -1.30 19.47
C SER B 183 -54.59 0.04 19.38
N THR B 184 -55.48 0.28 20.36
CA THR B 184 -56.07 1.59 20.71
C THR B 184 -55.32 2.15 21.93
N GLY B 185 -55.45 3.48 22.17
CA GLY B 185 -54.87 4.18 23.34
C GLY B 185 -55.84 4.27 24.53
N ALA B 186 -56.98 3.58 24.40
CA ALA B 186 -58.18 3.75 25.24
C ALA B 186 -57.77 3.56 26.70
N THR B 187 -57.22 2.38 27.00
CA THR B 187 -56.84 1.96 28.37
C THR B 187 -55.86 3.00 28.95
N LEU B 188 -54.98 3.53 28.08
CA LEU B 188 -53.90 4.47 28.49
C LEU B 188 -54.54 5.77 28.97
N GLU B 189 -55.35 6.41 28.10
CA GLU B 189 -56.10 7.66 28.40
C GLU B 189 -56.90 7.44 29.69
N ALA B 190 -57.66 6.34 29.78
CA ALA B 190 -58.51 5.99 30.94
C ALA B 190 -57.69 6.04 32.24
N ASN B 191 -56.38 5.75 32.16
CA ASN B 191 -55.55 5.50 33.36
C ASN B 191 -54.49 6.59 33.49
N GLY B 192 -54.54 7.60 32.64
CA GLY B 192 -53.76 8.83 32.77
C GLY B 192 -52.39 8.72 32.12
N LEU B 193 -52.28 7.93 31.06
CA LEU B 193 -50.98 7.55 30.43
C LEU B 193 -51.01 7.90 28.94
N LYS B 194 -49.82 7.96 28.31
CA LYS B 194 -49.64 8.12 26.84
C LYS B 194 -48.60 7.11 26.35
N GLU B 195 -48.84 6.40 25.24
CA GLU B 195 -47.81 5.59 24.55
C GLU B 195 -46.71 6.57 24.14
N VAL B 196 -45.42 6.26 24.33
CA VAL B 196 -44.33 7.20 23.97
C VAL B 196 -43.22 6.46 23.22
N GLU B 197 -43.32 5.13 23.03
CA GLU B 197 -42.16 4.36 22.51
C GLU B 197 -42.48 2.88 22.21
N VAL B 198 -42.38 2.50 20.94
CA VAL B 198 -42.60 1.12 20.45
C VAL B 198 -41.31 0.33 20.70
N ILE B 199 -41.37 -0.76 21.44
CA ILE B 199 -40.15 -1.58 21.75
C ILE B 199 -40.18 -2.89 20.97
N PHE B 200 -41.35 -3.33 20.53
CA PHE B 200 -41.47 -4.59 19.76
C PHE B 200 -42.75 -4.56 18.93
N GLU B 201 -42.60 -4.84 17.64
CA GLU B 201 -43.69 -4.98 16.66
C GLU B 201 -43.71 -6.45 16.30
N SER B 202 -44.81 -7.15 16.58
CA SER B 202 -44.96 -8.62 16.41
C SER B 202 -45.93 -8.87 15.28
N LYS B 203 -45.69 -9.94 14.51
CA LYS B 203 -46.75 -10.67 13.79
C LYS B 203 -46.73 -12.12 14.27
N ALA B 204 -47.75 -12.89 13.94
CA ALA B 204 -47.73 -14.35 14.14
C ALA B 204 -46.66 -14.90 13.21
N THR B 205 -46.17 -16.08 13.52
CA THR B 205 -45.13 -16.80 12.76
C THR B 205 -45.46 -18.27 12.83
N LEU B 206 -44.98 -19.01 11.85
CA LEU B 206 -45.14 -20.48 11.86
C LEU B 206 -43.76 -21.08 12.10
N ILE B 207 -43.58 -21.76 13.23
CA ILE B 207 -42.29 -22.39 13.62
C ILE B 207 -42.41 -23.91 13.62
N GLN B 208 -41.26 -24.60 13.54
CA GLN B 208 -41.11 -26.07 13.41
C GLN B 208 -40.22 -26.56 14.54
N ARG B 209 -40.59 -27.66 15.20
CA ARG B 209 -39.72 -28.32 16.21
C ARG B 209 -38.38 -28.61 15.56
N PRO B 210 -37.30 -28.64 16.35
CA PRO B 210 -36.00 -29.02 15.82
C PRO B 210 -35.94 -30.55 15.69
N GLY B 211 -35.03 -31.01 14.83
CA GLY B 211 -34.77 -32.43 14.57
C GLY B 211 -35.08 -32.81 13.14
N ALA B 212 -34.92 -34.10 12.83
CA ALA B 212 -35.24 -34.74 11.54
C ALA B 212 -36.73 -35.11 11.49
N PHE B 213 -37.28 -35.32 10.29
CA PHE B 213 -38.74 -35.51 10.11
C PHE B 213 -39.22 -36.88 9.60
N ALA B 214 -38.54 -37.53 8.67
CA ALA B 214 -39.17 -38.61 7.87
C ALA B 214 -39.81 -37.95 6.63
N ALA B 215 -39.43 -38.46 5.46
CA ALA B 215 -39.65 -37.80 4.14
C ALA B 215 -41.14 -37.62 3.87
N ASP B 216 -42.02 -38.53 4.30
CA ASP B 216 -43.50 -38.36 4.24
C ASP B 216 -43.89 -37.05 4.92
N LYS B 217 -43.53 -36.93 6.20
CA LYS B 217 -43.85 -35.76 7.05
C LYS B 217 -43.18 -34.53 6.46
N ALA B 218 -41.96 -34.67 5.91
CA ALA B 218 -41.24 -33.57 5.24
C ALA B 218 -42.08 -33.08 4.06
N ALA B 219 -42.51 -34.00 3.20
CA ALA B 219 -43.28 -33.73 1.97
C ALA B 219 -44.56 -33.00 2.35
N LEU B 220 -45.20 -33.42 3.45
CA LEU B 220 -46.49 -32.85 3.90
C LEU B 220 -46.32 -31.38 4.28
N ILE B 221 -45.33 -31.07 5.12
CA ILE B 221 -45.02 -29.68 5.57
C ILE B 221 -44.76 -28.82 4.32
N ASP B 222 -44.07 -29.40 3.35
CA ASP B 222 -43.66 -28.67 2.14
C ASP B 222 -44.92 -28.35 1.31
N LYS B 223 -45.81 -29.34 1.20
CA LYS B 223 -47.10 -29.18 0.48
C LYS B 223 -47.86 -28.04 1.15
N LEU B 224 -48.00 -28.09 2.48
CA LEU B 224 -48.76 -27.09 3.29
C LEU B 224 -48.18 -25.70 3.06
N LEU B 225 -46.87 -25.56 3.23
CA LEU B 225 -46.19 -24.26 3.00
C LEU B 225 -46.54 -23.74 1.59
N THR B 226 -46.39 -24.56 0.54
CA THR B 226 -46.60 -24.11 -0.86
C THR B 226 -48.04 -23.61 -1.01
N ARG B 227 -48.98 -24.27 -0.34
CA ARG B 227 -50.42 -23.90 -0.38
C ARG B 227 -50.58 -22.53 0.32
N MET B 228 -49.95 -22.35 1.48
CA MET B 228 -50.06 -21.07 2.22
C MET B 228 -49.52 -19.94 1.34
N HIS B 229 -48.42 -20.19 0.64
CA HIS B 229 -47.79 -19.23 -0.30
C HIS B 229 -48.83 -18.84 -1.34
N GLY B 230 -49.57 -19.82 -1.86
CA GLY B 230 -50.57 -19.63 -2.92
C GLY B 230 -51.73 -18.83 -2.41
N VAL B 231 -52.14 -19.07 -1.16
CA VAL B 231 -53.31 -18.36 -0.58
C VAL B 231 -52.91 -16.89 -0.45
N GLN B 232 -51.69 -16.63 0.00
CA GLN B 232 -51.19 -15.23 0.17
C GLN B 232 -51.07 -14.61 -1.24
N GLN B 233 -50.48 -15.33 -2.20
CA GLN B 233 -50.19 -14.77 -3.55
C GLN B 233 -51.51 -14.35 -4.21
N ALA B 234 -52.60 -15.11 -3.97
CA ALA B 234 -53.93 -14.82 -4.54
C ALA B 234 -54.55 -13.60 -3.85
N LYS B 235 -54.29 -13.40 -2.56
CA LYS B 235 -54.78 -12.22 -1.80
C LYS B 235 -54.17 -10.98 -2.46
N GLU B 236 -52.84 -11.04 -2.67
CA GLU B 236 -52.00 -9.89 -3.11
C GLU B 236 -52.25 -9.63 -4.60
N SER B 237 -52.19 -10.67 -5.45
CA SER B 237 -52.18 -10.58 -6.93
C SER B 237 -53.55 -10.12 -7.47
N LYS B 238 -53.55 -9.64 -8.71
CA LYS B 238 -54.74 -9.11 -9.42
C LYS B 238 -54.58 -9.29 -10.93
N TYR B 239 -55.65 -9.59 -11.66
CA TYR B 239 -55.63 -9.66 -13.15
C TYR B 239 -56.01 -8.26 -13.61
N ILE B 240 -55.10 -7.59 -14.32
CA ILE B 240 -55.32 -6.17 -14.74
C ILE B 240 -55.44 -6.12 -16.27
N MET B 241 -56.44 -5.43 -16.77
CA MET B 241 -56.69 -5.24 -18.21
C MET B 241 -56.73 -3.73 -18.46
N LEU B 242 -55.98 -3.23 -19.45
CA LEU B 242 -55.97 -1.79 -19.79
C LEU B 242 -55.66 -1.58 -21.28
N HIS B 243 -56.03 -0.39 -21.74
CA HIS B 243 -55.68 0.20 -23.06
C HIS B 243 -54.55 1.20 -22.84
N ALA B 244 -53.49 1.13 -23.66
CA ALA B 244 -52.43 2.15 -23.73
C ALA B 244 -51.99 2.38 -25.18
N PRO B 245 -51.38 3.55 -25.49
CA PRO B 245 -50.65 3.76 -26.75
C PRO B 245 -49.48 2.77 -26.87
N VAL B 246 -49.21 2.21 -28.05
CA VAL B 246 -48.23 1.08 -28.19
C VAL B 246 -46.84 1.57 -27.75
N GLU B 247 -46.58 2.85 -27.99
CA GLU B 247 -45.35 3.61 -27.62
C GLU B 247 -45.10 3.57 -26.09
N LYS B 248 -46.15 3.45 -25.27
CA LYS B 248 -46.09 3.64 -23.79
C LYS B 248 -45.92 2.31 -23.08
N LEU B 249 -45.93 1.20 -23.82
CA LEU B 249 -46.04 -0.15 -23.26
C LEU B 249 -44.83 -0.48 -22.39
N ALA B 250 -43.61 -0.34 -22.94
CA ALA B 250 -42.32 -0.60 -22.27
C ALA B 250 -42.20 0.19 -20.96
N GLN B 251 -42.60 1.46 -21.00
CA GLN B 251 -42.67 2.37 -19.82
C GLN B 251 -43.64 1.81 -18.76
N ILE B 252 -44.83 1.34 -19.15
CA ILE B 252 -45.88 0.75 -18.26
C ILE B 252 -45.27 -0.47 -17.57
N LYS B 253 -44.65 -1.35 -18.37
CA LYS B 253 -43.93 -2.56 -17.90
C LYS B 253 -42.98 -2.13 -16.75
N THR B 254 -42.16 -1.10 -16.96
CA THR B 254 -41.18 -0.59 -15.96
C THR B 254 -41.95 -0.18 -14.69
N LEU B 255 -43.08 0.52 -14.83
CA LEU B 255 -43.86 1.13 -13.70
C LEU B 255 -44.47 0.04 -12.80
N LEU B 256 -44.73 -1.16 -13.38
CA LEU B 256 -45.23 -2.37 -12.67
C LEU B 256 -44.14 -3.45 -12.66
N PRO B 257 -43.20 -3.44 -11.67
CA PRO B 257 -42.11 -4.41 -11.62
C PRO B 257 -42.74 -5.72 -11.13
N GLY B 258 -43.77 -5.58 -10.27
CA GLY B 258 -44.86 -6.55 -10.11
C GLY B 258 -45.68 -6.58 -11.39
N ALA B 259 -45.30 -7.51 -12.28
CA ALA B 259 -46.07 -7.98 -13.45
C ALA B 259 -45.40 -9.25 -13.99
N GLU B 260 -46.20 -10.12 -14.63
CA GLU B 260 -45.77 -11.08 -15.68
C GLU B 260 -45.55 -10.27 -16.97
N ASP B 261 -45.01 -10.89 -18.03
CA ASP B 261 -44.97 -10.26 -19.38
C ASP B 261 -46.42 -10.21 -19.89
N PRO B 262 -46.86 -9.01 -20.30
CA PRO B 262 -48.27 -8.83 -20.66
C PRO B 262 -48.61 -9.54 -21.97
N THR B 263 -49.74 -10.22 -22.10
CA THR B 263 -50.32 -10.52 -23.46
C THR B 263 -50.89 -9.19 -24.00
N VAL B 264 -50.49 -8.80 -25.22
CA VAL B 264 -50.88 -7.52 -25.88
C VAL B 264 -51.71 -7.89 -27.12
N LEU B 265 -52.89 -7.30 -27.30
CA LEU B 265 -53.75 -7.51 -28.51
C LEU B 265 -53.96 -6.15 -29.14
N PRO B 266 -53.85 -6.04 -30.50
CA PRO B 266 -54.15 -4.76 -31.15
C PRO B 266 -55.67 -4.63 -31.24
N LEU B 267 -56.12 -3.38 -31.33
CA LEU B 267 -57.57 -3.02 -31.46
C LEU B 267 -57.90 -2.83 -32.96
N SER B 268 -59.18 -2.71 -33.31
CA SER B 268 -59.71 -2.29 -34.64
C SER B 268 -58.76 -2.72 -35.77
N ASP B 270 -56.79 2.43 -33.29
CA ASP B 270 -56.72 1.24 -34.19
C ASP B 270 -55.44 0.46 -33.87
N LYS B 271 -54.32 0.81 -34.52
CA LYS B 271 -52.94 0.39 -34.14
C LYS B 271 -52.32 1.42 -33.16
N SER B 272 -52.92 2.62 -33.03
CA SER B 272 -52.57 3.69 -32.03
C SER B 272 -52.56 3.10 -30.62
N LYS B 273 -53.72 2.65 -30.13
CA LYS B 273 -53.84 1.95 -28.81
C LYS B 273 -53.85 0.43 -29.04
N VAL B 274 -53.47 -0.28 -27.98
CA VAL B 274 -53.33 -1.76 -27.88
C VAL B 274 -53.94 -2.10 -26.51
N ALA B 275 -54.42 -3.32 -26.36
CA ALA B 275 -55.09 -3.82 -25.14
C ALA B 275 -54.14 -4.79 -24.43
N VAL B 276 -53.86 -4.53 -23.15
CA VAL B 276 -52.83 -5.24 -22.34
C VAL B 276 -53.53 -5.95 -21.17
N HIS B 277 -53.28 -7.25 -21.03
CA HIS B 277 -53.85 -8.17 -20.00
C HIS B 277 -52.65 -8.71 -19.25
N MET B 278 -52.63 -8.70 -17.92
CA MET B 278 -51.45 -9.20 -17.16
C MET B 278 -51.76 -9.30 -15.66
N VAL B 279 -50.88 -9.96 -14.91
CA VAL B 279 -51.07 -10.28 -13.46
C VAL B 279 -50.07 -9.45 -12.64
N SER B 280 -50.51 -8.57 -11.76
CA SER B 280 -49.62 -7.87 -10.79
C SER B 280 -49.31 -8.84 -9.64
N SER B 281 -48.17 -8.67 -8.99
CA SER B 281 -47.75 -9.39 -7.77
C SER B 281 -48.26 -8.69 -6.50
N GLU B 282 -48.53 -7.38 -6.60
CA GLU B 282 -49.03 -6.51 -5.49
C GLU B 282 -50.44 -6.05 -5.86
N ASN B 283 -51.26 -5.50 -4.96
CA ASN B 283 -52.45 -4.75 -5.47
C ASN B 283 -51.93 -3.43 -6.07
N LEU B 284 -52.57 -2.98 -7.14
CA LEU B 284 -52.49 -1.60 -7.65
C LEU B 284 -53.08 -0.65 -6.61
N PHE B 285 -52.28 0.29 -6.13
CA PHE B 285 -52.78 1.47 -5.38
C PHE B 285 -53.47 2.39 -6.39
N TRP B 286 -54.41 3.18 -5.91
CA TRP B 286 -55.03 4.30 -6.65
C TRP B 286 -53.95 5.16 -7.29
N GLU B 287 -52.91 5.49 -6.51
CA GLU B 287 -51.77 6.35 -6.90
C GLU B 287 -51.13 5.80 -8.18
N THR B 288 -50.91 4.49 -8.22
CA THR B 288 -50.35 3.77 -9.41
C THR B 288 -51.35 3.85 -10.57
N MET B 289 -52.62 3.58 -10.32
CA MET B 289 -53.66 3.68 -11.36
C MET B 289 -53.68 5.09 -11.95
N GLU B 290 -53.51 6.11 -11.10
CA GLU B 290 -53.52 7.56 -11.48
C GLU B 290 -52.28 7.84 -12.33
N GLN B 291 -51.12 7.32 -11.92
CA GLN B 291 -49.85 7.32 -12.70
C GLN B 291 -50.11 6.76 -14.11
N LEU B 292 -50.84 5.65 -14.21
CA LEU B 292 -51.14 5.00 -15.51
C LEU B 292 -52.02 5.89 -16.38
N LYS B 293 -53.05 6.52 -15.84
CA LYS B 293 -53.94 7.42 -16.63
C LYS B 293 -53.05 8.55 -17.19
N ALA B 294 -52.18 9.09 -16.33
CA ALA B 294 -51.16 10.14 -16.64
C ALA B 294 -50.27 9.73 -17.82
N LEU B 295 -49.85 8.47 -17.94
CA LEU B 295 -49.08 7.96 -19.10
C LEU B 295 -49.98 7.89 -20.32
N GLY B 296 -51.31 8.02 -20.12
CA GLY B 296 -52.31 7.99 -21.21
C GLY B 296 -52.84 6.60 -21.48
N ALA B 297 -52.76 5.73 -20.49
CA ALA B 297 -53.53 4.47 -20.46
C ALA B 297 -55.00 4.78 -20.16
N SER B 298 -55.91 3.92 -20.56
CA SER B 298 -57.36 4.05 -20.27
C SER B 298 -57.96 2.69 -19.91
N SER B 299 -59.17 2.73 -19.35
CA SER B 299 -60.02 1.53 -19.07
C SER B 299 -59.19 0.52 -18.28
N ILE B 300 -58.65 1.01 -17.16
CA ILE B 300 -57.85 0.21 -16.19
C ILE B 300 -58.83 -0.57 -15.35
N LEU B 301 -58.85 -1.91 -15.51
CA LEU B 301 -59.73 -2.84 -14.74
C LEU B 301 -58.83 -3.73 -13.88
N VAL B 302 -59.31 -4.07 -12.68
CA VAL B 302 -58.64 -5.01 -11.77
C VAL B 302 -59.65 -6.07 -11.35
N LEU B 303 -59.41 -7.32 -11.74
CA LEU B 303 -60.27 -8.46 -11.36
C LEU B 303 -59.58 -9.20 -10.24
N PRO B 304 -60.38 -9.75 -9.31
CA PRO B 304 -59.82 -10.59 -8.25
C PRO B 304 -59.42 -11.97 -8.76
N ILE B 305 -58.55 -12.61 -8.00
CA ILE B 305 -58.03 -13.98 -8.25
C ILE B 305 -58.28 -14.81 -7.00
N GLU B 306 -59.13 -15.82 -7.08
CA GLU B 306 -59.55 -16.70 -5.96
C GLU B 306 -58.39 -17.61 -5.53
N LYS B 307 -57.59 -18.07 -6.48
CA LYS B 307 -56.64 -19.17 -6.23
C LYS B 307 -55.56 -19.09 -7.30
N MET B 308 -54.33 -19.44 -6.96
CA MET B 308 -53.22 -19.40 -7.94
C MET B 308 -52.01 -20.17 -7.40
N MET B 309 -51.10 -20.44 -8.33
CA MET B 309 -49.92 -21.31 -8.21
C MET B 309 -49.02 -21.04 -9.43
N THR C 15 -40.83 4.91 -27.16
CA THR C 15 -40.33 6.21 -26.64
C THR C 15 -39.44 5.96 -25.43
N GLN C 16 -39.67 4.89 -24.63
CA GLN C 16 -38.64 4.44 -23.65
C GLN C 16 -37.46 3.95 -24.48
N ARG C 17 -36.30 4.56 -24.26
CA ARG C 17 -34.99 4.14 -24.80
C ARG C 17 -34.56 2.81 -24.21
N LEU C 18 -33.58 2.17 -24.86
CA LEU C 18 -32.97 0.88 -24.45
C LEU C 18 -32.18 1.11 -23.17
N ARG C 19 -32.46 0.41 -22.09
CA ARG C 19 -31.82 0.77 -20.82
C ARG C 19 -30.82 -0.35 -20.49
N ILE C 20 -29.55 0.02 -20.26
CA ILE C 20 -28.41 -0.90 -20.04
C ILE C 20 -27.81 -0.62 -18.66
N ALA C 21 -27.68 -1.65 -17.83
CA ALA C 21 -27.13 -1.47 -16.48
C ALA C 21 -25.67 -1.89 -16.50
N ILE C 22 -24.81 -1.02 -16.00
CA ILE C 22 -23.37 -1.26 -15.83
C ILE C 22 -23.02 -0.91 -14.40
N GLN C 23 -22.11 -1.68 -13.82
CA GLN C 23 -21.56 -1.39 -12.49
C GLN C 23 -21.06 0.04 -12.45
N LYS C 24 -21.40 0.81 -11.41
CA LYS C 24 -21.05 2.26 -11.32
C LYS C 24 -19.54 2.41 -11.17
N LYS C 25 -18.95 1.84 -10.13
CA LYS C 25 -17.49 2.03 -9.84
C LYS C 25 -16.88 0.65 -9.60
N GLY C 26 -15.76 0.38 -10.28
CA GLY C 26 -15.05 -0.92 -10.33
C GLY C 26 -14.34 -1.13 -11.65
N ARG C 27 -13.39 -2.08 -11.66
CA ARG C 27 -12.63 -2.56 -12.83
C ARG C 27 -13.59 -2.75 -14.00
N LEU C 28 -14.63 -3.55 -13.68
CA LEU C 28 -15.73 -3.94 -14.60
C LEU C 28 -16.40 -2.72 -15.22
N SER C 29 -16.51 -1.59 -14.50
CA SER C 29 -17.14 -0.39 -15.08
C SER C 29 -16.39 0.11 -16.31
N GLN C 30 -15.12 0.51 -16.17
CA GLN C 30 -14.30 1.08 -17.28
C GLN C 30 -14.37 0.15 -18.49
N GLU C 31 -14.14 -1.16 -18.31
CA GLU C 31 -14.06 -2.12 -19.45
C GLU C 31 -15.41 -2.16 -20.17
N CYS C 32 -16.52 -1.93 -19.47
CA CYS C 32 -17.88 -1.95 -20.08
C CYS C 32 -18.13 -0.65 -20.86
N GLN C 33 -17.81 0.47 -20.25
CA GLN C 33 -17.93 1.79 -20.92
C GLN C 33 -17.05 1.76 -22.17
N GLU C 34 -15.80 1.35 -22.03
CA GLU C 34 -14.85 1.25 -23.16
C GLU C 34 -15.50 0.48 -24.33
N LEU C 35 -16.15 -0.65 -24.06
CA LEU C 35 -16.68 -1.51 -25.15
C LEU C 35 -17.89 -0.81 -25.82
N LEU C 36 -18.78 -0.17 -25.05
CA LEU C 36 -19.92 0.57 -25.64
C LEU C 36 -19.40 1.65 -26.60
N LYS C 37 -18.30 2.33 -26.23
CA LYS C 37 -17.70 3.41 -27.04
C LYS C 37 -17.07 2.79 -28.29
N LYS C 38 -16.31 1.70 -28.15
CA LYS C 38 -15.71 1.00 -29.30
C LYS C 38 -16.83 0.52 -30.25
N CYS C 39 -18.08 0.44 -29.79
CA CYS C 39 -19.21 0.02 -30.64
C CYS C 39 -19.95 1.24 -31.17
N GLY C 40 -19.40 2.42 -30.96
CA GLY C 40 -19.95 3.66 -31.55
C GLY C 40 -21.13 4.21 -30.75
N VAL C 41 -21.25 3.84 -29.48
CA VAL C 41 -22.19 4.53 -28.54
C VAL C 41 -21.41 5.70 -27.92
N LYS C 42 -21.83 6.92 -28.22
CA LYS C 42 -21.26 8.16 -27.65
C LYS C 42 -22.06 8.52 -26.38
N PHE C 43 -21.38 8.94 -25.31
CA PHE C 43 -21.96 9.45 -24.04
C PHE C 43 -20.86 10.02 -23.16
N ASN C 44 -21.16 10.98 -22.28
CA ASN C 44 -20.16 11.57 -21.34
C ASN C 44 -20.64 11.42 -19.91
N ILE C 45 -19.79 10.89 -19.03
CA ILE C 45 -20.13 10.74 -17.58
C ILE C 45 -19.96 12.11 -16.94
N MET C 46 -21.05 12.72 -16.45
CA MET C 46 -21.05 14.01 -15.72
C MET C 46 -20.95 13.69 -14.23
N GLY C 47 -19.76 13.33 -13.75
CA GLY C 47 -19.47 13.09 -12.31
C GLY C 47 -20.42 12.07 -11.68
N GLU C 48 -21.04 12.41 -10.55
CA GLU C 48 -21.80 11.46 -9.69
C GLU C 48 -23.24 11.24 -10.19
N ARG C 49 -23.55 11.71 -11.40
CA ARG C 49 -24.81 11.45 -12.12
C ARG C 49 -24.83 10.01 -12.62
N LEU C 50 -25.92 9.29 -12.33
CA LEU C 50 -25.99 7.81 -12.46
C LEU C 50 -26.88 7.38 -13.63
N VAL C 51 -27.78 8.25 -14.11
CA VAL C 51 -28.45 8.01 -15.42
C VAL C 51 -27.62 8.78 -16.44
N VAL C 52 -27.13 8.08 -17.46
CA VAL C 52 -26.29 8.62 -18.56
C VAL C 52 -27.03 8.41 -19.87
N HIS C 53 -27.33 9.48 -20.61
CA HIS C 53 -28.05 9.39 -21.91
C HIS C 53 -27.04 9.34 -23.04
N SER C 54 -27.18 8.40 -23.98
CA SER C 54 -26.32 8.37 -25.19
C SER C 54 -26.67 9.58 -26.06
N LEU C 55 -25.65 10.23 -26.61
CA LEU C 55 -25.80 11.43 -27.47
C LEU C 55 -26.39 11.01 -28.81
N ASN C 56 -25.90 9.90 -29.39
CA ASN C 56 -26.12 9.58 -30.82
C ASN C 56 -27.00 8.34 -31.01
N MET C 57 -27.45 7.68 -29.93
CA MET C 57 -28.22 6.42 -30.01
C MET C 57 -29.33 6.43 -28.98
N PRO C 58 -30.46 5.76 -29.26
CA PRO C 58 -31.60 5.74 -28.34
C PRO C 58 -31.36 4.76 -27.16
N ILE C 59 -30.35 5.09 -26.34
CA ILE C 59 -29.80 4.21 -25.28
C ILE C 59 -29.63 5.02 -24.00
N ASP C 60 -30.11 4.52 -22.86
CA ASP C 60 -29.73 5.01 -21.50
C ASP C 60 -28.84 3.99 -20.78
N LEU C 61 -27.87 4.50 -20.06
CA LEU C 61 -26.99 3.72 -19.18
C LEU C 61 -27.41 4.00 -17.75
N LEU C 62 -27.50 2.96 -16.94
CA LEU C 62 -27.78 3.09 -15.49
C LEU C 62 -26.56 2.55 -14.76
N LEU C 63 -26.00 3.38 -13.90
CA LEU C 63 -24.75 3.09 -13.14
C LEU C 63 -25.21 2.66 -11.76
N VAL C 64 -25.27 1.35 -11.53
CA VAL C 64 -25.91 0.73 -10.33
C VAL C 64 -24.84 -0.12 -9.67
N ARG C 65 -25.09 -0.64 -8.47
CA ARG C 65 -24.22 -1.67 -7.84
C ARG C 65 -24.35 -2.98 -8.62
N ASP C 66 -23.22 -3.65 -8.88
CA ASP C 66 -23.16 -4.90 -9.67
C ASP C 66 -24.14 -5.93 -9.08
N ASP C 67 -24.23 -6.00 -7.74
CA ASP C 67 -25.03 -7.01 -6.98
C ASP C 67 -26.52 -6.92 -7.34
N ASP C 68 -26.98 -5.74 -7.76
CA ASP C 68 -28.41 -5.48 -8.03
C ASP C 68 -28.74 -5.79 -9.49
N ILE C 69 -27.76 -6.01 -10.34
CA ILE C 69 -27.96 -6.05 -11.82
C ILE C 69 -28.76 -7.30 -12.20
N PRO C 70 -28.47 -8.49 -11.64
CA PRO C 70 -29.24 -9.66 -12.03
C PRO C 70 -30.69 -9.44 -11.61
N GLY C 71 -30.90 -9.07 -10.34
CA GLY C 71 -32.17 -8.54 -9.81
C GLY C 71 -32.91 -7.64 -10.78
N LEU C 72 -32.28 -6.58 -11.29
CA LEU C 72 -32.95 -5.62 -12.20
C LEU C 72 -33.35 -6.31 -13.51
N ILE C 73 -32.48 -7.14 -14.04
CA ILE C 73 -32.70 -7.80 -15.37
C ILE C 73 -33.85 -8.78 -15.22
N MET C 74 -33.89 -9.45 -14.07
CA MET C 74 -34.83 -10.57 -13.78
C MET C 74 -36.24 -10.00 -13.55
N ASP C 75 -36.31 -8.79 -13.01
CA ASP C 75 -37.57 -8.04 -12.79
C ASP C 75 -37.94 -7.18 -14.01
N GLY C 76 -37.32 -7.39 -15.18
CA GLY C 76 -37.64 -6.63 -16.42
C GLY C 76 -37.44 -5.12 -16.31
N VAL C 77 -36.96 -4.61 -15.19
CA VAL C 77 -36.90 -3.16 -14.95
C VAL C 77 -35.75 -2.52 -15.79
N VAL C 78 -34.80 -3.29 -16.34
CA VAL C 78 -33.82 -2.80 -17.34
C VAL C 78 -33.81 -3.79 -18.49
N ASP C 79 -33.15 -3.49 -19.62
CA ASP C 79 -33.25 -4.34 -20.82
C ASP C 79 -32.00 -5.22 -20.88
N LEU C 80 -30.82 -4.62 -20.75
CA LEU C 80 -29.52 -5.33 -20.84
C LEU C 80 -28.72 -5.06 -19.56
N GLY C 81 -27.79 -5.95 -19.26
CA GLY C 81 -26.97 -5.82 -18.05
C GLY C 81 -25.62 -6.49 -18.22
N PHE C 82 -24.57 -5.81 -17.76
CA PHE C 82 -23.18 -6.35 -17.71
C PHE C 82 -22.89 -6.73 -16.27
N VAL C 83 -22.45 -7.95 -16.04
CA VAL C 83 -22.30 -8.45 -14.65
C VAL C 83 -21.37 -9.66 -14.59
N GLY C 84 -20.66 -9.81 -13.47
CA GLY C 84 -19.89 -11.03 -13.18
C GLY C 84 -20.79 -12.27 -13.20
N GLU C 85 -20.44 -13.27 -14.02
CA GLU C 85 -21.02 -14.63 -13.98
C GLU C 85 -21.13 -15.13 -12.53
N ASN C 86 -20.20 -14.78 -11.64
CA ASN C 86 -20.30 -15.21 -10.23
C ASN C 86 -21.50 -14.54 -9.55
N VAL C 87 -21.66 -13.23 -9.62
CA VAL C 87 -22.80 -12.52 -8.96
C VAL C 87 -24.11 -13.01 -9.58
N LEU C 88 -24.11 -13.23 -10.88
CA LEU C 88 -25.34 -13.63 -11.62
C LEU C 88 -25.83 -14.98 -11.07
N GLU C 89 -24.93 -15.97 -11.02
CA GLU C 89 -25.32 -17.34 -10.64
C GLU C 89 -25.70 -17.36 -9.15
N GLU C 90 -24.94 -16.65 -8.32
CA GLU C 90 -25.30 -16.57 -6.89
C GLU C 90 -26.69 -15.97 -6.78
N THR C 91 -27.05 -14.94 -7.54
CA THR C 91 -28.34 -14.25 -7.26
C THR C 91 -29.45 -15.13 -7.81
N ARG C 92 -29.26 -15.76 -8.98
CA ARG C 92 -30.23 -16.73 -9.54
C ARG C 92 -30.59 -17.78 -8.49
N LEU C 93 -29.59 -18.42 -7.87
CA LEU C 93 -29.79 -19.42 -6.81
C LEU C 93 -30.45 -18.80 -5.57
N ASP C 94 -29.95 -17.67 -5.02
CA ASP C 94 -30.58 -17.02 -3.83
C ASP C 94 -32.03 -16.77 -4.15
N ARG C 95 -32.37 -16.44 -5.40
CA ARG C 95 -33.77 -16.12 -5.78
C ARG C 95 -34.60 -17.40 -5.95
N LEU C 96 -34.09 -18.39 -6.66
CA LEU C 96 -34.79 -19.67 -6.83
C LEU C 96 -35.16 -20.22 -5.45
N ALA C 97 -34.34 -19.96 -4.43
CA ALA C 97 -34.57 -20.38 -3.03
C ALA C 97 -35.74 -19.62 -2.39
N LEU C 98 -36.23 -18.52 -2.99
CA LEU C 98 -37.35 -17.67 -2.45
C LEU C 98 -38.46 -17.52 -3.51
N ASN C 99 -38.49 -18.44 -4.48
CA ASN C 99 -39.47 -18.52 -5.60
C ASN C 99 -39.65 -17.18 -6.31
N GLN C 100 -38.68 -16.25 -6.18
CA GLN C 100 -38.61 -14.96 -6.93
C GLN C 100 -38.16 -15.25 -8.38
N ARG C 101 -38.59 -14.41 -9.32
CA ARG C 101 -38.30 -14.57 -10.78
C ARG C 101 -36.78 -14.54 -10.93
N ASN C 102 -36.27 -15.51 -11.68
CA ASN C 102 -34.83 -15.82 -11.82
C ASN C 102 -34.55 -16.14 -13.28
N GLU C 103 -35.44 -15.75 -14.21
CA GLU C 103 -35.28 -16.09 -15.64
C GLU C 103 -34.63 -14.87 -16.33
N PHE C 104 -33.74 -15.16 -17.27
CA PHE C 104 -33.07 -14.17 -18.13
C PHE C 104 -32.43 -14.89 -19.30
N THR C 105 -32.01 -14.14 -20.30
CA THR C 105 -31.35 -14.69 -21.50
C THR C 105 -29.92 -14.16 -21.55
N THR C 106 -28.96 -15.05 -21.74
CA THR C 106 -27.51 -14.71 -21.89
C THR C 106 -27.21 -14.39 -23.35
N LEU C 107 -26.73 -13.19 -23.65
CA LEU C 107 -26.48 -12.76 -25.04
C LEU C 107 -25.04 -13.10 -25.43
N ARG C 108 -24.04 -12.89 -24.57
CA ARG C 108 -22.60 -12.97 -24.97
C ARG C 108 -21.68 -12.95 -23.73
N ARG C 109 -20.63 -13.76 -23.76
CA ARG C 109 -19.64 -13.80 -22.66
C ARG C 109 -18.53 -12.81 -22.99
N MET C 110 -18.13 -11.97 -22.05
CA MET C 110 -17.05 -10.97 -22.27
C MET C 110 -15.69 -11.65 -22.15
N ASP C 111 -14.66 -11.06 -22.78
CA ASP C 111 -13.23 -11.47 -22.57
C ASP C 111 -12.66 -10.49 -21.55
N PHE C 112 -13.35 -10.24 -20.44
CA PHE C 112 -12.81 -9.46 -19.27
C PHE C 112 -13.60 -9.81 -18.00
N GLY C 113 -13.09 -9.36 -16.83
CA GLY C 113 -13.73 -9.59 -15.52
C GLY C 113 -13.47 -10.99 -14.97
N GLY C 114 -12.51 -11.70 -15.58
CA GLY C 114 -12.02 -13.00 -15.11
C GLY C 114 -11.68 -12.95 -13.62
N CYS C 115 -12.01 -14.01 -12.90
CA CYS C 115 -11.69 -14.22 -11.47
C CYS C 115 -12.29 -15.57 -11.07
N ARG C 116 -11.97 -16.04 -9.87
CA ARG C 116 -12.42 -17.38 -9.46
C ARG C 116 -12.71 -17.37 -7.97
N LEU C 117 -13.75 -18.08 -7.61
CA LEU C 117 -14.09 -18.37 -6.20
C LEU C 117 -13.28 -19.61 -5.84
N SER C 118 -12.49 -19.53 -4.77
CA SER C 118 -11.62 -20.65 -4.33
C SER C 118 -11.82 -20.92 -2.84
N ILE C 119 -11.72 -22.19 -2.44
CA ILE C 119 -11.68 -22.52 -1.00
C ILE C 119 -10.26 -22.27 -0.54
N ALA C 120 -10.07 -21.68 0.64
CA ALA C 120 -8.75 -21.46 1.26
C ALA C 120 -8.77 -21.94 2.70
N ILE C 121 -7.65 -22.53 3.16
CA ILE C 121 -7.47 -22.97 4.58
C ILE C 121 -6.18 -22.34 5.10
N GLU C 122 -5.87 -22.54 6.38
CA GLU C 122 -4.61 -22.07 7.02
C GLU C 122 -3.38 -22.78 6.42
N LYS C 123 -2.27 -22.07 6.22
CA LYS C 123 -1.05 -22.53 5.51
C LYS C 123 -0.65 -23.92 6.05
N ASP C 124 -0.39 -23.99 7.36
CA ASP C 124 0.23 -25.19 7.99
C ASP C 124 -0.92 -26.15 8.31
N ALA C 125 -1.67 -26.58 7.29
CA ALA C 125 -2.83 -27.50 7.48
C ALA C 125 -3.06 -28.33 6.21
N GLU C 126 -3.44 -29.58 6.38
CA GLU C 126 -3.33 -30.61 5.31
C GLU C 126 -4.68 -30.66 4.57
N TYR C 127 -4.65 -30.74 3.23
CA TYR C 127 -5.86 -30.87 2.36
C TYR C 127 -5.55 -31.85 1.24
N ARG C 128 -6.09 -33.08 1.32
CA ARG C 128 -5.92 -34.10 0.26
C ARG C 128 -7.06 -33.92 -0.76
N GLY C 129 -8.20 -33.34 -0.36
CA GLY C 129 -9.38 -33.11 -1.21
C GLY C 129 -10.63 -32.66 -0.45
N PRO C 130 -11.74 -32.37 -1.17
CA PRO C 130 -12.96 -31.80 -0.54
C PRO C 130 -13.46 -32.48 0.73
N GLN C 131 -13.35 -33.80 0.74
CA GLN C 131 -13.86 -34.67 1.83
C GLN C 131 -13.20 -34.25 3.15
N ASP C 132 -11.99 -33.62 3.09
CA ASP C 132 -11.26 -33.13 4.29
C ASP C 132 -12.02 -31.99 4.99
N LEU C 133 -13.08 -31.45 4.35
CA LEU C 133 -13.87 -30.30 4.87
C LEU C 133 -15.14 -30.78 5.57
N ASN C 134 -15.52 -32.04 5.35
CA ASN C 134 -16.73 -32.65 5.96
C ASN C 134 -16.83 -32.17 7.41
N GLY C 135 -17.85 -31.38 7.74
CA GLY C 135 -18.19 -30.98 9.12
C GLY C 135 -17.55 -29.66 9.54
N LYS C 136 -16.67 -29.10 8.72
CA LYS C 136 -16.00 -27.81 9.02
C LYS C 136 -16.97 -26.65 8.67
N ARG C 137 -16.86 -25.54 9.40
CA ARG C 137 -17.60 -24.27 9.15
C ARG C 137 -16.79 -23.48 8.12
N ILE C 138 -17.44 -22.90 7.11
CA ILE C 138 -16.76 -22.16 6.00
C ILE C 138 -17.37 -20.75 5.85
N ALA C 139 -16.53 -19.71 5.84
CA ALA C 139 -16.99 -18.30 5.69
C ALA C 139 -16.93 -17.91 4.22
N THR C 140 -17.96 -17.21 3.77
CA THR C 140 -18.05 -16.77 2.35
C THR C 140 -19.10 -15.67 2.19
N THR C 141 -18.89 -14.91 1.15
CA THR C 141 -19.84 -13.88 0.65
C THR C 141 -20.69 -14.53 -0.44
N TYR C 142 -20.46 -15.79 -0.77
CA TYR C 142 -21.12 -16.49 -1.90
C TYR C 142 -21.64 -17.83 -1.40
N PRO C 143 -22.59 -17.78 -0.45
CA PRO C 143 -23.07 -18.98 0.21
C PRO C 143 -23.67 -19.94 -0.81
N GLN C 144 -24.35 -19.43 -1.82
CA GLN C 144 -25.05 -20.29 -2.79
C GLN C 144 -24.06 -21.07 -3.64
N LEU C 145 -23.03 -20.41 -4.15
CA LEU C 145 -22.02 -21.03 -5.06
C LEU C 145 -21.23 -22.05 -4.29
N LEU C 146 -20.99 -21.77 -3.00
CA LEU C 146 -20.30 -22.70 -2.08
C LEU C 146 -21.18 -23.93 -1.93
N LYS C 147 -22.47 -23.76 -1.65
CA LYS C 147 -23.44 -24.89 -1.50
C LYS C 147 -23.44 -25.73 -2.76
N ALA C 148 -23.63 -25.11 -3.92
CA ALA C 148 -23.62 -25.78 -5.24
C ALA C 148 -22.38 -26.67 -5.33
N TYR C 149 -21.21 -26.15 -5.01
CA TYR C 149 -19.95 -26.92 -5.11
C TYR C 149 -19.98 -28.10 -4.14
N MET C 150 -20.28 -27.85 -2.87
CA MET C 150 -20.18 -28.89 -1.83
C MET C 150 -21.25 -29.95 -2.05
N ASP C 151 -22.41 -29.59 -2.62
CA ASP C 151 -23.46 -30.60 -2.89
C ASP C 151 -22.95 -31.52 -3.98
N ARG C 152 -22.25 -30.97 -4.96
CA ARG C 152 -21.70 -31.70 -6.13
C ARG C 152 -20.64 -32.69 -5.64
N GLN C 153 -19.91 -32.35 -4.58
CA GLN C 153 -18.84 -33.21 -4.01
C GLN C 153 -19.38 -34.09 -2.88
N GLY C 154 -20.66 -33.89 -2.54
CA GLY C 154 -21.37 -34.63 -1.48
C GLY C 154 -20.73 -34.47 -0.12
N VAL C 155 -20.34 -33.26 0.27
CA VAL C 155 -19.66 -33.02 1.58
C VAL C 155 -20.48 -32.04 2.38
N ASP C 156 -20.73 -32.33 3.66
CA ASP C 156 -21.56 -31.44 4.52
C ASP C 156 -20.62 -30.51 5.29
N PHE C 157 -21.09 -29.27 5.51
CA PHE C 157 -20.31 -28.16 6.13
C PHE C 157 -21.31 -27.17 6.74
N SER C 158 -20.87 -26.33 7.69
CA SER C 158 -21.63 -25.20 8.25
C SER C 158 -21.28 -23.95 7.43
N THR C 159 -22.12 -22.91 7.39
CA THR C 159 -21.74 -21.60 6.79
C THR C 159 -21.53 -20.54 7.88
N CYS C 160 -20.76 -19.51 7.54
CA CYS C 160 -20.61 -18.27 8.31
C CYS C 160 -20.64 -17.15 7.27
N MET C 161 -21.78 -16.45 7.18
CA MET C 161 -21.97 -15.36 6.18
C MET C 161 -21.25 -14.09 6.70
N LEU C 162 -20.33 -13.57 5.87
CA LEU C 162 -19.80 -12.21 6.00
C LEU C 162 -19.93 -11.53 4.65
N THR C 163 -20.24 -10.25 4.68
CA THR C 163 -20.51 -9.38 3.52
C THR C 163 -19.18 -8.92 2.94
N GLY C 164 -18.07 -9.19 3.65
CA GLY C 164 -16.68 -8.93 3.23
C GLY C 164 -15.66 -9.22 4.35
N SER C 165 -14.38 -8.92 4.06
CA SER C 165 -13.20 -9.18 4.91
C SER C 165 -13.22 -10.67 5.30
N VAL C 166 -13.61 -11.52 4.35
CA VAL C 166 -13.83 -12.97 4.61
C VAL C 166 -12.55 -13.55 5.22
N GLU C 167 -11.38 -13.10 4.71
CA GLU C 167 -10.03 -13.64 5.02
C GLU C 167 -9.72 -13.57 6.52
N VAL C 168 -10.43 -12.74 7.26
CA VAL C 168 -10.32 -12.61 8.74
C VAL C 168 -10.69 -13.91 9.46
N ALA C 169 -11.58 -14.72 8.91
CA ALA C 169 -12.45 -15.63 9.70
C ALA C 169 -11.66 -16.72 10.42
N PRO C 170 -10.72 -17.43 9.75
CA PRO C 170 -9.97 -18.53 10.34
C PRO C 170 -9.08 -18.12 11.53
N ARG C 171 -8.18 -17.15 11.32
CA ARG C 171 -7.26 -16.60 12.36
C ARG C 171 -8.12 -16.07 13.52
N ALA C 172 -9.34 -15.61 13.27
CA ALA C 172 -10.20 -14.96 14.28
C ALA C 172 -11.04 -16.00 15.02
N GLY C 173 -10.98 -17.26 14.58
CA GLY C 173 -11.72 -18.40 15.16
C GLY C 173 -13.20 -18.28 14.89
N LEU C 174 -13.56 -17.84 13.67
CA LEU C 174 -14.96 -17.57 13.22
C LEU C 174 -15.42 -18.70 12.31
N ALA C 175 -14.46 -19.46 11.76
CA ALA C 175 -14.70 -20.55 10.77
C ALA C 175 -13.38 -21.30 10.51
N ASP C 176 -13.49 -22.53 10.04
CA ASP C 176 -12.35 -23.43 9.78
C ASP C 176 -11.72 -23.08 8.43
N ALA C 177 -12.50 -22.58 7.48
CA ALA C 177 -11.98 -22.25 6.12
C ALA C 177 -12.85 -21.15 5.51
N ILE C 178 -12.51 -20.73 4.29
CA ILE C 178 -13.24 -19.63 3.61
C ILE C 178 -13.37 -19.99 2.14
N ALA C 179 -14.28 -19.30 1.47
CA ALA C 179 -14.42 -19.36 0.00
C ALA C 179 -14.51 -17.91 -0.47
N ASP C 180 -13.44 -17.43 -1.10
CA ASP C 180 -13.40 -16.01 -1.54
C ASP C 180 -13.01 -15.92 -3.00
N LEU C 181 -13.25 -14.75 -3.58
CA LEU C 181 -12.64 -14.37 -4.87
C LEU C 181 -11.14 -14.24 -4.66
N VAL C 182 -10.37 -14.60 -5.68
CA VAL C 182 -8.90 -14.65 -5.58
C VAL C 182 -8.32 -14.33 -6.96
N SER C 183 -7.12 -13.72 -6.97
CA SER C 183 -6.35 -13.46 -8.22
C SER C 183 -4.86 -13.79 -8.02
N THR C 184 -4.22 -13.05 -7.12
CA THR C 184 -2.76 -13.11 -6.83
C THR C 184 -2.53 -14.10 -5.68
N GLY C 185 -3.20 -13.88 -4.55
CA GLY C 185 -3.00 -14.64 -3.31
C GLY C 185 -2.57 -13.72 -2.20
N ALA C 186 -2.36 -12.43 -2.49
CA ALA C 186 -1.80 -11.43 -1.55
C ALA C 186 -2.56 -11.50 -0.23
N THR C 187 -3.87 -11.25 -0.28
CA THR C 187 -4.76 -11.18 0.90
C THR C 187 -4.64 -12.48 1.70
N LEU C 188 -4.50 -13.61 0.99
CA LEU C 188 -4.50 -14.96 1.59
C LEU C 188 -3.23 -15.12 2.42
N GLU C 189 -2.06 -14.91 1.79
CA GLU C 189 -0.72 -14.99 2.44
C GLU C 189 -0.76 -14.05 3.67
N ALA C 190 -1.21 -12.80 3.48
CA ALA C 190 -1.27 -11.76 4.53
C ALA C 190 -2.02 -12.29 5.75
N ASN C 191 -2.97 -13.21 5.56
CA ASN C 191 -3.95 -13.60 6.61
C ASN C 191 -3.77 -15.06 6.97
N GLY C 192 -2.72 -15.69 6.43
CA GLY C 192 -2.22 -17.00 6.89
C GLY C 192 -2.92 -18.14 6.17
N LEU C 193 -3.37 -17.92 4.94
CA LEU C 193 -4.21 -18.88 4.19
C LEU C 193 -3.55 -19.25 2.85
N LYS C 194 -3.93 -20.40 2.30
CA LYS C 194 -3.53 -20.88 0.94
C LYS C 194 -4.77 -21.30 0.17
N GLU C 195 -4.86 -20.90 -1.09
CA GLU C 195 -5.90 -21.40 -2.03
C GLU C 195 -5.68 -22.91 -2.16
N VAL C 196 -6.71 -23.74 -2.12
CA VAL C 196 -6.51 -25.20 -2.26
C VAL C 196 -7.54 -25.79 -3.22
N GLU C 197 -8.47 -25.00 -3.75
CA GLU C 197 -9.60 -25.56 -4.54
C GLU C 197 -10.45 -24.49 -5.24
N VAL C 198 -10.43 -24.50 -6.57
CA VAL C 198 -11.22 -23.59 -7.44
C VAL C 198 -12.63 -24.16 -7.52
N ILE C 199 -13.65 -23.42 -7.10
CA ILE C 199 -15.05 -23.92 -7.11
C ILE C 199 -15.87 -23.21 -8.17
N PHE C 200 -15.43 -22.05 -8.64
CA PHE C 200 -16.15 -21.31 -9.72
C PHE C 200 -15.18 -20.38 -10.45
N GLU C 201 -15.19 -20.43 -11.77
CA GLU C 201 -14.44 -19.52 -12.67
C GLU C 201 -15.45 -18.62 -13.36
N SER C 202 -15.35 -17.30 -13.19
CA SER C 202 -16.29 -16.28 -13.72
C SER C 202 -15.59 -15.44 -14.78
N LYS C 203 -16.32 -14.98 -15.79
CA LYS C 203 -16.02 -13.73 -16.53
C LYS C 203 -17.25 -12.83 -16.44
N ALA C 204 -17.14 -11.57 -16.85
CA ALA C 204 -18.35 -10.73 -17.07
C ALA C 204 -19.15 -11.33 -18.21
N THR C 205 -20.43 -11.03 -18.29
CA THR C 205 -21.37 -11.58 -19.30
C THR C 205 -22.41 -10.51 -19.57
N LEU C 206 -22.99 -10.53 -20.76
CA LEU C 206 -24.06 -9.59 -21.11
C LEU C 206 -25.37 -10.36 -21.18
N ILE C 207 -26.30 -10.03 -20.29
CA ILE C 207 -27.63 -10.70 -20.18
C ILE C 207 -28.75 -9.73 -20.60
N GLN C 208 -29.90 -10.29 -20.95
CA GLN C 208 -31.12 -9.58 -21.42
C GLN C 208 -32.28 -9.94 -20.50
N ARG C 209 -33.11 -8.96 -20.12
CA ARG C 209 -34.38 -9.22 -19.39
C ARG C 209 -35.18 -10.22 -20.19
N PRO C 210 -36.03 -11.03 -19.52
CA PRO C 210 -36.92 -11.93 -20.25
C PRO C 210 -38.11 -11.14 -20.79
N GLY C 211 -38.75 -11.72 -21.81
CA GLY C 211 -39.98 -11.19 -22.42
C GLY C 211 -39.78 -10.66 -23.84
N ALA C 212 -40.78 -9.95 -24.33
CA ALA C 212 -40.85 -9.49 -25.74
C ALA C 212 -40.13 -8.15 -25.91
N PHE C 213 -39.56 -7.91 -27.08
CA PHE C 213 -38.88 -6.63 -27.42
C PHE C 213 -39.55 -6.05 -28.67
N ALA C 214 -39.84 -4.75 -28.66
CA ALA C 214 -40.20 -4.01 -29.90
C ALA C 214 -39.10 -4.26 -30.94
N ALA C 215 -39.46 -4.52 -32.21
CA ALA C 215 -38.54 -4.91 -33.30
C ALA C 215 -37.43 -3.87 -33.53
N ASP C 216 -37.71 -2.57 -33.35
CA ASP C 216 -36.68 -1.48 -33.38
C ASP C 216 -35.58 -1.81 -32.34
N LYS C 217 -35.99 -1.96 -31.08
CA LYS C 217 -35.12 -2.23 -29.92
C LYS C 217 -34.42 -3.58 -30.16
N ALA C 218 -35.11 -4.55 -30.75
CA ALA C 218 -34.53 -5.86 -31.11
C ALA C 218 -33.38 -5.63 -32.08
N ALA C 219 -33.64 -4.89 -33.16
CA ALA C 219 -32.68 -4.59 -34.24
C ALA C 219 -31.45 -3.92 -33.65
N LEU C 220 -31.67 -3.01 -32.69
CA LEU C 220 -30.58 -2.23 -32.05
C LEU C 220 -29.65 -3.16 -31.26
N ILE C 221 -30.19 -4.03 -30.42
CA ILE C 221 -29.41 -5.02 -29.62
C ILE C 221 -28.61 -5.90 -30.59
N ASP C 222 -29.21 -6.24 -31.72
CA ASP C 222 -28.57 -7.15 -32.68
C ASP C 222 -27.40 -6.40 -33.34
N LYS C 223 -27.60 -5.14 -33.67
CA LYS C 223 -26.55 -4.26 -34.26
C LYS C 223 -25.39 -4.23 -33.27
N LEU C 224 -25.68 -3.92 -32.00
CA LEU C 224 -24.69 -3.78 -30.90
C LEU C 224 -23.90 -5.09 -30.79
N LEU C 225 -24.59 -6.21 -30.65
CA LEU C 225 -23.93 -7.53 -30.57
C LEU C 225 -22.98 -7.74 -31.75
N THR C 226 -23.42 -7.51 -32.99
CA THR C 226 -22.59 -7.77 -34.19
C THR C 226 -21.31 -6.93 -34.09
N ARG C 227 -21.45 -5.69 -33.58
CA ARG C 227 -20.31 -4.76 -33.43
C ARG C 227 -19.39 -5.32 -32.34
N MET C 228 -19.92 -5.79 -31.22
CA MET C 228 -19.13 -6.35 -30.10
C MET C 228 -18.31 -7.51 -30.62
N HIS C 229 -18.92 -8.34 -31.46
CA HIS C 229 -18.25 -9.49 -32.10
C HIS C 229 -17.03 -8.97 -32.86
N GLY C 230 -17.22 -7.89 -33.60
CA GLY C 230 -16.17 -7.28 -34.43
C GLY C 230 -15.09 -6.65 -33.57
N VAL C 231 -15.45 -6.06 -32.44
CA VAL C 231 -14.45 -5.41 -31.52
C VAL C 231 -13.56 -6.52 -30.98
N GLN C 232 -14.16 -7.64 -30.59
CA GLN C 232 -13.43 -8.80 -30.04
C GLN C 232 -12.57 -9.37 -31.16
N GLN C 233 -13.13 -9.55 -32.35
CA GLN C 233 -12.41 -10.23 -33.47
C GLN C 233 -11.18 -9.41 -33.84
N ALA C 234 -11.24 -8.07 -33.74
CA ALA C 234 -10.10 -7.17 -34.04
C ALA C 234 -9.04 -7.28 -32.95
N LYS C 235 -9.44 -7.48 -31.70
CA LYS C 235 -8.51 -7.63 -30.56
C LYS C 235 -7.69 -8.89 -30.82
N GLU C 236 -8.38 -9.97 -31.19
CA GLU C 236 -7.81 -11.34 -31.34
C GLU C 236 -6.99 -11.40 -32.62
N SER C 237 -7.58 -11.00 -33.74
CA SER C 237 -7.02 -11.05 -35.11
C SER C 237 -5.83 -10.10 -35.27
N LYS C 238 -4.97 -10.41 -36.25
CA LYS C 238 -3.69 -9.70 -36.55
C LYS C 238 -3.37 -9.92 -38.03
N TYR C 239 -2.83 -8.93 -38.74
CA TYR C 239 -2.30 -9.13 -40.12
C TYR C 239 -0.84 -9.57 -40.00
N ILE C 240 -0.51 -10.75 -40.49
CA ILE C 240 0.85 -11.35 -40.37
C ILE C 240 1.50 -11.40 -41.76
N MET C 241 2.75 -10.97 -41.85
CA MET C 241 3.55 -11.03 -43.09
C MET C 241 4.83 -11.78 -42.74
N LEU C 242 5.21 -12.80 -43.53
CA LEU C 242 6.49 -13.52 -43.33
C LEU C 242 7.05 -14.08 -44.65
N HIS C 243 8.35 -14.39 -44.63
CA HIS C 243 9.10 -15.18 -45.63
C HIS C 243 9.28 -16.60 -45.09
N ALA C 244 9.01 -17.62 -45.91
CA ALA C 244 9.26 -19.04 -45.55
C ALA C 244 9.77 -19.85 -46.74
N PRO C 245 10.49 -20.98 -46.51
CA PRO C 245 10.58 -22.03 -47.53
C PRO C 245 9.20 -22.58 -47.98
N VAL C 246 9.02 -22.78 -49.30
CA VAL C 246 7.80 -23.43 -49.88
C VAL C 246 7.64 -24.82 -49.25
N GLU C 247 8.78 -25.48 -48.93
CA GLU C 247 8.86 -26.66 -48.02
C GLU C 247 8.49 -26.18 -46.60
N LYS C 248 7.52 -26.84 -45.98
CA LYS C 248 7.03 -26.59 -44.59
C LYS C 248 5.85 -25.64 -44.63
N LEU C 249 5.34 -25.30 -45.83
CA LEU C 249 4.17 -24.40 -46.00
C LEU C 249 2.93 -24.92 -45.26
N ALA C 250 2.51 -26.17 -45.52
CA ALA C 250 1.33 -26.82 -44.90
C ALA C 250 1.42 -26.79 -43.37
N GLN C 251 2.60 -27.07 -42.82
CA GLN C 251 2.92 -27.00 -41.36
C GLN C 251 2.72 -25.57 -40.84
N ILE C 252 3.21 -24.55 -41.55
CA ILE C 252 3.08 -23.10 -41.22
C ILE C 252 1.59 -22.76 -41.17
N LYS C 253 0.85 -23.13 -42.22
CA LYS C 253 -0.62 -22.98 -42.31
C LYS C 253 -1.26 -23.48 -41.01
N THR C 254 -0.92 -24.70 -40.56
CA THR C 254 -1.48 -25.32 -39.33
C THR C 254 -1.15 -24.39 -38.14
N LEU C 255 0.09 -23.87 -38.05
CA LEU C 255 0.60 -23.09 -36.87
C LEU C 255 -0.14 -21.75 -36.75
N LEU C 256 -0.64 -21.20 -37.87
CA LEU C 256 -1.44 -19.95 -37.97
C LEU C 256 -2.87 -20.27 -38.38
N PRO C 257 -3.80 -20.60 -37.44
CA PRO C 257 -5.19 -20.83 -37.81
C PRO C 257 -5.82 -19.46 -38.11
N GLY C 258 -6.62 -19.42 -39.17
CA GLY C 258 -7.47 -18.28 -39.55
C GLY C 258 -8.61 -18.73 -40.44
N ALA C 259 -9.44 -17.77 -40.91
CA ALA C 259 -10.58 -17.97 -41.85
C ALA C 259 -10.10 -18.22 -43.28
N GLU C 260 -9.31 -17.31 -43.87
CA GLU C 260 -9.06 -17.22 -45.34
C GLU C 260 -7.78 -18.01 -45.65
N ASP C 261 -7.55 -18.33 -46.93
CA ASP C 261 -6.25 -18.88 -47.40
C ASP C 261 -5.24 -17.73 -47.36
N PRO C 262 -3.99 -18.01 -46.93
CA PRO C 262 -2.90 -17.06 -47.14
C PRO C 262 -2.60 -16.69 -48.61
N THR C 263 -2.45 -15.40 -48.92
CA THR C 263 -1.92 -14.92 -50.22
C THR C 263 -0.41 -15.28 -50.24
N VAL C 264 0.06 -15.96 -51.30
CA VAL C 264 1.47 -15.86 -51.82
C VAL C 264 1.32 -15.78 -53.35
N PRO C 266 6.64 -13.68 -54.98
CA PRO C 266 8.00 -13.28 -55.37
C PRO C 266 9.08 -13.99 -54.54
N LEU C 267 8.99 -13.99 -53.20
CA LEU C 267 9.93 -14.69 -52.29
C LEU C 267 9.28 -16.04 -51.91
N ALA C 275 6.92 -15.24 -49.98
CA ALA C 275 6.32 -14.24 -49.06
C ALA C 275 4.85 -14.58 -48.81
N VAL C 276 4.46 -14.68 -47.53
CA VAL C 276 3.08 -15.03 -47.08
C VAL C 276 2.48 -13.83 -46.35
N HIS C 277 1.26 -13.44 -46.76
CA HIS C 277 0.38 -12.45 -46.09
C HIS C 277 -0.83 -13.21 -45.59
N MET C 278 -1.28 -13.05 -44.36
CA MET C 278 -2.60 -13.56 -43.92
C MET C 278 -3.08 -12.93 -42.62
N VAL C 279 -4.34 -13.19 -42.25
CA VAL C 279 -4.99 -12.72 -40.99
C VAL C 279 -5.19 -13.88 -40.03
N SER C 280 -4.56 -13.88 -38.85
CA SER C 280 -4.75 -14.90 -37.80
C SER C 280 -6.07 -14.62 -37.08
N SER C 281 -6.72 -15.65 -36.57
CA SER C 281 -7.96 -15.59 -35.73
C SER C 281 -7.56 -15.48 -34.26
N GLU C 282 -6.35 -15.93 -33.89
CA GLU C 282 -5.83 -15.88 -32.49
C GLU C 282 -4.61 -14.95 -32.46
N ASN C 283 -4.27 -14.44 -31.28
CA ASN C 283 -2.98 -13.73 -31.02
C ASN C 283 -1.83 -14.71 -31.28
N LEU C 284 -0.78 -14.24 -31.97
CA LEU C 284 0.52 -14.95 -32.02
C LEU C 284 1.19 -14.83 -30.65
N PHE C 285 1.50 -15.97 -30.03
CA PHE C 285 2.43 -16.02 -28.87
C PHE C 285 3.88 -16.16 -29.32
N TRP C 286 4.79 -15.80 -28.43
CA TRP C 286 6.26 -15.90 -28.68
C TRP C 286 6.60 -17.32 -29.13
N GLU C 287 6.04 -18.30 -28.42
CA GLU C 287 6.25 -19.76 -28.63
C GLU C 287 5.95 -20.09 -30.10
N THR C 288 4.83 -19.59 -30.63
CA THR C 288 4.40 -19.79 -32.03
C THR C 288 5.41 -19.11 -32.98
N MET C 289 5.78 -17.86 -32.68
CA MET C 289 6.77 -17.11 -33.50
C MET C 289 8.08 -17.91 -33.55
N GLU C 290 8.46 -18.51 -32.41
CA GLU C 290 9.73 -19.28 -32.26
C GLU C 290 9.64 -20.56 -33.09
N GLN C 291 8.47 -21.23 -33.04
CA GLN C 291 8.12 -22.38 -33.92
C GLN C 291 8.35 -22.00 -35.38
N LEU C 292 7.88 -20.82 -35.79
CA LEU C 292 8.00 -20.35 -37.20
C LEU C 292 9.47 -20.14 -37.59
N LYS C 293 10.29 -19.53 -36.72
CA LYS C 293 11.73 -19.30 -37.04
C LYS C 293 12.37 -20.68 -37.22
N ALA C 294 12.03 -21.63 -36.33
CA ALA C 294 12.46 -23.05 -36.36
C ALA C 294 12.13 -23.73 -37.70
N LEU C 295 10.98 -23.46 -38.31
CA LEU C 295 10.63 -23.97 -39.66
C LEU C 295 11.49 -23.26 -40.71
N GLY C 296 12.22 -22.22 -40.30
CA GLY C 296 13.19 -21.50 -41.15
C GLY C 296 12.59 -20.24 -41.75
N ALA C 297 11.39 -19.82 -41.30
CA ALA C 297 10.70 -18.60 -41.72
C ALA C 297 11.43 -17.39 -41.16
N SER C 298 11.33 -16.26 -41.86
CA SER C 298 12.05 -15.01 -41.52
C SER C 298 11.14 -13.80 -41.72
N SER C 299 11.54 -12.66 -41.16
CA SER C 299 10.85 -11.35 -41.30
C SER C 299 9.38 -11.54 -40.94
N ILE C 300 9.13 -12.08 -39.75
CA ILE C 300 7.77 -12.28 -39.17
C ILE C 300 7.33 -10.90 -38.63
N LEU C 301 6.31 -10.31 -39.25
CA LEU C 301 5.65 -9.06 -38.80
C LEU C 301 4.23 -9.38 -38.36
N VAL C 302 3.77 -8.65 -37.35
CA VAL C 302 2.37 -8.70 -36.86
C VAL C 302 1.88 -7.27 -36.78
N LEU C 303 0.92 -6.90 -37.60
CA LEU C 303 0.35 -5.53 -37.62
C LEU C 303 -0.99 -5.61 -36.90
N PRO C 304 -1.33 -4.56 -36.14
CA PRO C 304 -2.62 -4.50 -35.47
C PRO C 304 -3.77 -4.19 -36.42
N ILE C 305 -4.97 -4.56 -35.97
CA ILE C 305 -6.27 -4.33 -36.67
C ILE C 305 -7.18 -3.61 -35.69
N GLU C 306 -7.50 -2.36 -35.99
CA GLU C 306 -8.25 -1.41 -35.12
C GLU C 306 -9.72 -1.84 -35.07
N LYS C 307 -10.25 -2.32 -36.18
CA LYS C 307 -11.68 -2.51 -36.36
C LYS C 307 -11.87 -3.56 -37.45
N MET C 308 -12.92 -4.37 -37.33
CA MET C 308 -13.23 -5.31 -38.44
C MET C 308 -14.69 -5.77 -38.34
N MET C 309 -15.12 -6.47 -39.39
CA MET C 309 -16.43 -7.10 -39.57
C MET C 309 -16.23 -8.17 -40.65
N GLU C 310 -16.19 -9.44 -40.26
CA GLU C 310 -16.18 -10.60 -41.20
C GLU C 310 -17.49 -10.54 -42.01
N THR D 15 16.13 -27.31 -8.20
CA THR D 15 17.44 -27.20 -7.45
C THR D 15 17.96 -25.78 -7.69
N GLN D 16 17.95 -25.29 -8.93
CA GLN D 16 18.27 -23.87 -9.23
C GLN D 16 17.43 -23.31 -10.39
N ARG D 17 16.55 -22.41 -10.02
CA ARG D 17 15.83 -21.50 -10.96
C ARG D 17 16.75 -20.31 -11.28
N LEU D 18 16.50 -19.66 -12.41
CA LEU D 18 17.23 -18.48 -12.94
C LEU D 18 16.94 -17.30 -12.04
N ARG D 19 17.94 -16.66 -11.43
CA ARG D 19 17.66 -15.59 -10.45
C ARG D 19 18.03 -14.26 -11.12
N ILE D 20 17.10 -13.31 -11.13
CA ILE D 20 17.17 -11.99 -11.82
C ILE D 20 17.02 -10.88 -10.79
N ALA D 21 17.96 -9.93 -10.75
CA ALA D 21 17.91 -8.83 -9.79
C ALA D 21 17.37 -7.60 -10.51
N ILE D 22 16.37 -6.98 -9.92
CA ILE D 22 15.68 -5.76 -10.42
C ILE D 22 15.64 -4.80 -9.25
N GLN D 23 15.82 -3.52 -9.51
CA GLN D 23 15.62 -2.48 -8.48
C GLN D 23 14.21 -2.64 -7.91
N LYS D 24 14.05 -2.60 -6.58
CA LYS D 24 12.74 -2.84 -5.91
C LYS D 24 11.73 -1.77 -6.28
N LYS D 25 12.02 -0.50 -6.00
CA LYS D 25 11.07 0.61 -6.25
C LYS D 25 11.88 1.74 -6.90
N GLY D 26 11.31 2.34 -7.94
CA GLY D 26 11.91 3.34 -8.84
C GLY D 26 11.32 3.26 -10.24
N ARG D 27 11.47 4.30 -11.05
CA ARG D 27 10.96 4.32 -12.46
C ARG D 27 11.61 3.12 -13.17
N LEU D 28 12.92 2.88 -12.94
CA LEU D 28 13.67 1.71 -13.47
C LEU D 28 12.99 0.37 -13.13
N SER D 29 12.35 0.25 -11.99
CA SER D 29 11.64 -1.01 -11.63
C SER D 29 10.50 -1.31 -12.61
N GLN D 30 9.50 -0.43 -12.72
CA GLN D 30 8.31 -0.63 -13.61
C GLN D 30 8.81 -1.02 -15.02
N GLU D 31 9.75 -0.28 -15.62
CA GLU D 31 10.19 -0.50 -17.03
C GLU D 31 10.81 -1.90 -17.14
N CYS D 32 11.44 -2.41 -16.08
CA CYS D 32 12.08 -3.76 -16.08
C CYS D 32 11.01 -4.85 -15.96
N GLN D 33 10.09 -4.69 -15.02
CA GLN D 33 8.96 -5.61 -14.86
C GLN D 33 8.19 -5.67 -16.18
N GLU D 34 7.84 -4.51 -16.71
CA GLU D 34 7.09 -4.40 -17.99
C GLU D 34 7.80 -5.23 -19.08
N LEU D 35 9.11 -5.16 -19.20
CA LEU D 35 9.84 -5.84 -20.31
C LEU D 35 9.80 -7.36 -20.09
N LEU D 36 10.00 -7.83 -18.87
CA LEU D 36 9.89 -9.27 -18.58
C LEU D 36 8.49 -9.78 -18.96
N LYS D 37 7.44 -9.00 -18.70
CA LYS D 37 6.04 -9.38 -18.99
C LYS D 37 5.86 -9.37 -20.51
N LYS D 38 6.31 -8.33 -21.22
CA LYS D 38 6.22 -8.24 -22.69
C LYS D 38 6.93 -9.46 -23.30
N CYS D 39 7.82 -10.13 -22.55
CA CYS D 39 8.59 -11.30 -23.05
C CYS D 39 7.92 -12.58 -22.56
N GLY D 40 6.73 -12.46 -22.00
CA GLY D 40 5.89 -13.62 -21.62
C GLY D 40 6.32 -14.24 -20.30
N VAL D 41 7.02 -13.51 -19.44
CA VAL D 41 7.27 -13.93 -18.04
C VAL D 41 6.11 -13.41 -17.18
N LYS D 42 5.31 -14.34 -16.65
CA LYS D 42 4.14 -14.03 -15.79
C LYS D 42 4.64 -14.10 -14.34
N PHE D 43 4.21 -13.17 -13.49
CA PHE D 43 4.52 -13.13 -12.02
C PHE D 43 3.67 -12.05 -11.37
N ASN D 44 3.39 -12.17 -10.06
CA ASN D 44 2.77 -11.09 -9.26
C ASN D 44 3.69 -10.73 -8.11
N ILE D 45 3.92 -9.41 -7.92
CA ILE D 45 4.58 -8.86 -6.70
C ILE D 45 3.55 -8.93 -5.59
N MET D 46 3.83 -9.74 -4.55
CA MET D 46 3.00 -9.91 -3.32
C MET D 46 3.47 -8.85 -2.33
N GLY D 47 3.05 -7.59 -2.50
CA GLY D 47 3.69 -6.34 -2.04
C GLY D 47 4.50 -6.45 -0.76
N GLU D 48 5.73 -5.98 -0.79
CA GLU D 48 6.70 -5.89 0.34
C GLU D 48 7.45 -7.22 0.50
N ARG D 49 6.97 -8.34 -0.08
CA ARG D 49 7.80 -9.55 -0.31
C ARG D 49 8.73 -9.28 -1.50
N LEU D 50 10.00 -9.61 -1.32
CA LEU D 50 11.13 -9.16 -2.17
C LEU D 50 11.67 -10.31 -3.01
N VAL D 51 11.38 -11.56 -2.68
CA VAL D 51 11.53 -12.67 -3.67
C VAL D 51 10.19 -12.84 -4.36
N VAL D 52 10.18 -12.75 -5.69
CA VAL D 52 8.99 -12.94 -6.57
C VAL D 52 9.24 -14.16 -7.47
N HIS D 53 8.38 -15.17 -7.39
CA HIS D 53 8.53 -16.43 -8.18
C HIS D 53 7.68 -16.31 -9.44
N SER D 54 8.23 -16.60 -10.62
CA SER D 54 7.46 -16.57 -11.90
C SER D 54 6.46 -17.72 -11.86
N LEU D 55 5.21 -17.46 -12.30
CA LEU D 55 4.14 -18.48 -12.37
C LEU D 55 4.46 -19.49 -13.47
N ASN D 56 4.94 -19.05 -14.64
CA ASN D 56 4.96 -19.91 -15.85
C ASN D 56 6.37 -20.27 -16.31
N MET D 57 7.40 -19.79 -15.63
CA MET D 57 8.81 -20.00 -16.07
C MET D 57 9.68 -20.24 -14.86
N PRO D 58 10.76 -21.04 -15.01
CA PRO D 58 11.66 -21.34 -13.89
C PRO D 58 12.57 -20.15 -13.57
N ILE D 59 11.99 -19.04 -13.09
CA ILE D 59 12.64 -17.73 -12.88
C ILE D 59 12.24 -17.18 -11.52
N ASP D 60 13.21 -16.73 -10.71
CA ASP D 60 13.01 -15.89 -9.51
C ASP D 60 13.48 -14.45 -9.78
N LEU D 61 12.72 -13.47 -9.29
CA LEU D 61 13.08 -12.04 -9.27
C LEU D 61 13.46 -11.70 -7.85
N LEU D 62 14.56 -10.95 -7.67
CA LEU D 62 14.96 -10.39 -6.38
C LEU D 62 14.87 -8.87 -6.50
N LEU D 63 14.09 -8.27 -5.61
CA LEU D 63 13.80 -6.82 -5.61
C LEU D 63 14.73 -6.22 -4.57
N VAL D 64 15.84 -5.65 -5.03
CA VAL D 64 16.99 -5.22 -4.19
C VAL D 64 17.22 -3.74 -4.51
N ARG D 65 18.10 -3.06 -3.77
CA ARG D 65 18.60 -1.70 -4.16
C ARG D 65 19.48 -1.82 -5.40
N ASP D 66 19.31 -0.92 -6.37
CA ASP D 66 20.08 -0.87 -7.64
C ASP D 66 21.57 -0.91 -7.33
N ASP D 67 22.01 -0.20 -6.29
CA ASP D 67 23.44 -0.05 -5.88
C ASP D 67 24.12 -1.41 -5.62
N ASP D 68 23.35 -2.40 -5.20
CA ASP D 68 23.87 -3.74 -4.78
C ASP D 68 23.94 -4.69 -5.97
N ILE D 69 23.30 -4.34 -7.09
CA ILE D 69 23.09 -5.31 -8.21
C ILE D 69 24.41 -5.65 -8.89
N PRO D 70 25.32 -4.70 -9.14
CA PRO D 70 26.59 -5.06 -9.79
C PRO D 70 27.33 -6.02 -8.86
N GLY D 71 27.48 -5.63 -7.59
CA GLY D 71 27.99 -6.48 -6.50
C GLY D 71 27.41 -7.90 -6.56
N LEU D 72 26.09 -8.07 -6.61
CA LEU D 72 25.48 -9.41 -6.61
C LEU D 72 25.87 -10.17 -7.88
N ILE D 73 25.90 -9.52 -9.03
CA ILE D 73 26.16 -10.16 -10.34
C ILE D 73 27.61 -10.61 -10.35
N MET D 74 28.47 -9.79 -9.77
CA MET D 74 29.95 -9.95 -9.81
C MET D 74 30.34 -11.12 -8.87
N ASP D 75 29.59 -11.29 -7.79
CA ASP D 75 29.77 -12.39 -6.80
C ASP D 75 28.91 -13.61 -7.19
N GLY D 76 28.42 -13.70 -8.44
CA GLY D 76 27.69 -14.89 -8.94
C GLY D 76 26.41 -15.21 -8.18
N VAL D 77 26.04 -14.38 -7.20
CA VAL D 77 24.91 -14.68 -6.27
C VAL D 77 23.58 -14.60 -7.00
N VAL D 78 23.51 -13.89 -8.14
CA VAL D 78 22.30 -13.89 -9.03
C VAL D 78 22.83 -14.15 -10.44
N ASP D 79 21.95 -14.42 -11.40
CA ASP D 79 22.36 -14.85 -12.75
C ASP D 79 22.30 -13.64 -13.67
N LEU D 80 21.20 -12.90 -13.63
CA LEU D 80 20.99 -11.70 -14.48
C LEU D 80 20.66 -10.51 -13.59
N GLY D 81 20.89 -9.32 -14.11
CA GLY D 81 20.67 -8.08 -13.36
C GLY D 81 20.41 -6.92 -14.28
N PHE D 82 19.42 -6.11 -13.93
CA PHE D 82 19.04 -4.86 -14.63
C PHE D 82 19.54 -3.70 -13.77
N VAL D 83 20.33 -2.82 -14.36
CA VAL D 83 21.02 -1.78 -13.56
C VAL D 83 21.50 -0.64 -14.46
N GLY D 84 21.53 0.57 -13.91
CA GLY D 84 22.16 1.73 -14.57
C GLY D 84 23.62 1.48 -14.88
N GLU D 85 23.99 1.64 -16.14
CA GLU D 85 25.39 1.73 -16.63
C GLU D 85 26.21 2.62 -15.69
N ASN D 86 25.66 3.69 -15.15
CA ASN D 86 26.43 4.58 -14.22
C ASN D 86 26.76 3.84 -12.91
N VAL D 87 25.80 3.21 -12.25
CA VAL D 87 26.03 2.49 -10.95
C VAL D 87 27.01 1.32 -11.22
N LEU D 88 26.85 0.66 -12.36
CA LEU D 88 27.63 -0.52 -12.70
C LEU D 88 29.10 -0.12 -12.78
N GLU D 89 29.41 0.90 -13.57
CA GLU D 89 30.81 1.28 -13.85
C GLU D 89 31.41 1.87 -12.57
N GLU D 90 30.66 2.67 -11.84
CA GLU D 90 31.18 3.16 -10.53
C GLU D 90 31.52 1.97 -9.63
N THR D 91 30.71 0.94 -9.56
CA THR D 91 30.98 -0.14 -8.56
C THR D 91 32.16 -0.98 -9.07
N ARG D 92 32.21 -1.26 -10.37
CA ARG D 92 33.36 -1.96 -11.00
C ARG D 92 34.67 -1.28 -10.59
N LEU D 93 34.79 0.04 -10.76
CA LEU D 93 35.97 0.82 -10.40
C LEU D 93 36.17 0.82 -8.88
N ASP D 94 35.17 1.06 -8.02
CA ASP D 94 35.34 0.99 -6.53
C ASP D 94 35.93 -0.37 -6.20
N ARG D 95 35.55 -1.42 -6.92
CA ARG D 95 36.04 -2.80 -6.63
C ARG D 95 37.45 -3.02 -7.17
N LEU D 96 37.72 -2.62 -8.41
CA LEU D 96 39.06 -2.75 -9.01
C LEU D 96 40.08 -2.07 -8.07
N ALA D 97 39.66 -1.02 -7.36
CA ALA D 97 40.49 -0.30 -6.37
C ALA D 97 40.76 -1.14 -5.11
N LEU D 98 40.04 -2.26 -4.89
CA LEU D 98 40.19 -3.17 -3.72
C LEU D 98 40.50 -4.61 -4.16
N ASN D 99 40.97 -4.76 -5.40
CA ASN D 99 41.30 -6.05 -6.08
C ASN D 99 40.17 -7.09 -5.93
N GLN D 100 38.93 -6.65 -5.62
CA GLN D 100 37.71 -7.49 -5.58
C GLN D 100 37.26 -7.83 -7.02
N ARG D 101 36.66 -9.02 -7.19
CA ARG D 101 36.21 -9.54 -8.50
C ARG D 101 35.18 -8.52 -9.02
N ASN D 102 35.36 -8.16 -10.29
CA ASN D 102 34.62 -7.06 -10.94
C ASN D 102 34.25 -7.48 -12.37
N GLU D 103 34.24 -8.78 -12.64
CA GLU D 103 33.98 -9.31 -14.00
C GLU D 103 32.50 -9.68 -14.11
N PHE D 104 31.95 -9.42 -15.29
CA PHE D 104 30.58 -9.76 -15.70
C PHE D 104 30.46 -9.64 -17.22
N THR D 105 29.37 -10.13 -17.76
CA THR D 105 29.09 -10.13 -19.20
C THR D 105 27.87 -9.26 -19.46
N THR D 106 27.97 -8.30 -20.38
CA THR D 106 26.83 -7.44 -20.79
C THR D 106 26.04 -8.15 -21.92
N LEU D 107 24.75 -8.40 -21.68
CA LEU D 107 23.92 -9.16 -22.62
C LEU D 107 23.24 -8.19 -23.59
N ARG D 108 22.77 -7.04 -23.11
CA ARG D 108 22.01 -6.09 -23.96
C ARG D 108 21.87 -4.74 -23.27
N ARG D 109 21.92 -3.66 -24.05
CA ARG D 109 21.62 -2.30 -23.53
C ARG D 109 20.11 -2.05 -23.67
N MET D 110 19.47 -1.54 -22.63
CA MET D 110 18.03 -1.22 -22.66
C MET D 110 17.82 0.10 -23.39
N ASP D 111 16.60 0.33 -23.94
CA ASP D 111 16.20 1.66 -24.48
C ASP D 111 15.45 2.42 -23.37
N PHE D 112 15.90 2.35 -22.12
CA PHE D 112 15.34 3.11 -20.97
C PHE D 112 16.39 3.31 -19.87
N GLY D 113 16.06 4.15 -18.88
CA GLY D 113 16.93 4.52 -17.74
C GLY D 113 17.98 5.54 -18.13
N GLY D 114 17.83 6.17 -19.29
CA GLY D 114 18.70 7.26 -19.77
C GLY D 114 18.88 8.33 -18.70
N CYS D 115 20.09 8.84 -18.57
CA CYS D 115 20.48 9.93 -17.65
C CYS D 115 21.98 10.13 -17.87
N ARG D 116 22.53 11.19 -17.31
CA ARG D 116 23.92 11.54 -17.60
C ARG D 116 24.53 12.17 -16.37
N LEU D 117 25.78 11.82 -16.12
CA LEU D 117 26.64 12.50 -15.15
C LEU D 117 27.20 13.72 -15.84
N SER D 118 26.97 14.89 -15.27
CA SER D 118 27.38 16.18 -15.86
C SER D 118 28.10 17.01 -14.80
N ILE D 119 29.05 17.80 -15.24
CA ILE D 119 29.68 18.79 -14.33
C ILE D 119 28.74 19.98 -14.30
N ALA D 120 28.48 20.55 -13.14
CA ALA D 120 27.68 21.78 -12.98
C ALA D 120 28.43 22.77 -12.12
N ILE D 121 28.33 24.05 -12.47
CA ILE D 121 28.90 25.18 -11.67
C ILE D 121 27.77 26.15 -11.40
N GLU D 122 28.07 27.20 -10.63
CA GLU D 122 27.14 28.34 -10.40
C GLU D 122 26.85 29.09 -11.70
N LYS D 123 25.61 29.57 -11.89
CA LYS D 123 25.14 30.32 -13.08
C LYS D 123 26.16 31.44 -13.36
N ASP D 124 26.49 32.26 -12.35
CA ASP D 124 27.32 33.47 -12.49
C ASP D 124 28.80 33.06 -12.58
N ALA D 125 29.19 32.13 -13.47
CA ALA D 125 30.59 31.64 -13.54
C ALA D 125 30.93 31.22 -14.96
N GLU D 126 32.14 31.55 -15.40
CA GLU D 126 32.60 31.33 -16.79
C GLU D 126 33.28 29.94 -16.83
N TYR D 127 33.03 29.16 -17.88
CA TYR D 127 33.63 27.82 -18.11
C TYR D 127 34.01 27.68 -19.59
N ARG D 128 35.30 27.73 -19.88
CA ARG D 128 35.86 27.61 -21.25
C ARG D 128 36.07 26.13 -21.56
N GLY D 129 36.21 25.26 -20.55
CA GLY D 129 36.41 23.80 -20.68
C GLY D 129 36.91 23.11 -19.40
N PRO D 130 37.10 21.78 -19.39
CA PRO D 130 37.50 21.04 -18.18
C PRO D 130 38.70 21.61 -17.41
N GLN D 131 39.68 22.15 -18.12
CA GLN D 131 40.90 22.70 -17.52
C GLN D 131 40.55 23.86 -16.57
N ASP D 132 39.37 24.47 -16.71
CA ASP D 132 38.88 25.53 -15.77
C ASP D 132 38.59 24.95 -14.37
N LEU D 133 38.63 23.62 -14.22
CA LEU D 133 38.38 22.92 -12.92
C LEU D 133 39.70 22.56 -12.25
N ASN D 134 40.80 22.62 -12.97
CA ASN D 134 42.16 22.33 -12.45
C ASN D 134 42.29 23.04 -11.11
N GLY D 135 42.45 22.26 -10.03
CA GLY D 135 42.75 22.79 -8.69
C GLY D 135 41.50 23.02 -7.86
N LYS D 136 40.32 22.92 -8.45
CA LYS D 136 39.04 23.16 -7.75
C LYS D 136 38.65 21.87 -7.02
N ARG D 137 37.86 21.99 -5.95
CA ARG D 137 37.16 20.88 -5.25
C ARG D 137 35.86 20.61 -6.01
N ILE D 138 35.51 19.34 -6.25
CA ILE D 138 34.26 18.93 -6.95
C ILE D 138 33.45 17.94 -6.11
N ALA D 139 32.16 18.19 -5.87
CA ALA D 139 31.30 17.28 -5.08
C ALA D 139 30.57 16.31 -6.00
N THR D 140 30.47 15.05 -5.61
CA THR D 140 29.85 14.00 -6.44
C THR D 140 29.53 12.76 -5.60
N THR D 141 28.52 12.03 -6.09
CA THR D 141 28.17 10.71 -5.54
C THR D 141 28.86 9.66 -6.40
N TYR D 142 29.63 10.07 -7.40
CA TYR D 142 30.27 9.15 -8.37
C TYR D 142 31.73 9.50 -8.48
N PRO D 143 32.47 9.34 -7.36
CA PRO D 143 33.85 9.79 -7.30
C PRO D 143 34.69 9.03 -8.33
N GLN D 144 34.39 7.77 -8.57
CA GLN D 144 35.21 6.96 -9.50
C GLN D 144 35.04 7.46 -10.94
N LEU D 145 33.82 7.69 -11.38
CA LEU D 145 33.49 8.13 -12.77
C LEU D 145 34.05 9.52 -13.00
N LEU D 146 34.03 10.34 -11.95
CA LEU D 146 34.61 11.71 -11.98
C LEU D 146 36.11 11.57 -12.17
N LYS D 147 36.78 10.72 -11.39
CA LYS D 147 38.25 10.50 -11.51
C LYS D 147 38.58 10.04 -12.93
N ALA D 148 37.89 9.02 -13.42
CA ALA D 148 38.09 8.50 -14.79
C ALA D 148 38.04 9.66 -15.78
N TYR D 149 37.02 10.52 -15.68
CA TYR D 149 36.88 11.68 -16.62
C TYR D 149 38.08 12.64 -16.48
N MET D 150 38.39 13.06 -15.26
CA MET D 150 39.41 14.09 -15.04
C MET D 150 40.79 13.52 -15.38
N ASP D 151 41.03 12.22 -15.21
CA ASP D 151 42.35 11.63 -15.58
C ASP D 151 42.48 11.70 -17.09
N ARG D 152 41.39 11.46 -17.80
CA ARG D 152 41.33 11.44 -19.28
C ARG D 152 41.60 12.85 -19.82
N GLN D 153 41.20 13.88 -19.08
CA GLN D 153 41.39 15.30 -19.47
C GLN D 153 42.68 15.86 -18.86
N GLY D 154 43.36 15.05 -18.06
CA GLY D 154 44.62 15.42 -17.39
C GLY D 154 44.48 16.62 -16.46
N VAL D 155 43.42 16.67 -15.65
CA VAL D 155 43.12 17.82 -14.77
C VAL D 155 43.08 17.36 -13.33
N ASP D 156 43.73 18.10 -12.44
CA ASP D 156 43.86 17.71 -11.02
C ASP D 156 42.77 18.46 -10.28
N PHE D 157 42.15 17.81 -9.28
CA PHE D 157 41.00 18.35 -8.50
C PHE D 157 40.95 17.69 -7.13
N SER D 158 40.29 18.30 -6.14
CA SER D 158 39.92 17.70 -4.82
C SER D 158 38.55 17.08 -5.00
N THR D 159 38.16 16.08 -4.16
CA THR D 159 36.76 15.59 -4.11
C THR D 159 36.07 16.08 -2.83
N CYS D 160 34.75 16.10 -2.87
CA CYS D 160 33.86 16.20 -1.70
C CYS D 160 32.77 15.15 -1.89
N MET D 161 32.91 14.00 -1.21
CA MET D 161 31.96 12.87 -1.36
C MET D 161 30.72 13.15 -0.50
N LEU D 162 29.57 13.15 -1.15
CA LEU D 162 28.24 13.18 -0.52
C LEU D 162 27.41 12.12 -1.23
N THR D 163 26.58 11.40 -0.47
CA THR D 163 25.82 10.23 -0.95
C THR D 163 24.54 10.72 -1.62
N GLY D 164 24.24 12.03 -1.51
CA GLY D 164 23.13 12.75 -2.18
C GLY D 164 23.10 14.23 -1.83
N SER D 165 22.09 14.93 -2.37
CA SER D 165 21.91 16.42 -2.24
C SER D 165 23.21 17.09 -2.66
N VAL D 166 23.83 16.53 -3.70
CA VAL D 166 25.10 17.04 -4.26
C VAL D 166 24.94 18.53 -4.58
N GLU D 167 23.75 18.92 -5.07
CA GLU D 167 23.48 20.25 -5.67
C GLU D 167 23.65 21.35 -4.61
N VAL D 168 23.68 20.97 -3.32
CA VAL D 168 23.92 21.88 -2.18
C VAL D 168 25.34 22.48 -2.21
N ALA D 169 26.32 21.80 -2.77
CA ALA D 169 27.73 21.93 -2.33
C ALA D 169 28.34 23.30 -2.61
N PRO D 170 28.15 23.88 -3.83
CA PRO D 170 28.73 25.17 -4.20
C PRO D 170 28.24 26.35 -3.35
N ARG D 171 26.93 26.56 -3.32
CA ARG D 171 26.25 27.63 -2.50
C ARG D 171 26.64 27.43 -1.03
N ALA D 172 26.93 26.22 -0.58
CA ALA D 172 27.19 25.89 0.84
C ALA D 172 28.67 26.06 1.17
N GLY D 173 29.49 26.32 0.14
CA GLY D 173 30.94 26.52 0.26
C GLY D 173 31.66 25.24 0.59
N LEU D 174 31.20 24.14 0.00
CA LEU D 174 31.69 22.75 0.23
C LEU D 174 32.57 22.32 -0.93
N ALA D 175 32.42 23.00 -2.07
CA ALA D 175 33.03 22.65 -3.36
C ALA D 175 32.81 23.75 -4.38
N ASP D 176 33.72 23.83 -5.35
CA ASP D 176 33.70 24.86 -6.44
C ASP D 176 32.73 24.39 -7.51
N ALA D 177 32.52 23.09 -7.69
CA ALA D 177 31.59 22.55 -8.70
C ALA D 177 31.10 21.18 -8.23
N ILE D 178 30.23 20.56 -9.03
CA ILE D 178 29.65 19.25 -8.70
C ILE D 178 29.58 18.44 -9.97
N ALA D 179 29.39 17.14 -9.80
CA ALA D 179 29.12 16.19 -10.89
C ALA D 179 27.93 15.36 -10.44
N ASP D 180 26.78 15.59 -11.05
CA ASP D 180 25.54 14.90 -10.64
C ASP D 180 24.88 14.25 -11.85
N LEU D 181 24.01 13.30 -11.55
CA LEU D 181 22.97 12.81 -12.47
C LEU D 181 22.04 13.97 -12.77
N VAL D 182 21.57 14.00 -14.01
CA VAL D 182 20.69 15.07 -14.53
C VAL D 182 19.78 14.42 -15.59
N SER D 183 18.57 14.97 -15.67
CA SER D 183 17.55 14.69 -16.72
C SER D 183 16.93 16.02 -17.17
N THR D 184 16.34 16.75 -16.22
CA THR D 184 15.63 18.03 -16.46
C THR D 184 16.62 19.17 -16.22
N GLY D 185 17.14 19.36 -14.99
CA GLY D 185 17.89 20.57 -14.59
C GLY D 185 17.11 21.42 -13.61
N ALA D 186 15.95 20.93 -13.18
CA ALA D 186 15.07 21.60 -12.19
C ALA D 186 15.89 21.91 -10.93
N THR D 187 16.44 20.85 -10.37
CA THR D 187 17.22 20.89 -9.10
C THR D 187 18.38 21.88 -9.27
N LEU D 188 18.96 21.93 -10.47
CA LEU D 188 20.16 22.74 -10.77
C LEU D 188 19.77 24.23 -10.67
N GLU D 189 18.75 24.64 -11.46
CA GLU D 189 18.21 26.05 -11.45
C GLU D 189 17.87 26.41 -9.99
N ALA D 190 17.13 25.55 -9.29
CA ALA D 190 16.69 25.76 -7.88
C ALA D 190 17.88 26.08 -6.99
N ASN D 191 19.08 25.58 -7.33
CA ASN D 191 20.26 25.61 -6.42
C ASN D 191 21.35 26.48 -7.01
N GLY D 192 21.05 27.14 -8.12
CA GLY D 192 21.87 28.23 -8.66
C GLY D 192 22.93 27.71 -9.60
N LEU D 193 22.69 26.57 -10.26
CA LEU D 193 23.72 25.84 -11.01
C LEU D 193 23.26 25.61 -12.46
N LYS D 194 24.23 25.40 -13.36
CA LYS D 194 23.99 25.06 -14.78
C LYS D 194 24.87 23.88 -15.15
N GLU D 195 24.31 22.92 -15.88
CA GLU D 195 25.09 21.84 -16.52
C GLU D 195 26.05 22.50 -17.50
N VAL D 196 27.31 22.09 -17.58
CA VAL D 196 28.30 22.71 -18.52
C VAL D 196 29.12 21.63 -19.21
N GLU D 197 28.95 20.35 -18.88
CA GLU D 197 29.80 19.26 -19.44
C GLU D 197 29.28 17.87 -19.06
N VAL D 198 28.90 17.10 -20.08
CA VAL D 198 28.48 15.68 -19.95
C VAL D 198 29.76 14.85 -19.84
N ILE D 199 29.92 14.08 -18.77
CA ILE D 199 31.12 13.22 -18.58
C ILE D 199 30.74 11.75 -18.76
N PHE D 200 29.46 11.40 -18.60
CA PHE D 200 29.00 10.01 -18.75
C PHE D 200 27.53 10.00 -19.11
N GLU D 201 27.17 9.21 -20.12
CA GLU D 201 25.79 8.97 -20.57
C GLU D 201 25.48 7.53 -20.22
N SER D 202 24.47 7.28 -19.40
CA SER D 202 24.05 5.95 -18.92
C SER D 202 22.72 5.59 -19.56
N LYS D 203 22.51 4.31 -19.86
CA LYS D 203 21.17 3.70 -19.91
C LYS D 203 21.18 2.52 -18.92
N ALA D 204 20.02 1.93 -18.65
CA ALA D 204 19.97 0.63 -17.96
C ALA D 204 20.58 -0.38 -18.92
N THR D 205 21.04 -1.50 -18.40
CA THR D 205 21.75 -2.54 -19.16
C THR D 205 21.40 -3.86 -18.49
N LEU D 206 21.41 -4.93 -19.27
CA LEU D 206 21.15 -6.27 -18.71
C LEU D 206 22.47 -7.02 -18.71
N ILE D 207 22.98 -7.34 -17.51
CA ILE D 207 24.28 -8.03 -17.33
C ILE D 207 24.04 -9.42 -16.77
N GLN D 208 25.03 -10.29 -16.96
CA GLN D 208 25.04 -11.73 -16.57
C GLN D 208 26.24 -11.96 -15.65
N ARG D 209 26.03 -12.70 -14.56
CA ARG D 209 27.14 -13.17 -13.68
C ARG D 209 28.19 -13.85 -14.55
N PRO D 210 29.45 -13.84 -14.13
CA PRO D 210 30.48 -14.60 -14.86
C PRO D 210 30.38 -16.08 -14.45
N GLY D 211 30.94 -16.94 -15.31
CA GLY D 211 31.12 -18.38 -15.08
C GLY D 211 30.24 -19.22 -16.00
N ALA D 212 30.13 -20.51 -15.69
CA ALA D 212 29.47 -21.52 -16.56
C ALA D 212 27.97 -21.57 -16.24
N PHE D 213 27.16 -21.92 -17.22
CA PHE D 213 25.68 -22.04 -17.08
C PHE D 213 25.29 -23.47 -17.48
N ALA D 214 24.43 -24.12 -16.70
CA ALA D 214 23.67 -25.30 -17.18
C ALA D 214 23.00 -24.95 -18.51
N ALA D 215 23.05 -25.85 -19.50
CA ALA D 215 22.57 -25.60 -20.89
C ALA D 215 21.08 -25.27 -20.92
N ASP D 216 20.26 -25.83 -20.03
CA ASP D 216 18.83 -25.44 -19.84
C ASP D 216 18.76 -23.94 -19.55
N LYS D 217 19.45 -23.48 -18.49
CA LYS D 217 19.50 -22.07 -18.04
C LYS D 217 20.10 -21.21 -19.17
N ALA D 218 21.08 -21.72 -19.90
CA ALA D 218 21.68 -21.03 -21.06
C ALA D 218 20.59 -20.79 -22.09
N ALA D 219 19.87 -21.86 -22.46
CA ALA D 219 18.80 -21.85 -23.49
C ALA D 219 17.73 -20.85 -23.09
N LEU D 220 17.41 -20.78 -21.80
CA LEU D 220 16.35 -19.90 -21.27
C LEU D 220 16.74 -18.43 -21.50
N ILE D 221 17.93 -18.05 -21.08
CA ILE D 221 18.46 -16.67 -21.23
C ILE D 221 18.48 -16.31 -22.72
N ASP D 222 18.81 -17.28 -23.57
CA ASP D 222 18.89 -17.04 -25.02
C ASP D 222 17.49 -16.78 -25.56
N LYS D 223 16.51 -17.56 -25.11
CA LYS D 223 15.09 -17.38 -25.51
C LYS D 223 14.67 -15.96 -25.12
N LEU D 224 14.90 -15.59 -23.85
CA LEU D 224 14.52 -14.29 -23.28
C LEU D 224 15.16 -13.16 -24.11
N LEU D 225 16.47 -13.23 -24.32
CA LEU D 225 17.20 -12.22 -25.11
C LEU D 225 16.57 -12.09 -26.49
N THR D 226 16.33 -13.18 -27.20
CA THR D 226 15.79 -13.13 -28.60
C THR D 226 14.44 -12.41 -28.56
N ARG D 227 13.65 -12.63 -27.52
CA ARG D 227 12.33 -11.99 -27.33
C ARG D 227 12.55 -10.48 -27.11
N MET D 228 13.49 -10.11 -26.26
CA MET D 228 13.79 -8.68 -25.96
C MET D 228 14.19 -7.99 -27.27
N HIS D 229 14.97 -8.67 -28.09
CA HIS D 229 15.43 -8.17 -29.40
C HIS D 229 14.21 -7.86 -30.26
N GLY D 230 13.24 -8.76 -30.23
CA GLY D 230 11.99 -8.64 -30.99
C GLY D 230 11.14 -7.49 -30.50
N VAL D 231 11.09 -7.30 -29.18
CA VAL D 231 10.28 -6.21 -28.59
C VAL D 231 10.87 -4.89 -29.06
N GLN D 232 12.21 -4.78 -29.03
CA GLN D 232 12.91 -3.54 -29.43
C GLN D 232 12.69 -3.36 -30.93
N GLN D 233 12.86 -4.41 -31.72
CA GLN D 233 12.85 -4.28 -33.21
C GLN D 233 11.47 -3.80 -33.65
N ALA D 234 10.40 -4.22 -32.96
CA ALA D 234 9.00 -3.83 -33.27
C ALA D 234 8.78 -2.37 -32.90
N LYS D 235 9.40 -1.89 -31.82
CA LYS D 235 9.27 -0.47 -31.38
C LYS D 235 9.86 0.39 -32.49
N GLU D 236 11.05 0.02 -32.96
CA GLU D 236 11.90 0.82 -33.88
C GLU D 236 11.30 0.74 -35.29
N SER D 237 11.04 -0.49 -35.76
CA SER D 237 10.72 -0.82 -37.18
C SER D 237 9.31 -0.32 -37.54
N LYS D 238 9.04 -0.17 -38.84
CA LYS D 238 7.78 0.36 -39.41
C LYS D 238 7.53 -0.28 -40.78
N TYR D 239 6.29 -0.56 -41.16
CA TYR D 239 5.93 -1.07 -42.50
C TYR D 239 5.61 0.16 -43.34
N ILE D 240 6.39 0.40 -44.40
CA ILE D 240 6.24 1.61 -45.26
C ILE D 240 5.76 1.20 -46.65
N MET D 241 4.76 1.91 -47.17
CA MET D 241 4.25 1.70 -48.55
C MET D 241 4.32 3.05 -49.24
N LEU D 242 4.88 3.11 -50.45
CA LEU D 242 4.93 4.37 -51.25
C LEU D 242 4.95 4.09 -52.75
N HIS D 243 4.61 5.14 -53.51
CA HIS D 243 4.78 5.27 -54.98
C HIS D 243 6.02 6.13 -55.25
N VAL D 246 7.83 7.01 -58.22
CA VAL D 246 7.97 5.87 -59.18
C VAL D 246 9.39 5.84 -59.76
N GLU D 247 9.94 4.63 -59.92
CA GLU D 247 11.08 4.29 -60.81
C GLU D 247 12.38 5.00 -60.38
N LYS D 248 12.45 5.60 -59.18
CA LYS D 248 13.65 6.26 -58.57
C LYS D 248 14.17 5.38 -57.41
N LEU D 249 14.14 4.06 -57.63
CA LEU D 249 14.16 3.04 -56.54
C LEU D 249 15.45 3.14 -55.70
N ALA D 250 16.63 3.03 -56.32
CA ALA D 250 17.90 2.72 -55.62
C ALA D 250 18.24 3.79 -54.57
N GLN D 251 18.03 5.07 -54.94
CA GLN D 251 18.23 6.24 -54.03
C GLN D 251 17.26 6.15 -52.84
N ILE D 252 15.98 5.82 -53.09
CA ILE D 252 14.91 5.67 -52.06
C ILE D 252 15.35 4.56 -51.09
N LYS D 253 15.75 3.41 -51.64
CA LYS D 253 16.30 2.26 -50.88
C LYS D 253 17.35 2.78 -49.88
N THR D 254 18.33 3.56 -50.35
CA THR D 254 19.43 4.11 -49.51
C THR D 254 18.79 4.97 -48.39
N LEU D 255 17.80 5.81 -48.70
CA LEU D 255 17.18 6.80 -47.76
C LEU D 255 16.43 6.08 -46.62
N LEU D 256 15.93 4.86 -46.87
CA LEU D 256 15.24 3.97 -45.88
C LEU D 256 16.11 2.75 -45.60
N PRO D 257 17.05 2.80 -44.62
CA PRO D 257 17.85 1.61 -44.30
C PRO D 257 16.96 0.58 -43.59
N GLY D 258 17.16 -0.68 -43.97
CA GLY D 258 16.44 -1.86 -43.44
C GLY D 258 17.10 -3.15 -43.90
N ALA D 259 16.68 -4.32 -43.37
CA ALA D 259 17.31 -5.65 -43.58
C ALA D 259 17.01 -6.24 -44.97
N GLU D 260 15.74 -6.35 -45.37
CA GLU D 260 15.26 -7.17 -46.52
C GLU D 260 15.24 -6.27 -47.78
N ASP D 261 15.14 -6.89 -48.97
CA ASP D 261 14.89 -6.18 -50.24
C ASP D 261 13.46 -5.65 -50.18
N PRO D 262 13.21 -4.40 -50.61
CA PRO D 262 11.85 -3.91 -50.83
C PRO D 262 11.15 -4.67 -51.97
N THR D 263 9.91 -5.14 -51.78
CA THR D 263 9.11 -5.76 -52.87
C THR D 263 8.62 -4.59 -53.73
N VAL D 264 8.81 -4.69 -55.05
CA VAL D 264 8.35 -3.69 -56.07
C VAL D 264 7.14 -4.25 -56.85
N LEU D 265 6.07 -3.46 -57.03
CA LEU D 265 4.70 -3.97 -57.32
C LEU D 265 4.19 -3.40 -58.65
N PRO D 266 2.85 -3.41 -58.85
CA PRO D 266 2.30 -3.57 -60.21
C PRO D 266 2.21 -2.28 -61.04
N LEU D 267 1.58 -1.21 -60.55
CA LEU D 267 1.08 -0.09 -61.39
C LEU D 267 2.07 1.09 -61.36
N VAL D 274 6.35 2.81 -59.96
CA VAL D 274 6.35 1.54 -59.18
C VAL D 274 5.73 1.84 -57.81
N ALA D 275 5.11 0.82 -57.20
CA ALA D 275 4.66 0.81 -55.79
C ALA D 275 5.64 -0.05 -54.97
N VAL D 276 6.16 0.52 -53.87
CA VAL D 276 7.21 -0.11 -53.02
C VAL D 276 6.62 -0.38 -51.63
N HIS D 277 6.77 -1.62 -51.16
CA HIS D 277 6.40 -2.10 -49.81
C HIS D 277 7.71 -2.49 -49.12
N MET D 278 7.97 -2.08 -47.88
CA MET D 278 9.21 -2.50 -47.18
C MET D 278 9.16 -2.16 -45.69
N VAL D 279 10.13 -2.70 -44.94
CA VAL D 279 10.26 -2.52 -43.47
C VAL D 279 11.50 -1.65 -43.20
N SER D 280 11.34 -0.48 -42.56
CA SER D 280 12.47 0.32 -42.03
C SER D 280 12.98 -0.34 -40.75
N SER D 281 14.27 -0.20 -40.44
CA SER D 281 14.90 -0.63 -39.16
C SER D 281 14.83 0.47 -38.13
N GLU D 282 14.69 1.73 -38.58
CA GLU D 282 14.62 2.96 -37.71
C GLU D 282 13.24 3.58 -37.87
N ASN D 283 12.84 4.44 -36.92
CA ASN D 283 11.64 5.31 -37.04
C ASN D 283 11.80 6.24 -38.24
N LEU D 284 10.75 6.39 -39.03
CA LEU D 284 10.69 7.41 -40.12
C LEU D 284 10.54 8.79 -39.49
N PHE D 285 11.51 9.68 -39.73
CA PHE D 285 11.41 11.09 -39.29
C PHE D 285 10.81 11.94 -40.41
N TRP D 286 10.27 13.09 -40.03
CA TRP D 286 9.65 14.06 -40.96
C TRP D 286 10.62 14.41 -42.08
N GLU D 287 11.87 14.68 -41.68
CA GLU D 287 13.03 15.05 -42.55
C GLU D 287 13.12 14.03 -43.69
N THR D 288 13.08 12.73 -43.33
CA THR D 288 13.17 11.58 -44.28
C THR D 288 11.93 11.60 -45.19
N MET D 289 10.74 11.74 -44.60
CA MET D 289 9.47 11.80 -45.38
C MET D 289 9.58 12.93 -46.41
N GLU D 290 10.14 14.07 -46.00
CA GLU D 290 10.25 15.32 -46.82
C GLU D 290 11.24 15.05 -47.96
N GLN D 291 12.37 14.41 -47.64
CA GLN D 291 13.37 13.91 -48.63
C GLN D 291 12.67 13.08 -49.69
N LEU D 292 11.78 12.17 -49.28
CA LEU D 292 11.08 11.25 -50.21
C LEU D 292 10.15 12.03 -51.15
N LYS D 293 9.37 13.00 -50.63
CA LYS D 293 8.45 13.80 -51.49
C LYS D 293 9.31 14.54 -52.51
N ALA D 294 10.44 15.10 -52.06
CA ALA D 294 11.47 15.81 -52.87
C ALA D 294 11.97 14.96 -54.04
N LEU D 295 12.18 13.64 -53.85
CA LEU D 295 12.54 12.71 -54.95
C LEU D 295 11.34 12.56 -55.90
N ALA D 297 8.40 10.98 -54.81
CA ALA D 297 7.61 9.84 -54.27
C ALA D 297 6.29 10.37 -53.73
N SER D 298 5.25 9.55 -53.77
CA SER D 298 3.91 9.95 -53.27
C SER D 298 3.22 8.82 -52.51
N SER D 299 2.15 9.16 -51.77
CA SER D 299 1.33 8.22 -50.97
C SER D 299 2.26 7.45 -50.05
N ILE D 300 3.03 8.19 -49.26
CA ILE D 300 3.98 7.65 -48.24
C ILE D 300 3.13 7.29 -47.02
N LEU D 301 3.04 6.00 -46.72
CA LEU D 301 2.32 5.47 -45.53
C LEU D 301 3.34 4.80 -44.61
N VAL D 302 3.12 4.96 -43.32
CA VAL D 302 3.88 4.24 -42.27
C VAL D 302 2.87 3.58 -41.35
N LEU D 303 2.86 2.24 -41.32
CA LEU D 303 1.99 1.47 -40.40
C LEU D 303 2.88 0.99 -39.26
N PRO D 304 2.31 0.84 -38.06
CA PRO D 304 3.04 0.27 -36.94
C PRO D 304 3.19 -1.24 -37.08
N ILE D 305 4.14 -1.79 -36.33
CA ILE D 305 4.42 -3.23 -36.21
C ILE D 305 4.31 -3.60 -34.73
N GLU D 306 3.33 -4.43 -34.40
CA GLU D 306 2.97 -4.78 -33.00
C GLU D 306 4.02 -5.74 -32.42
N LYS D 307 4.55 -6.61 -33.25
CA LYS D 307 5.35 -7.76 -32.82
C LYS D 307 6.16 -8.23 -34.01
N MET D 308 7.38 -8.73 -33.79
CA MET D 308 8.19 -9.28 -34.90
C MET D 308 9.31 -10.15 -34.37
N MET D 309 9.92 -10.88 -35.31
CA MET D 309 11.09 -11.76 -35.10
C MET D 309 11.70 -12.03 -36.49
N GLU D 310 12.86 -11.40 -36.76
CA GLU D 310 13.49 -11.27 -38.10
C GLU D 310 13.81 -12.68 -38.61
N GLN E 16 60.78 -18.54 9.55
CA GLN E 16 60.31 -17.98 10.85
C GLN E 16 60.13 -16.45 10.75
N ARG E 17 60.85 -15.74 9.88
CA ARG E 17 60.82 -14.27 9.74
C ARG E 17 59.72 -13.88 8.75
N LEU E 18 59.43 -12.57 8.65
CA LEU E 18 58.51 -11.97 7.65
C LEU E 18 59.15 -12.04 6.27
N ARG E 19 58.54 -12.70 5.30
CA ARG E 19 59.16 -12.83 3.96
C ARG E 19 58.35 -11.94 3.01
N ILE E 20 59.02 -11.02 2.31
CA ILE E 20 58.41 -10.00 1.40
C ILE E 20 58.94 -10.21 -0.02
N ALA E 21 58.06 -10.32 -1.00
CA ALA E 21 58.49 -10.49 -2.40
C ALA E 21 58.38 -9.16 -3.11
N ILE E 22 59.45 -8.75 -3.77
CA ILE E 22 59.51 -7.52 -4.61
C ILE E 22 60.10 -7.92 -5.95
N GLN E 23 59.65 -7.28 -7.00
CA GLN E 23 60.22 -7.45 -8.35
C GLN E 23 61.73 -7.16 -8.26
N LYS E 24 62.56 -8.03 -8.86
CA LYS E 24 64.03 -7.97 -8.75
C LYS E 24 64.54 -6.68 -9.41
N LYS E 25 64.27 -6.46 -10.71
CA LYS E 25 64.76 -5.25 -11.41
C LYS E 25 63.60 -4.71 -12.25
N GLY E 26 63.44 -3.37 -12.32
CA GLY E 26 62.29 -2.62 -12.88
C GLY E 26 61.98 -1.35 -12.11
N ARG E 27 61.24 -0.41 -12.69
CA ARG E 27 60.92 0.89 -12.03
C ARG E 27 60.24 0.58 -10.70
N LEU E 28 59.30 -0.38 -10.70
CA LEU E 28 58.59 -0.91 -9.50
C LEU E 28 59.58 -1.36 -8.42
N SER E 29 60.73 -1.90 -8.77
CA SER E 29 61.72 -2.37 -7.76
C SER E 29 62.22 -1.19 -6.93
N GLN E 30 62.88 -0.20 -7.55
CA GLN E 30 63.46 0.98 -6.83
C GLN E 30 62.40 1.56 -5.89
N GLU E 31 61.18 1.85 -6.37
CA GLU E 31 60.12 2.53 -5.57
C GLU E 31 59.78 1.67 -4.35
N CYS E 32 59.86 0.35 -4.45
CA CYS E 32 59.53 -0.57 -3.33
C CYS E 32 60.68 -0.61 -2.32
N GLN E 33 61.91 -0.74 -2.80
CA GLN E 33 63.11 -0.72 -1.91
C GLN E 33 63.11 0.62 -1.19
N GLU E 34 62.95 1.72 -1.94
CA GLU E 34 62.91 3.09 -1.36
C GLU E 34 61.93 3.13 -0.19
N LEU E 35 60.72 2.57 -0.35
CA LEU E 35 59.64 2.69 0.67
C LEU E 35 60.03 1.89 1.92
N LEU E 36 60.55 0.67 1.75
CA LEU E 36 60.99 -0.15 2.90
C LEU E 36 62.07 0.61 3.71
N LYS E 37 62.98 1.30 3.04
CA LYS E 37 64.08 2.06 3.70
C LYS E 37 63.47 3.29 4.39
N LYS E 38 62.59 4.03 3.72
CA LYS E 38 61.89 5.19 4.33
C LYS E 38 61.12 4.73 5.56
N CYS E 39 60.84 3.43 5.70
CA CYS E 39 60.09 2.89 6.86
C CYS E 39 61.07 2.31 7.87
N GLY E 40 62.37 2.56 7.68
CA GLY E 40 63.40 2.22 8.66
C GLY E 40 63.79 0.76 8.59
N VAL E 41 63.55 0.10 7.46
CA VAL E 41 64.09 -1.26 7.20
C VAL E 41 65.45 -1.08 6.51
N LYS E 42 66.50 -1.48 7.20
CA LYS E 42 67.90 -1.40 6.70
C LYS E 42 68.20 -2.75 6.03
N PHE E 43 68.89 -2.72 4.88
CA PHE E 43 69.38 -3.88 4.09
C PHE E 43 70.25 -3.34 2.94
N ASN E 44 71.23 -4.10 2.47
CA ASN E 44 72.01 -3.77 1.24
C ASN E 44 71.93 -4.94 0.28
N ILE E 45 71.60 -4.67 -0.99
CA ILE E 45 71.64 -5.68 -2.08
C ILE E 45 73.10 -5.89 -2.45
N MET E 46 73.65 -7.09 -2.24
CA MET E 46 74.99 -7.52 -2.72
C MET E 46 74.83 -8.11 -4.13
N GLY E 47 74.73 -7.23 -5.14
CA GLY E 47 74.59 -7.58 -6.56
C GLY E 47 73.41 -8.51 -6.82
N GLU E 48 73.63 -9.61 -7.56
CA GLU E 48 72.60 -10.53 -8.09
C GLU E 48 72.20 -11.58 -7.04
N ARG E 49 72.48 -11.34 -5.76
CA ARG E 49 71.93 -12.13 -4.61
C ARG E 49 70.44 -11.82 -4.45
N LEU E 50 69.61 -12.85 -4.37
CA LEU E 50 68.14 -12.71 -4.54
C LEU E 50 67.41 -12.90 -3.22
N VAL E 51 67.93 -13.66 -2.27
CA VAL E 51 67.34 -13.66 -0.90
C VAL E 51 68.20 -12.71 -0.07
N VAL E 52 67.59 -11.65 0.48
CA VAL E 52 68.25 -10.48 1.11
C VAL E 52 67.73 -10.38 2.55
N HIS E 53 68.59 -10.38 3.56
CA HIS E 53 68.19 -10.25 4.98
C HIS E 53 68.24 -8.79 5.41
N SER E 54 67.20 -8.30 6.09
CA SER E 54 67.24 -7.00 6.81
C SER E 54 68.27 -7.09 7.94
N LEU E 55 69.08 -6.04 8.09
CA LEU E 55 70.11 -5.92 9.16
C LEU E 55 69.42 -5.74 10.52
N ASN E 56 68.39 -4.91 10.59
CA ASN E 56 67.88 -4.37 11.89
C ASN E 56 66.47 -4.85 12.20
N MET E 57 65.85 -5.67 11.34
CA MET E 57 64.45 -6.14 11.53
C MET E 57 64.34 -7.60 11.10
N PRO E 58 63.43 -8.39 11.72
CA PRO E 58 63.28 -9.80 11.39
C PRO E 58 62.50 -10.03 10.08
N ILE E 59 63.11 -9.57 8.98
CA ILE E 59 62.46 -9.47 7.63
C ILE E 59 63.43 -9.98 6.57
N ASP E 60 62.96 -10.91 5.72
CA ASP E 60 63.68 -11.35 4.49
C ASP E 60 62.95 -10.79 3.25
N LEU E 61 63.74 -10.36 2.26
CA LEU E 61 63.27 -9.87 0.95
C LEU E 61 63.59 -10.95 -0.07
N LEU E 62 62.66 -11.25 -0.96
CA LEU E 62 62.89 -12.14 -2.12
C LEU E 62 62.74 -11.30 -3.39
N LEU E 63 63.77 -11.29 -4.22
CA LEU E 63 63.82 -10.53 -5.49
C LEU E 63 63.46 -11.50 -6.62
N VAL E 64 62.20 -11.45 -7.06
CA VAL E 64 61.60 -12.45 -7.98
C VAL E 64 61.08 -11.71 -9.21
N ARG E 65 60.65 -12.42 -10.25
CA ARG E 65 59.90 -11.84 -11.40
C ARG E 65 58.51 -11.43 -10.90
N ASP E 66 58.06 -10.25 -11.33
CA ASP E 66 56.76 -9.64 -10.94
C ASP E 66 55.64 -10.65 -11.21
N ASP E 67 55.68 -11.38 -12.33
CA ASP E 67 54.59 -12.26 -12.81
C ASP E 67 54.33 -13.40 -11.81
N ASP E 68 55.35 -13.76 -11.02
CA ASP E 68 55.27 -14.91 -10.09
C ASP E 68 54.76 -14.50 -8.72
N ILE E 69 54.67 -13.19 -8.46
CA ILE E 69 54.43 -12.69 -7.07
C ILE E 69 53.03 -13.05 -6.60
N PRO E 70 51.99 -12.91 -7.43
CA PRO E 70 50.65 -13.23 -6.98
C PRO E 70 50.61 -14.72 -6.66
N GLY E 71 51.07 -15.55 -7.61
CA GLY E 71 51.34 -16.98 -7.41
C GLY E 71 51.99 -17.28 -6.05
N LEU E 72 53.12 -16.65 -5.71
CA LEU E 72 53.83 -16.95 -4.44
C LEU E 72 52.96 -16.59 -3.23
N ILE E 73 52.27 -15.45 -3.30
CA ILE E 73 51.48 -14.96 -2.15
C ILE E 73 50.28 -15.89 -1.95
N MET E 74 49.73 -16.38 -3.06
CA MET E 74 48.48 -17.18 -3.10
C MET E 74 48.79 -18.59 -2.57
N ASP E 75 50.01 -19.07 -2.81
CA ASP E 75 50.53 -20.38 -2.33
C ASP E 75 51.20 -20.23 -0.95
N GLY E 76 50.97 -19.14 -0.21
CA GLY E 76 51.48 -18.95 1.17
C GLY E 76 52.99 -18.97 1.30
N VAL E 77 53.74 -19.11 0.21
CA VAL E 77 55.22 -19.32 0.29
C VAL E 77 55.93 -18.04 0.75
N VAL E 78 55.28 -16.87 0.58
CA VAL E 78 55.80 -15.57 1.11
C VAL E 78 54.66 -14.93 1.88
N ASP E 79 54.94 -13.88 2.65
CA ASP E 79 53.94 -13.31 3.58
C ASP E 79 53.34 -12.06 2.92
N LEU E 80 54.21 -11.18 2.41
CA LEU E 80 53.77 -9.91 1.74
C LEU E 80 54.36 -9.86 0.34
N GLY E 81 53.71 -9.09 -0.53
CA GLY E 81 54.12 -8.98 -1.94
C GLY E 81 53.73 -7.64 -2.51
N PHE E 82 54.67 -7.02 -3.23
CA PHE E 82 54.47 -5.76 -3.97
C PHE E 82 54.35 -6.10 -5.45
N VAL E 83 53.29 -5.64 -6.09
CA VAL E 83 53.02 -6.10 -7.49
C VAL E 83 52.00 -5.18 -8.18
N GLY E 84 52.11 -5.08 -9.50
CA GLY E 84 51.08 -4.40 -10.28
C GLY E 84 49.70 -5.03 -10.13
N GLU E 85 48.70 -4.22 -9.80
CA GLU E 85 47.25 -4.53 -9.91
C GLU E 85 46.97 -5.27 -11.22
N ASN E 86 47.63 -4.91 -12.33
CA ASN E 86 47.39 -5.61 -13.62
C ASN E 86 47.88 -7.06 -13.54
N VAL E 87 49.10 -7.34 -13.09
CA VAL E 87 49.56 -8.76 -13.11
C VAL E 87 48.80 -9.57 -12.05
N LEU E 88 48.36 -8.92 -10.96
CA LEU E 88 47.61 -9.61 -9.90
C LEU E 88 46.30 -10.11 -10.48
N GLU E 89 45.54 -9.25 -11.15
CA GLU E 89 44.18 -9.57 -11.64
C GLU E 89 44.34 -10.57 -12.79
N GLU E 90 45.33 -10.39 -13.67
CA GLU E 90 45.56 -11.39 -14.75
C GLU E 90 45.83 -12.74 -14.11
N THR E 91 46.62 -12.84 -13.03
CA THR E 91 46.98 -14.20 -12.55
C THR E 91 45.77 -14.79 -11.80
N ARG E 92 45.04 -13.98 -11.04
CA ARG E 92 43.79 -14.40 -10.36
C ARG E 92 42.85 -15.08 -11.35
N LEU E 93 42.59 -14.43 -12.49
CA LEU E 93 41.74 -14.98 -13.59
C LEU E 93 42.40 -16.22 -14.20
N ASP E 94 43.69 -16.21 -14.60
CA ASP E 94 44.37 -17.41 -15.16
C ASP E 94 44.15 -18.56 -14.19
N ARG E 95 44.18 -18.30 -12.89
CA ARG E 95 44.06 -19.37 -11.87
C ARG E 95 42.61 -19.83 -11.69
N LEU E 96 41.67 -18.90 -11.57
CA LEU E 96 40.25 -19.24 -11.44
C LEU E 96 39.84 -20.13 -12.63
N ALA E 97 40.47 -19.95 -13.78
CA ALA E 97 40.23 -20.76 -15.00
C ALA E 97 40.78 -22.20 -14.85
N LEU E 98 41.62 -22.48 -13.83
CA LEU E 98 42.24 -23.82 -13.57
C LEU E 98 41.90 -24.30 -12.16
N ASN E 99 40.87 -23.73 -11.54
CA ASN E 99 40.37 -24.01 -10.17
C ASN E 99 41.52 -24.01 -9.13
N GLN E 100 42.65 -23.37 -9.44
CA GLN E 100 43.80 -23.16 -8.51
C GLN E 100 43.43 -22.06 -7.49
N ARG E 101 44.01 -22.17 -6.28
CA ARG E 101 43.84 -21.20 -5.16
C ARG E 101 44.23 -19.82 -5.69
N ASN E 102 43.37 -18.84 -5.46
CA ASN E 102 43.48 -17.46 -5.99
C ASN E 102 43.09 -16.47 -4.89
N GLU E 103 43.16 -16.90 -3.63
CA GLU E 103 42.71 -16.11 -2.46
C GLU E 103 43.93 -15.43 -1.83
N PHE E 104 43.73 -14.21 -1.39
CA PHE E 104 44.75 -13.33 -0.77
C PHE E 104 44.05 -12.12 -0.16
N THR E 105 44.75 -11.37 0.68
CA THR E 105 44.21 -10.16 1.31
C THR E 105 45.01 -8.95 0.80
N THR E 106 44.33 -7.90 0.36
CA THR E 106 44.95 -6.63 -0.10
C THR E 106 45.12 -5.70 1.11
N LEU E 107 46.34 -5.27 1.40
CA LEU E 107 46.64 -4.47 2.61
C LEU E 107 46.54 -2.99 2.28
N ARG E 108 47.03 -2.54 1.13
CA ARG E 108 47.12 -1.10 0.80
C ARG E 108 47.42 -0.89 -0.69
N ARG E 109 46.81 0.15 -1.28
CA ARG E 109 47.11 0.56 -2.67
C ARG E 109 48.28 1.54 -2.65
N MET E 110 49.31 1.35 -3.47
CA MET E 110 50.48 2.26 -3.51
C MET E 110 50.12 3.50 -4.35
N ASP E 111 50.84 4.60 -4.11
CA ASP E 111 50.80 5.81 -4.95
C ASP E 111 51.95 5.72 -5.96
N PHE E 112 52.22 4.55 -6.55
CA PHE E 112 53.24 4.37 -7.63
C PHE E 112 52.95 3.10 -8.47
N GLY E 113 53.70 2.86 -9.54
CA GLY E 113 53.57 1.69 -10.45
C GLY E 113 52.42 1.87 -11.44
N GLY E 114 51.95 3.11 -11.56
CA GLY E 114 50.92 3.52 -12.55
C GLY E 114 51.27 3.04 -13.94
N CYS E 115 50.29 2.58 -14.68
CA CYS E 115 50.36 2.20 -16.10
C CYS E 115 48.97 1.75 -16.52
N ARG E 116 48.75 1.58 -17.82
CA ARG E 116 47.37 1.28 -18.28
C ARG E 116 47.45 0.39 -19.49
N LEU E 117 46.58 -0.61 -19.49
CA LEU E 117 46.40 -1.53 -20.61
C LEU E 117 45.39 -0.84 -21.52
N SER E 118 45.71 -0.65 -22.80
CA SER E 118 44.83 0.06 -23.76
C SER E 118 44.68 -0.73 -25.05
N ILE E 119 43.53 -0.62 -25.70
CA ILE E 119 43.38 -1.20 -27.06
C ILE E 119 43.96 -0.19 -28.03
N ALA E 120 44.70 -0.64 -29.03
CA ALA E 120 45.20 0.19 -30.15
C ALA E 120 44.85 -0.44 -31.50
N ILE E 121 44.47 0.37 -32.49
CA ILE E 121 44.11 -0.08 -33.86
C ILE E 121 44.91 0.76 -34.85
N GLU E 122 44.87 0.42 -36.15
CA GLU E 122 45.66 1.10 -37.23
C GLU E 122 45.14 2.54 -37.44
N LYS E 123 46.04 3.52 -37.64
CA LYS E 123 45.70 4.97 -37.73
C LYS E 123 44.64 5.14 -38.83
N ASP E 124 44.90 4.64 -40.03
CA ASP E 124 44.02 4.82 -41.21
C ASP E 124 42.89 3.79 -41.13
N ALA E 125 42.10 3.82 -40.06
CA ALA E 125 40.95 2.89 -39.86
C ALA E 125 39.90 3.55 -38.95
N GLU E 126 38.61 3.30 -39.19
CA GLU E 126 37.52 4.03 -38.48
C GLU E 126 37.13 3.24 -37.21
N TYR E 127 36.98 3.93 -36.08
CA TYR E 127 36.58 3.33 -34.77
C TYR E 127 35.62 4.31 -34.08
N ARG E 128 34.32 3.97 -34.08
CA ARG E 128 33.27 4.79 -33.44
C ARG E 128 33.14 4.35 -31.98
N GLY E 129 33.55 3.11 -31.64
CA GLY E 129 33.53 2.55 -30.27
C GLY E 129 33.78 1.03 -30.24
N PRO E 130 33.79 0.40 -29.05
CA PRO E 130 34.11 -1.02 -28.88
C PRO E 130 33.42 -1.99 -29.84
N GLN E 131 32.18 -1.71 -30.20
CA GLN E 131 31.39 -2.61 -31.08
C GLN E 131 32.10 -2.77 -32.45
N ASP E 132 32.94 -1.79 -32.82
CA ASP E 132 33.77 -1.84 -34.07
C ASP E 132 34.86 -2.91 -33.99
N LEU E 133 35.04 -3.56 -32.84
CA LEU E 133 36.03 -4.67 -32.65
C LEU E 133 35.39 -6.04 -32.88
N ASN E 134 34.05 -6.09 -32.81
CA ASN E 134 33.30 -7.35 -32.96
C ASN E 134 33.90 -8.10 -34.16
N GLY E 135 34.47 -9.27 -33.91
CA GLY E 135 34.93 -10.20 -34.96
C GLY E 135 36.37 -10.00 -35.35
N LYS E 136 37.01 -8.96 -34.85
CA LYS E 136 38.43 -8.67 -35.16
C LYS E 136 39.31 -9.55 -34.26
N ARG E 137 40.50 -9.92 -34.73
CA ARG E 137 41.58 -10.62 -33.98
C ARG E 137 42.36 -9.55 -33.21
N ILE E 138 42.67 -9.77 -31.94
CA ILE E 138 43.40 -8.81 -31.07
C ILE E 138 44.61 -9.49 -30.39
N ALA E 139 45.80 -8.89 -30.47
CA ALA E 139 47.02 -9.44 -29.85
C ALA E 139 47.24 -8.82 -28.48
N THR E 140 47.70 -9.58 -27.50
CA THR E 140 47.95 -9.08 -26.13
C THR E 140 48.81 -10.04 -25.32
N THR E 141 49.46 -9.50 -24.31
CA THR E 141 50.22 -10.25 -23.29
C THR E 141 49.31 -10.44 -22.08
N TYR E 142 48.07 -9.97 -22.13
CA TYR E 142 47.13 -10.00 -20.98
C TYR E 142 45.82 -10.56 -21.46
N PRO E 143 45.82 -11.84 -21.88
CA PRO E 143 44.66 -12.43 -22.52
C PRO E 143 43.46 -12.42 -21.57
N GLN E 144 43.69 -12.60 -20.28
CA GLN E 144 42.57 -12.68 -19.32
C GLN E 144 41.89 -11.31 -19.19
N LEU E 145 42.66 -10.24 -19.02
CA LEU E 145 42.15 -8.86 -18.81
C LEU E 145 41.46 -8.43 -20.08
N LEU E 146 41.94 -8.86 -21.24
CA LEU E 146 41.30 -8.58 -22.55
C LEU E 146 39.94 -9.26 -22.57
N LYS E 147 39.85 -10.54 -22.21
CA LYS E 147 38.56 -11.27 -22.15
C LYS E 147 37.60 -10.53 -21.20
N ALA E 148 38.04 -10.23 -19.97
CA ALA E 148 37.23 -9.48 -18.99
C ALA E 148 36.67 -8.22 -19.64
N TYR E 149 37.48 -7.45 -20.34
CA TYR E 149 37.04 -6.21 -21.04
C TYR E 149 35.97 -6.54 -22.09
N MET E 150 36.25 -7.47 -22.98
CA MET E 150 35.35 -7.76 -24.12
C MET E 150 34.04 -8.37 -23.61
N ASP E 151 34.08 -9.15 -22.51
CA ASP E 151 32.84 -9.73 -21.93
C ASP E 151 31.96 -8.56 -21.46
N ARG E 152 32.60 -7.58 -20.83
CA ARG E 152 31.90 -6.46 -20.17
C ARG E 152 31.28 -5.59 -21.26
N GLN E 153 31.82 -5.54 -22.45
CA GLN E 153 31.28 -4.72 -23.58
C GLN E 153 30.37 -5.59 -24.46
N GLY E 154 30.31 -6.88 -24.16
CA GLY E 154 29.50 -7.88 -24.91
C GLY E 154 29.91 -7.97 -26.37
N VAL E 155 31.22 -8.08 -26.66
CA VAL E 155 31.74 -8.12 -28.06
C VAL E 155 32.54 -9.41 -28.24
N ASP E 156 32.43 -10.08 -29.37
CA ASP E 156 33.27 -11.28 -29.69
C ASP E 156 34.49 -10.85 -30.49
N PHE E 157 35.60 -11.58 -30.33
CA PHE E 157 36.92 -11.29 -30.92
C PHE E 157 37.73 -12.58 -30.95
N SER E 158 38.76 -12.67 -31.80
CA SER E 158 39.80 -13.74 -31.77
C SER E 158 40.96 -13.23 -30.92
N THR E 159 41.81 -14.08 -30.37
CA THR E 159 43.05 -13.68 -29.66
C THR E 159 44.28 -14.07 -30.51
N CYS E 160 45.39 -13.40 -30.22
CA CYS E 160 46.74 -13.80 -30.62
C CYS E 160 47.63 -13.53 -29.39
N MET E 161 47.95 -14.59 -28.64
CA MET E 161 48.80 -14.47 -27.42
C MET E 161 50.28 -14.41 -27.86
N LEU E 162 50.96 -13.34 -27.45
CA LEU E 162 52.43 -13.17 -27.54
C LEU E 162 52.91 -12.65 -26.19
N THR E 163 54.13 -13.00 -25.82
CA THR E 163 54.73 -12.73 -24.49
C THR E 163 55.29 -11.31 -24.51
N GLY E 164 55.37 -10.70 -25.71
CA GLY E 164 55.94 -9.35 -25.96
C GLY E 164 55.95 -8.99 -27.44
N SER E 165 56.46 -7.79 -27.74
CA SER E 165 56.53 -7.20 -29.11
C SER E 165 55.13 -7.28 -29.74
N VAL E 166 54.12 -7.01 -28.90
CA VAL E 166 52.68 -7.11 -29.30
C VAL E 166 52.47 -6.19 -30.52
N GLU E 167 53.15 -5.03 -30.52
CA GLU E 167 52.92 -3.91 -31.47
C GLU E 167 53.25 -4.35 -32.89
N VAL E 168 53.95 -5.48 -33.07
CA VAL E 168 54.26 -6.10 -34.39
C VAL E 168 52.98 -6.51 -35.12
N ALA E 169 51.92 -6.87 -34.41
CA ALA E 169 50.89 -7.81 -34.93
C ALA E 169 50.10 -7.22 -36.11
N PRO E 170 49.62 -5.96 -36.01
CA PRO E 170 48.79 -5.34 -37.05
C PRO E 170 49.52 -5.14 -38.39
N ARG E 171 50.68 -4.46 -38.37
CA ARG E 171 51.53 -4.21 -39.56
C ARG E 171 51.91 -5.56 -40.18
N ALA E 172 52.00 -6.64 -39.40
CA ALA E 172 52.47 -7.96 -39.86
C ALA E 172 51.31 -8.78 -40.43
N GLY E 173 50.08 -8.29 -40.26
CA GLY E 173 48.84 -9.00 -40.66
C GLY E 173 48.61 -10.24 -39.81
N LEU E 174 48.89 -10.12 -38.50
CA LEU E 174 48.72 -11.19 -37.48
C LEU E 174 47.43 -10.97 -36.69
N ALA E 175 46.92 -9.74 -36.72
CA ALA E 175 45.82 -9.24 -35.87
C ALA E 175 45.37 -7.87 -36.34
N ASP E 176 44.10 -7.57 -36.10
CA ASP E 176 43.44 -6.31 -36.50
C ASP E 176 43.79 -5.24 -35.45
N ALA E 177 44.02 -5.61 -34.20
CA ALA E 177 44.25 -4.67 -33.10
C ALA E 177 45.13 -5.32 -32.04
N ILE E 178 45.48 -4.54 -31.02
CA ILE E 178 46.33 -5.02 -29.90
C ILE E 178 45.81 -4.42 -28.61
N ALA E 179 46.21 -5.01 -27.49
CA ALA E 179 45.96 -4.49 -26.14
C ALA E 179 47.29 -4.56 -25.41
N ASP E 180 47.93 -3.40 -25.20
CA ASP E 180 49.28 -3.35 -24.59
C ASP E 180 49.33 -2.37 -23.45
N LEU E 181 50.36 -2.49 -22.62
CA LEU E 181 50.74 -1.39 -21.68
C LEU E 181 51.18 -0.18 -22.50
N VAL E 182 50.86 1.02 -22.04
CA VAL E 182 51.00 2.25 -22.87
C VAL E 182 51.32 3.42 -21.92
N SER E 183 52.23 4.29 -22.37
CA SER E 183 53.12 5.15 -21.52
C SER E 183 53.52 6.39 -22.33
N THR E 184 54.22 6.15 -23.44
CA THR E 184 54.76 7.18 -24.36
C THR E 184 53.73 7.39 -25.47
N GLY E 185 53.45 6.38 -26.31
CA GLY E 185 52.70 6.51 -27.59
C GLY E 185 53.60 6.28 -28.80
N ALA E 186 54.91 6.45 -28.56
CA ALA E 186 55.98 6.38 -29.56
C ALA E 186 55.85 5.07 -30.30
N THR E 187 55.87 3.94 -29.59
CA THR E 187 55.83 2.58 -30.18
C THR E 187 54.63 2.46 -31.12
N LEU E 188 53.50 3.06 -30.73
CA LEU E 188 52.21 2.96 -31.46
C LEU E 188 52.37 3.67 -32.81
N GLU E 189 52.73 4.95 -32.77
CA GLU E 189 52.97 5.82 -33.96
C GLU E 189 53.98 5.09 -34.88
N ALA E 190 55.10 4.63 -34.33
CA ALA E 190 56.21 3.94 -35.05
C ALA E 190 55.64 2.77 -35.85
N ASN E 191 54.55 2.15 -35.38
CA ASN E 191 54.08 0.86 -35.93
C ASN E 191 52.72 1.05 -36.60
N GLY E 192 52.23 2.29 -36.67
CA GLY E 192 51.06 2.67 -37.48
C GLY E 192 49.77 2.51 -36.71
N LEU E 193 49.80 2.65 -35.39
CA LEU E 193 48.63 2.42 -34.49
C LEU E 193 48.31 3.68 -33.68
N LYS E 194 47.11 3.76 -33.11
CA LYS E 194 46.66 4.81 -32.14
C LYS E 194 45.96 4.14 -30.96
N GLU E 195 46.27 4.53 -29.72
CA GLU E 195 45.49 4.13 -28.52
C GLU E 195 44.05 4.62 -28.76
N VAL E 196 43.02 3.82 -28.48
CA VAL E 196 41.61 4.24 -28.71
C VAL E 196 40.77 3.88 -27.50
N GLU E 197 41.32 3.24 -26.47
CA GLU E 197 40.46 2.68 -25.38
C GLU E 197 41.27 2.09 -24.21
N VAL E 198 41.12 2.68 -23.04
CA VAL E 198 41.76 2.24 -21.76
C VAL E 198 40.90 1.12 -21.21
N ILE E 199 41.47 -0.06 -21.00
CA ILE E 199 40.70 -1.24 -20.48
C ILE E 199 41.09 -1.52 -19.03
N PHE E 200 42.26 -1.09 -18.60
CA PHE E 200 42.70 -1.31 -17.20
C PHE E 200 43.72 -0.25 -16.83
N GLU E 201 43.48 0.40 -15.68
CA GLU E 201 44.39 1.38 -15.06
C GLU E 201 44.91 0.72 -13.80
N SER E 202 46.23 0.49 -13.72
CA SER E 202 46.88 -0.26 -12.61
C SER E 202 47.69 0.72 -11.79
N LYS E 203 47.75 0.49 -10.48
CA LYS E 203 48.88 0.91 -9.63
C LYS E 203 49.46 -0.33 -8.96
N ALA E 204 50.62 -0.22 -8.35
CA ALA E 204 51.17 -1.28 -7.50
C ALA E 204 50.25 -1.39 -6.29
N THR E 205 50.26 -2.53 -5.63
CA THR E 205 49.44 -2.83 -4.42
C THR E 205 50.30 -3.68 -3.51
N LEU E 206 49.97 -3.65 -2.23
CA LEU E 206 50.66 -4.52 -1.25
C LEU E 206 49.65 -5.57 -0.80
N ILE E 207 49.89 -6.84 -1.12
CA ILE E 207 48.99 -7.97 -0.73
C ILE E 207 49.67 -8.88 0.30
N GLN E 208 48.85 -9.66 1.02
CA GLN E 208 49.25 -10.58 2.11
C GLN E 208 48.78 -11.99 1.76
N ARG E 209 49.63 -13.00 1.99
CA ARG E 209 49.22 -14.42 1.86
C ARG E 209 47.99 -14.64 2.70
N PRO E 210 47.14 -15.61 2.33
CA PRO E 210 46.00 -15.96 3.16
C PRO E 210 46.47 -16.86 4.30
N GLY E 211 45.63 -16.92 5.34
CA GLY E 211 45.83 -17.74 6.55
C GLY E 211 45.99 -16.89 7.78
N ALA E 212 46.22 -17.56 8.92
CA ALA E 212 46.45 -16.92 10.23
C ALA E 212 47.93 -16.56 10.36
N PHE E 213 48.23 -15.56 11.18
CA PHE E 213 49.61 -15.07 11.43
C PHE E 213 49.90 -15.18 12.93
N ALA E 214 51.10 -15.63 13.29
CA ALA E 214 51.63 -15.44 14.67
C ALA E 214 51.46 -13.97 15.07
N ALA E 215 51.00 -13.67 16.28
CA ALA E 215 50.65 -12.31 16.74
C ALA E 215 51.87 -11.37 16.70
N ASP E 216 53.09 -11.87 16.95
CA ASP E 216 54.36 -11.11 16.74
C ASP E 216 54.42 -10.62 15.29
N LYS E 217 54.34 -11.54 14.34
CA LYS E 217 54.39 -11.26 12.87
C LYS E 217 53.21 -10.34 12.50
N ALA E 218 52.05 -10.54 13.13
CA ALA E 218 50.86 -9.67 12.91
C ALA E 218 51.22 -8.24 13.34
N ALA E 219 51.76 -8.09 14.54
CA ALA E 219 52.14 -6.80 15.15
C ALA E 219 53.15 -6.10 14.23
N LEU E 220 54.08 -6.86 13.66
CA LEU E 220 55.16 -6.32 12.81
C LEU E 220 54.57 -5.71 11.53
N ILE E 221 53.70 -6.45 10.84
CA ILE E 221 53.03 -5.99 9.59
C ILE E 221 52.24 -4.72 9.92
N ASP E 222 51.63 -4.68 11.09
CA ASP E 222 50.77 -3.55 11.49
C ASP E 222 51.67 -2.33 11.72
N LYS E 223 52.82 -2.54 12.37
CA LYS E 223 53.82 -1.46 12.59
C LYS E 223 54.24 -0.92 11.22
N LEU E 224 54.63 -1.80 10.30
CA LEU E 224 55.11 -1.44 8.94
C LEU E 224 54.04 -0.64 8.21
N LEU E 225 52.82 -1.16 8.17
CA LEU E 225 51.68 -0.45 7.52
C LEU E 225 51.55 0.98 8.12
N THR E 226 51.54 1.13 9.44
CA THR E 226 51.34 2.45 10.09
C THR E 226 52.46 3.39 9.66
N ARG E 227 53.67 2.87 9.50
CA ARG E 227 54.84 3.65 9.03
C ARG E 227 54.61 4.10 7.58
N MET E 228 54.14 3.20 6.72
CA MET E 228 53.87 3.51 5.30
C MET E 228 52.82 4.64 5.24
N HIS E 229 51.81 4.55 6.09
CA HIS E 229 50.74 5.57 6.20
C HIS E 229 51.38 6.91 6.52
N GLY E 230 52.34 6.92 7.42
CA GLY E 230 53.04 8.13 7.89
C GLY E 230 53.90 8.70 6.78
N VAL E 231 54.53 7.84 5.99
CA VAL E 231 55.42 8.30 4.90
C VAL E 231 54.53 9.00 3.87
N GLN E 232 53.38 8.41 3.56
CA GLN E 232 52.42 8.99 2.59
C GLN E 232 51.90 10.30 3.18
N GLN E 233 51.49 10.32 4.44
CA GLN E 233 50.83 11.50 5.06
C GLN E 233 51.80 12.68 5.03
N ALA E 234 53.11 12.44 5.20
CA ALA E 234 54.15 13.49 5.17
C ALA E 234 54.37 14.01 3.74
N LYS E 235 54.23 13.15 2.73
CA LYS E 235 54.36 13.53 1.30
C LYS E 235 53.25 14.55 1.03
N GLU E 236 52.02 14.19 1.44
CA GLU E 236 50.77 14.90 1.09
C GLU E 236 50.69 16.19 1.92
N SER E 237 50.89 16.09 3.24
CA SER E 237 50.62 17.15 4.24
C SER E 237 51.63 18.31 4.11
N LYS E 238 51.24 19.47 4.64
CA LYS E 238 52.04 20.72 4.61
C LYS E 238 51.71 21.57 5.84
N TYR E 239 52.69 22.26 6.43
CA TYR E 239 52.44 23.23 7.52
C TYR E 239 52.22 24.57 6.84
N ILE E 240 51.02 25.16 7.00
CA ILE E 240 50.64 26.41 6.30
C ILE E 240 50.49 27.52 7.34
N MET E 241 51.09 28.68 7.05
CA MET E 241 51.02 29.88 7.91
C MET E 241 50.46 30.99 7.04
N LEU E 242 49.43 31.70 7.52
CA LEU E 242 48.85 32.85 6.79
C LEU E 242 48.29 33.90 7.74
N HIS E 243 48.13 35.11 7.20
CA HIS E 243 47.40 36.25 7.78
C HIS E 243 46.01 36.31 7.12
N ALA E 244 44.96 36.42 7.92
CA ALA E 244 43.59 36.70 7.42
C ALA E 244 42.87 37.69 8.33
N PRO E 245 41.87 38.45 7.80
CA PRO E 245 40.92 39.21 8.63
C PRO E 245 40.17 38.28 9.59
N VAL E 246 39.95 38.65 10.86
CA VAL E 246 39.47 37.66 11.86
C VAL E 246 38.07 37.18 11.48
N GLU E 247 37.32 38.07 10.80
CA GLU E 247 35.95 37.83 10.24
C GLU E 247 35.96 36.66 9.22
N LYS E 248 37.09 36.38 8.55
CA LYS E 248 37.19 35.45 7.39
C LYS E 248 37.63 34.07 7.86
N LEU E 249 37.92 33.90 9.14
CA LEU E 249 38.64 32.72 9.67
C LEU E 249 37.80 31.45 9.46
N ALA E 250 36.56 31.46 9.95
CA ALA E 250 35.57 30.35 9.88
C ALA E 250 35.38 29.91 8.43
N GLN E 251 35.25 30.87 7.52
CA GLN E 251 35.16 30.68 6.06
C GLN E 251 36.40 29.96 5.51
N ILE E 252 37.62 30.37 5.91
CA ILE E 252 38.92 29.76 5.51
C ILE E 252 38.93 28.30 5.96
N LYS E 253 38.57 28.07 7.23
CA LYS E 253 38.41 26.72 7.83
C LYS E 253 37.57 25.87 6.87
N THR E 254 36.40 26.36 6.45
CA THR E 254 35.45 25.64 5.54
C THR E 254 36.19 25.31 4.25
N LEU E 255 36.95 26.26 3.68
CA LEU E 255 37.62 26.15 2.34
C LEU E 255 38.71 25.05 2.34
N LEU E 256 39.30 24.80 3.52
CA LEU E 256 40.31 23.74 3.77
C LEU E 256 39.70 22.66 4.68
N PRO E 257 38.99 21.63 4.13
CA PRO E 257 38.46 20.56 4.96
C PRO E 257 39.65 19.66 5.33
N GLY E 258 40.66 19.62 4.44
CA GLY E 258 42.06 19.37 4.79
C GLY E 258 42.59 20.51 5.63
N ALA E 259 42.46 20.37 6.95
CA ALA E 259 43.11 21.17 8.01
C ALA E 259 42.88 20.47 9.36
N GLU E 260 43.81 20.66 10.30
CA GLU E 260 43.59 20.57 11.77
C GLU E 260 42.86 21.88 12.17
N ASP E 261 42.41 22.00 13.43
CA ASP E 261 41.93 23.31 13.96
C ASP E 261 43.16 24.21 14.10
N PRO E 262 43.08 25.41 13.49
CA PRO E 262 44.25 26.27 13.42
C PRO E 262 44.61 26.86 14.79
N THR E 263 45.88 26.93 15.18
CA THR E 263 46.34 27.85 16.26
C THR E 263 46.30 29.27 15.68
N VAL E 264 45.67 30.21 16.38
CA VAL E 264 45.46 31.63 15.98
C VAL E 264 46.23 32.57 16.93
N LEU E 265 46.99 33.56 16.43
CA LEU E 265 47.61 34.62 17.27
C LEU E 265 47.26 35.98 16.68
N PRO E 266 46.95 37.03 17.48
CA PRO E 266 46.70 38.35 16.92
C PRO E 266 48.03 39.05 16.59
N LEU E 267 47.97 40.00 15.67
CA LEU E 267 49.15 40.76 15.16
C LEU E 267 49.29 42.08 15.91
N ASP E 270 46.27 45.26 12.82
CA ASP E 270 46.57 45.12 14.27
C ASP E 270 45.68 43.98 14.81
N LYS E 271 44.45 44.32 15.20
CA LYS E 271 43.37 43.35 15.54
C LYS E 271 42.53 43.05 14.28
N SER E 272 42.66 43.85 13.19
CA SER E 272 42.05 43.64 11.85
C SER E 272 42.40 42.23 11.35
N LYS E 273 43.70 41.97 11.12
CA LYS E 273 44.23 40.64 10.73
C LYS E 273 44.73 39.90 11.98
N VAL E 274 44.78 38.57 11.85
CA VAL E 274 45.23 37.55 12.84
C VAL E 274 46.13 36.60 12.03
N ALA E 275 47.04 35.90 12.70
CA ALA E 275 48.00 34.94 12.10
C ALA E 275 47.56 33.52 12.42
N VAL E 276 47.41 32.69 11.38
CA VAL E 276 46.87 31.31 11.46
C VAL E 276 47.95 30.32 11.02
N HIS E 277 48.22 29.32 11.86
CA HIS E 277 49.22 28.24 11.66
C HIS E 277 48.43 26.94 11.66
N MET E 278 48.61 26.03 10.71
CA MET E 278 47.83 24.76 10.71
C MET E 278 48.39 23.78 9.68
N VAL E 279 47.96 22.53 9.74
CA VAL E 279 48.50 21.42 8.89
C VAL E 279 47.40 20.97 7.92
N SER E 280 47.59 21.10 6.60
CA SER E 280 46.66 20.56 5.58
C SER E 280 46.95 19.07 5.44
N SER E 281 45.94 18.30 5.04
CA SER E 281 46.00 16.85 4.73
C SER E 281 46.42 16.62 3.27
N GLU E 282 46.18 17.61 2.40
CA GLU E 282 46.45 17.60 0.94
C GLU E 282 47.54 18.64 0.66
N ASN E 283 48.20 18.65 -0.51
CA ASN E 283 48.95 19.90 -0.85
C ASN E 283 47.90 20.96 -1.23
N LEU E 284 48.17 22.21 -0.88
CA LEU E 284 47.48 23.39 -1.42
C LEU E 284 47.83 23.52 -2.90
N PHE E 285 46.84 23.48 -3.78
CA PHE E 285 46.98 23.89 -5.19
C PHE E 285 47.11 25.42 -5.21
N TRP E 286 47.78 25.93 -6.24
CA TRP E 286 47.82 27.37 -6.58
C TRP E 286 46.42 27.95 -6.55
N GLU E 287 45.47 27.24 -7.17
CA GLU E 287 44.05 27.65 -7.31
C GLU E 287 43.46 27.94 -5.93
N THR E 288 43.71 27.06 -4.97
CA THR E 288 43.30 27.22 -3.54
C THR E 288 44.01 28.44 -2.93
N MET E 289 45.31 28.55 -3.11
CA MET E 289 46.09 29.72 -2.60
C MET E 289 45.49 31.01 -3.16
N GLU E 290 45.10 31.00 -4.44
CA GLU E 290 44.52 32.18 -5.17
C GLU E 290 43.13 32.50 -4.57
N GLN E 291 42.33 31.46 -4.31
CA GLN E 291 41.04 31.54 -3.54
C GLN E 291 41.27 32.26 -2.22
N LEU E 292 42.33 31.90 -1.49
CA LEU E 292 42.64 32.48 -0.17
C LEU E 292 43.00 33.95 -0.30
N LYS E 293 43.81 34.35 -1.29
CA LYS E 293 44.17 35.78 -1.48
C LYS E 293 42.87 36.55 -1.73
N ALA E 294 42.00 35.99 -2.58
CA ALA E 294 40.64 36.50 -2.92
C ALA E 294 39.78 36.73 -1.67
N LEU E 295 39.82 35.88 -0.66
CA LEU E 295 39.12 36.10 0.65
C LEU E 295 39.81 37.23 1.39
N GLY E 296 41.01 37.65 0.95
CA GLY E 296 41.78 38.74 1.59
C GLY E 296 42.74 38.24 2.66
N ALA E 297 43.11 36.98 2.59
CA ALA E 297 44.27 36.42 3.33
C ALA E 297 45.56 36.91 2.66
N SER E 298 46.64 36.96 3.42
CA SER E 298 47.98 37.38 2.91
C SER E 298 49.07 36.48 3.50
N SER E 299 50.26 36.55 2.90
CA SER E 299 51.50 35.90 3.42
C SER E 299 51.20 34.42 3.64
N ILE E 300 50.71 33.77 2.59
CA ILE E 300 50.41 32.31 2.57
C ILE E 300 51.73 31.59 2.35
N LEU E 301 52.21 30.87 3.37
CA LEU E 301 53.46 30.09 3.33
C LEU E 301 53.12 28.61 3.48
N VAL E 302 53.87 27.76 2.79
CA VAL E 302 53.75 26.29 2.87
C VAL E 302 55.12 25.71 3.15
N LEU E 303 55.30 25.12 4.34
CA LEU E 303 56.56 24.48 4.75
C LEU E 303 56.39 22.99 4.59
N PRO E 304 57.49 22.30 4.22
CA PRO E 304 57.44 20.86 4.06
C PRO E 304 57.51 20.16 5.41
N ILE E 305 57.06 18.90 5.42
CA ILE E 305 57.02 18.02 6.61
C ILE E 305 57.75 16.74 6.25
N GLU E 306 58.90 16.46 6.88
CA GLU E 306 59.79 15.30 6.61
C GLU E 306 59.12 14.01 7.09
N LYS E 307 58.39 14.05 8.18
CA LYS E 307 57.99 12.84 8.93
C LYS E 307 56.83 13.22 9.84
N MET E 308 55.88 12.31 10.05
CA MET E 308 54.71 12.60 10.91
C MET E 308 53.96 11.30 11.22
N MET E 309 53.03 11.44 12.17
CA MET E 309 52.30 10.34 12.86
C MET E 309 51.20 11.04 13.67
N GLU E 310 49.93 10.88 13.24
CA GLU E 310 48.71 11.27 14.00
C GLU E 310 48.74 10.57 15.37
N GLN F 14 30.10 40.35 7.04
CA GLN F 14 31.42 39.90 6.44
C GLN F 14 31.68 38.44 6.89
N THR F 15 31.04 37.97 7.96
CA THR F 15 31.40 36.71 8.67
C THR F 15 30.48 35.56 8.23
N GLN F 16 30.98 34.32 8.32
CA GLN F 16 30.21 33.11 7.99
C GLN F 16 29.14 32.98 9.08
N ARG F 17 27.89 32.80 8.67
CA ARG F 17 26.74 32.40 9.52
C ARG F 17 26.95 31.01 10.09
N LEU F 18 26.17 30.69 11.14
CA LEU F 18 26.10 29.37 11.83
C LEU F 18 25.49 28.35 10.89
N ARG F 19 26.15 27.28 10.53
CA ARG F 19 25.61 26.39 9.48
C ARG F 19 25.15 25.11 10.20
N ILE F 20 23.90 24.72 9.95
CA ILE F 20 23.21 23.55 10.60
C ILE F 20 22.81 22.57 9.51
N ALA F 21 23.21 21.30 9.64
CA ALA F 21 22.85 20.29 8.63
C ALA F 21 21.66 19.49 9.16
N ILE F 22 20.64 19.38 8.34
CA ILE F 22 19.42 18.58 8.62
C ILE F 22 19.17 17.70 7.41
N GLN F 23 18.67 16.51 7.67
CA GLN F 23 18.26 15.57 6.59
C GLN F 23 17.31 16.27 5.66
N LYS F 24 17.49 16.17 4.34
CA LYS F 24 16.67 16.91 3.34
C LYS F 24 15.24 16.36 3.38
N LYS F 25 15.05 15.07 3.11
CA LYS F 25 13.68 14.50 3.03
C LYS F 25 13.65 13.22 3.88
N GLY F 26 12.62 13.10 4.73
CA GLY F 26 12.41 12.04 5.74
C GLY F 26 11.64 12.57 6.94
N ARG F 27 11.07 11.65 7.73
CA ARG F 27 10.35 11.89 9.01
C ARG F 27 11.17 12.87 9.83
N LEU F 28 12.47 12.51 10.00
CA LEU F 28 13.49 13.26 10.77
C LEU F 28 13.58 14.70 10.27
N SER F 29 13.41 14.98 8.98
CA SER F 29 13.48 16.37 8.47
C SER F 29 12.42 17.26 9.12
N GLN F 30 11.11 16.96 8.91
CA GLN F 30 10.00 17.79 9.44
C GLN F 30 10.19 18.04 10.93
N GLU F 31 10.48 17.01 11.74
CA GLU F 31 10.57 17.16 13.21
C GLU F 31 11.72 18.10 13.56
N CYS F 32 12.77 18.17 12.75
CA CYS F 32 13.93 19.07 12.99
C CYS F 32 13.57 20.51 12.61
N GLN F 33 12.96 20.70 11.44
CA GLN F 33 12.50 22.02 11.00
C GLN F 33 11.50 22.55 12.03
N GLU F 34 10.51 21.74 12.41
CA GLU F 34 9.50 22.10 13.43
C GLU F 34 10.21 22.66 14.67
N LEU F 35 11.25 22.02 15.16
CA LEU F 35 11.90 22.40 16.44
C LEU F 35 12.65 23.74 16.27
N LEU F 36 13.37 23.93 15.17
CA LEU F 36 14.05 25.23 14.89
C LEU F 36 13.03 26.38 14.89
N LYS F 37 11.83 26.14 14.32
CA LYS F 37 10.77 27.17 14.23
C LYS F 37 10.21 27.41 15.63
N LYS F 38 9.91 26.34 16.39
CA LYS F 38 9.43 26.47 17.80
C LYS F 38 10.49 27.24 18.63
N CYS F 39 11.73 27.33 18.17
CA CYS F 39 12.81 28.06 18.89
C CYS F 39 12.96 29.45 18.31
N GLY F 40 12.05 29.86 17.43
CA GLY F 40 12.01 31.23 16.93
C GLY F 40 12.99 31.46 15.79
N VAL F 41 13.46 30.41 15.12
CA VAL F 41 14.23 30.55 13.85
C VAL F 41 13.22 30.56 12.70
N LYS F 42 13.13 31.69 12.02
CA LYS F 42 12.23 31.87 10.86
C LYS F 42 13.04 31.53 9.60
N PHE F 43 12.43 30.81 8.65
CA PHE F 43 12.98 30.46 7.31
C PHE F 43 11.86 29.83 6.49
N ASN F 44 11.90 29.98 5.17
CA ASN F 44 10.93 29.35 4.24
C ASN F 44 11.67 28.50 3.23
N ILE F 45 11.25 27.24 3.05
CA ILE F 45 11.86 26.31 2.06
C ILE F 45 11.33 26.71 0.69
N MET F 46 12.20 27.18 -0.22
CA MET F 46 11.86 27.52 -1.64
C MET F 46 12.11 26.26 -2.48
N GLY F 47 11.21 25.28 -2.42
CA GLY F 47 11.22 24.08 -3.28
C GLY F 47 12.50 23.28 -3.10
N GLU F 48 13.13 22.88 -4.22
CA GLU F 48 14.26 21.91 -4.22
C GLU F 48 15.60 22.62 -3.95
N ARG F 49 15.58 23.87 -3.48
CA ARG F 49 16.76 24.62 -2.98
C ARG F 49 17.19 24.05 -1.63
N LEU F 50 18.48 23.77 -1.50
CA LEU F 50 19.06 22.95 -0.42
C LEU F 50 19.88 23.81 0.56
N VAL F 51 20.30 25.01 0.17
CA VAL F 51 20.76 26.00 1.17
C VAL F 51 19.58 26.88 1.49
N VAL F 52 19.21 26.95 2.76
CA VAL F 52 18.08 27.77 3.29
C VAL F 52 18.64 28.81 4.26
N HIS F 53 18.40 30.09 4.04
CA HIS F 53 18.91 31.19 4.92
C HIS F 53 17.82 31.55 5.91
N SER F 54 18.13 31.65 7.20
CA SER F 54 17.18 32.18 8.21
C SER F 54 16.93 33.66 7.93
N LEU F 55 15.68 34.08 8.03
CA LEU F 55 15.23 35.48 7.81
C LEU F 55 15.71 36.34 8.97
N ASN F 56 15.57 35.86 10.21
CA ASN F 56 15.66 36.71 11.42
C ASN F 56 16.89 36.38 12.28
N MET F 57 17.71 35.41 11.89
CA MET F 57 18.87 34.97 12.71
C MET F 57 20.05 34.65 11.80
N PRO F 58 21.28 34.84 12.29
CA PRO F 58 22.49 34.61 11.47
C PRO F 58 22.80 33.11 11.32
N ILE F 59 21.89 32.37 10.67
CA ILE F 59 21.86 30.89 10.60
C ILE F 59 21.61 30.47 9.16
N ASP F 60 22.40 29.53 8.62
CA ASP F 60 22.10 28.78 7.38
C ASP F 60 21.75 27.32 7.70
N LEU F 61 20.79 26.78 6.95
CA LEU F 61 20.41 25.36 7.02
C LEU F 61 20.90 24.72 5.75
N LEU F 62 21.49 23.53 5.87
CA LEU F 62 21.93 22.72 4.71
C LEU F 62 21.11 21.43 4.75
N LEU F 63 20.43 21.16 3.66
CA LEU F 63 19.49 20.02 3.51
C LEU F 63 20.27 18.95 2.74
N VAL F 64 20.83 17.99 3.47
CA VAL F 64 21.82 17.00 2.96
C VAL F 64 21.24 15.62 3.24
N ARG F 65 21.85 14.56 2.71
CA ARG F 65 21.51 13.16 3.11
C ARG F 65 21.98 12.92 4.53
N ASP F 66 21.15 12.26 5.35
CA ASP F 66 21.45 12.00 6.78
C ASP F 66 22.81 11.30 6.91
N ASP F 67 23.11 10.36 6.01
CA ASP F 67 24.34 9.51 6.03
C ASP F 67 25.62 10.36 5.96
N ASP F 68 25.54 11.55 5.38
CA ASP F 68 26.73 12.42 5.17
C ASP F 68 26.94 13.36 6.37
N ILE F 69 25.98 13.44 7.29
CA ILE F 69 25.96 14.50 8.35
C ILE F 69 27.08 14.27 9.34
N PRO F 70 27.35 13.03 9.80
CA PRO F 70 28.43 12.83 10.76
C PRO F 70 29.75 13.22 10.08
N GLY F 71 29.98 12.68 8.89
CA GLY F 71 31.04 13.13 7.95
C GLY F 71 31.24 14.64 7.91
N LEU F 72 30.19 15.40 7.65
CA LEU F 72 30.30 16.88 7.55
C LEU F 72 30.74 17.49 8.89
N ILE F 73 30.15 17.01 9.97
CA ILE F 73 30.37 17.58 11.31
C ILE F 73 31.82 17.30 11.71
N MET F 74 32.29 16.11 11.35
CA MET F 74 33.59 15.55 11.77
C MET F 74 34.71 16.29 11.02
N ASP F 75 34.44 16.69 9.79
CA ASP F 75 35.36 17.47 8.93
C ASP F 75 35.15 18.98 9.12
N GLY F 76 34.49 19.44 10.19
CA GLY F 76 34.32 20.88 10.49
C GLY F 76 33.59 21.69 9.40
N VAL F 77 33.15 21.07 8.34
CA VAL F 77 32.56 21.84 7.20
C VAL F 77 31.15 22.36 7.55
N VAL F 78 30.50 21.88 8.61
CA VAL F 78 29.25 22.51 9.15
C VAL F 78 29.45 22.67 10.65
N ASP F 79 28.57 23.38 11.35
CA ASP F 79 28.79 23.71 12.77
C ASP F 79 27.96 22.75 13.62
N LEU F 80 26.67 22.58 13.29
CA LEU F 80 25.73 21.70 14.04
C LEU F 80 25.09 20.72 13.07
N GLY F 81 24.62 19.61 13.59
CA GLY F 81 24.03 18.54 12.78
C GLY F 81 23.00 17.74 13.56
N PHE F 82 21.86 17.48 12.92
CA PHE F 82 20.77 16.63 13.44
C PHE F 82 20.84 15.30 12.72
N VAL F 83 20.88 14.21 13.48
CA VAL F 83 21.17 12.88 12.87
C VAL F 83 20.78 11.74 13.80
N GLY F 84 20.39 10.60 13.21
CA GLY F 84 20.19 9.38 14.00
C GLY F 84 21.45 8.94 14.72
N GLU F 85 21.38 8.76 16.04
CA GLU F 85 22.41 8.07 16.86
C GLU F 85 22.92 6.82 16.15
N ASN F 86 22.08 6.08 15.43
CA ASN F 86 22.55 4.87 14.70
C ASN F 86 23.49 5.26 13.56
N VAL F 87 23.14 6.20 12.69
CA VAL F 87 24.01 6.61 11.56
C VAL F 87 25.32 7.22 12.11
N LEU F 88 25.20 7.96 13.20
CA LEU F 88 26.36 8.67 13.79
C LEU F 88 27.37 7.61 14.25
N GLU F 89 26.93 6.62 15.04
CA GLU F 89 27.85 5.65 15.64
C GLU F 89 28.42 4.76 14.53
N GLU F 90 27.59 4.35 13.57
CA GLU F 90 28.10 3.54 12.44
C GLU F 90 29.17 4.35 11.72
N THR F 91 29.01 5.64 11.49
CA THR F 91 30.00 6.34 10.64
C THR F 91 31.25 6.59 11.47
N ARG F 92 31.12 6.92 12.75
CA ARG F 92 32.26 7.04 13.70
C ARG F 92 33.16 5.78 13.60
N LEU F 93 32.57 4.60 13.73
CA LEU F 93 33.27 3.30 13.63
C LEU F 93 33.83 3.10 12.22
N ASP F 94 33.06 3.27 11.13
CA ASP F 94 33.58 3.12 9.74
C ASP F 94 34.79 4.02 9.59
N ARG F 95 34.80 5.19 10.22
CA ARG F 95 35.92 6.14 10.08
C ARG F 95 37.12 5.75 10.95
N LEU F 96 36.87 5.40 12.22
CA LEU F 96 37.95 4.95 13.11
C LEU F 96 38.71 3.80 12.44
N ALA F 97 38.01 2.98 11.64
CA ALA F 97 38.60 1.86 10.88
C ALA F 97 39.52 2.34 9.73
N LEU F 98 39.49 3.64 9.36
CA LEU F 98 40.31 4.22 8.25
C LEU F 98 41.12 5.43 8.78
N ASN F 99 41.31 5.49 10.10
CA ASN F 99 42.05 6.56 10.84
C ASN F 99 41.61 7.98 10.41
N GLN F 100 40.42 8.12 9.79
CA GLN F 100 39.76 9.41 9.46
C GLN F 100 39.18 10.06 10.73
N ARG F 101 38.83 11.35 10.70
CA ARG F 101 38.69 12.24 11.91
C ARG F 101 37.86 11.73 13.08
N ASN F 102 36.53 11.53 12.97
CA ASN F 102 35.68 10.81 13.94
C ASN F 102 35.48 11.58 15.25
N GLU F 103 35.99 12.80 15.43
CA GLU F 103 35.74 13.55 16.70
C GLU F 103 34.57 14.52 16.50
N PHE F 104 33.74 14.65 17.54
CA PHE F 104 32.62 15.60 17.60
C PHE F 104 32.13 15.74 19.02
N THR F 105 31.31 16.72 19.29
CA THR F 105 30.72 16.97 20.62
C THR F 105 29.20 16.81 20.51
N THR F 106 28.60 16.04 21.40
CA THR F 106 27.14 15.82 21.51
C THR F 106 26.51 16.91 22.38
N LEU F 107 25.58 17.66 21.85
CA LEU F 107 24.97 18.82 22.57
C LEU F 107 23.71 18.34 23.30
N ARG F 108 22.87 17.51 22.68
CA ARG F 108 21.52 17.20 23.25
C ARG F 108 20.88 16.00 22.51
N ARG F 109 20.22 15.12 23.24
CA ARG F 109 19.47 14.00 22.64
C ARG F 109 18.03 14.46 22.38
N MET F 110 17.50 14.21 21.20
CA MET F 110 16.11 14.60 20.83
C MET F 110 15.12 13.60 21.41
N ASP F 111 13.87 14.01 21.60
CA ASP F 111 12.73 13.12 21.92
C ASP F 111 12.02 12.80 20.61
N PHE F 112 12.77 12.45 19.55
CA PHE F 112 12.18 11.94 18.26
C PHE F 112 13.24 11.15 17.47
N GLY F 113 12.82 10.48 16.38
CA GLY F 113 13.71 9.66 15.53
C GLY F 113 14.04 8.30 16.13
N GLY F 114 13.28 7.92 17.16
CA GLY F 114 13.35 6.59 17.80
C GLY F 114 13.29 5.49 16.76
N CYS F 115 14.08 4.44 16.96
CA CYS F 115 14.10 3.22 16.14
C CYS F 115 15.16 2.31 16.74
N ARG F 116 15.23 1.07 16.27
CA ARG F 116 16.18 0.09 16.84
C ARG F 116 16.69 -0.80 15.72
N LEU F 117 17.96 -1.12 15.80
CA LEU F 117 18.59 -2.13 14.95
C LEU F 117 18.34 -3.45 15.65
N SER F 118 17.76 -4.43 14.96
CA SER F 118 17.44 -5.76 15.53
C SER F 118 17.97 -6.87 14.63
N ILE F 119 18.40 -7.97 15.22
CA ILE F 119 18.71 -9.18 14.43
C ILE F 119 17.39 -9.88 14.17
N ALA F 120 17.18 -10.38 12.95
CA ALA F 120 15.97 -11.15 12.58
C ALA F 120 16.39 -12.45 11.87
N ILE F 121 15.67 -13.55 12.12
CA ILE F 121 15.86 -14.84 11.40
C ILE F 121 14.52 -15.29 10.83
N GLU F 122 14.48 -16.40 10.09
CA GLU F 122 13.23 -17.00 9.50
C GLU F 122 12.28 -17.47 10.62
N LYS F 123 10.96 -17.28 10.44
CA LYS F 123 9.90 -17.55 11.45
C LYS F 123 10.12 -18.94 12.04
N ASP F 124 10.10 -19.97 11.19
CA ASP F 124 10.06 -21.40 11.63
C ASP F 124 11.51 -21.80 11.90
N ALA F 125 12.21 -21.12 12.81
CA ALA F 125 13.64 -21.40 13.11
C ALA F 125 13.97 -20.98 14.55
N GLU F 126 14.83 -21.75 15.23
CA GLU F 126 14.95 -21.73 16.70
C GLU F 126 16.06 -20.73 17.07
N TYR F 127 15.83 -19.92 18.11
CA TYR F 127 16.82 -18.95 18.63
C TYR F 127 16.77 -18.94 20.17
N ARG F 128 17.76 -19.54 20.82
CA ARG F 128 17.85 -19.57 22.30
C ARG F 128 18.63 -18.32 22.76
N GLY F 129 19.49 -17.76 21.89
CA GLY F 129 20.38 -16.61 22.20
C GLY F 129 21.49 -16.38 21.17
N PRO F 130 22.27 -15.28 21.28
CA PRO F 130 23.26 -14.89 20.27
C PRO F 130 24.19 -16.00 19.75
N GLN F 131 24.59 -16.87 20.66
CA GLN F 131 25.54 -17.98 20.40
C GLN F 131 25.00 -18.85 19.25
N ASP F 132 23.67 -18.87 19.03
CA ASP F 132 23.01 -19.66 17.95
C ASP F 132 23.43 -19.12 16.56
N LEU F 133 24.08 -17.95 16.49
CA LEU F 133 24.48 -17.28 15.23
C LEU F 133 25.93 -17.57 14.87
N ASN F 134 26.69 -18.09 15.84
CA ASN F 134 28.13 -18.43 15.64
C ASN F 134 28.27 -19.10 14.26
N GLY F 135 28.98 -18.44 13.34
CA GLY F 135 29.39 -18.99 12.04
C GLY F 135 28.40 -18.70 10.93
N LYS F 136 27.23 -18.11 11.25
CA LYS F 136 26.20 -17.78 10.24
C LYS F 136 26.61 -16.48 9.51
N ARG F 137 26.20 -16.30 8.25
CA ARG F 137 26.36 -15.04 7.47
C ARG F 137 25.17 -14.15 7.80
N ILE F 138 25.38 -12.85 8.05
CA ILE F 138 24.31 -11.89 8.42
C ILE F 138 24.32 -10.68 7.48
N ALA F 139 23.16 -10.35 6.89
CA ALA F 139 23.05 -9.20 5.95
C ALA F 139 22.62 -7.96 6.74
N THR F 140 23.23 -6.83 6.42
CA THR F 140 22.93 -5.57 7.15
C THR F 140 23.46 -4.37 6.34
N THR F 141 22.83 -3.24 6.60
CA THR F 141 23.25 -1.92 6.11
C THR F 141 24.10 -1.27 7.19
N TYR F 142 24.30 -1.94 8.34
CA TYR F 142 24.98 -1.37 9.52
C TYR F 142 26.02 -2.36 10.00
N PRO F 143 27.02 -2.64 9.13
CA PRO F 143 27.98 -3.69 9.41
C PRO F 143 28.74 -3.39 10.70
N GLN F 144 29.05 -2.11 10.95
CA GLN F 144 29.87 -1.75 12.12
C GLN F 144 29.12 -2.01 13.41
N LEU F 145 27.85 -1.60 13.49
CA LEU F 145 27.04 -1.71 14.73
C LEU F 145 26.79 -3.18 15.02
N LEU F 146 26.64 -3.97 13.95
CA LEU F 146 26.47 -5.44 14.06
C LEU F 146 27.76 -6.01 14.63
N LYS F 147 28.93 -5.64 14.11
CA LYS F 147 30.24 -6.11 14.62
C LYS F 147 30.38 -5.76 16.10
N ALA F 148 30.15 -4.51 16.46
CA ALA F 148 30.21 -4.02 17.85
C ALA F 148 29.39 -4.96 18.73
N TYR F 149 28.16 -5.27 18.33
CA TYR F 149 27.26 -6.14 19.13
C TYR F 149 27.87 -7.55 19.24
N MET F 150 28.24 -8.15 18.12
CA MET F 150 28.67 -9.56 18.11
C MET F 150 30.02 -9.68 18.84
N ASP F 151 30.87 -8.66 18.80
CA ASP F 151 32.15 -8.73 19.51
C ASP F 151 31.87 -8.73 21.01
N ARG F 152 30.87 -7.97 21.43
CA ARG F 152 30.46 -7.82 22.85
C ARG F 152 29.93 -9.16 23.36
N GLN F 153 29.29 -9.95 22.48
CA GLN F 153 28.69 -11.26 22.83
C GLN F 153 29.67 -12.41 22.53
N GLY F 154 30.82 -12.05 21.97
CA GLY F 154 31.92 -12.97 21.63
C GLY F 154 31.49 -14.03 20.64
N VAL F 155 30.77 -13.68 19.58
CA VAL F 155 30.26 -14.66 18.58
C VAL F 155 30.81 -14.28 17.21
N ASP F 156 31.33 -15.24 16.45
CA ASP F 156 31.91 -14.98 15.11
C ASP F 156 30.82 -15.22 14.06
N PHE F 157 30.82 -14.43 12.99
CA PHE F 157 29.80 -14.44 11.91
C PHE F 157 30.44 -13.87 10.63
N SER F 158 29.88 -14.14 9.45
CA SER F 158 30.25 -13.48 8.16
C SER F 158 29.33 -12.27 8.00
N THR F 159 29.74 -11.24 7.23
CA THR F 159 28.81 -10.14 6.82
C THR F 159 28.45 -10.30 5.33
N CYS F 160 27.31 -9.76 4.98
CA CYS F 160 26.85 -9.57 3.59
C CYS F 160 26.27 -8.17 3.53
N MET F 161 27.03 -7.24 2.96
CA MET F 161 26.65 -5.80 2.89
C MET F 161 25.62 -5.62 1.75
N LEU F 162 24.46 -5.08 2.10
CA LEU F 162 23.49 -4.51 1.13
C LEU F 162 23.14 -3.11 1.62
N THR F 163 22.93 -2.22 0.67
CA THR F 163 22.69 -0.78 0.88
C THR F 163 21.20 -0.58 1.18
N GLY F 164 20.40 -1.65 1.03
CA GLY F 164 18.96 -1.71 1.39
C GLY F 164 18.30 -3.02 0.96
N SER F 165 16.97 -3.10 1.13
CA SER F 165 16.12 -4.29 0.88
C SER F 165 16.74 -5.50 1.61
N VAL F 166 17.25 -5.25 2.82
CA VAL F 166 18.01 -6.26 3.59
C VAL F 166 17.14 -7.51 3.74
N GLU F 167 15.82 -7.31 3.95
CA GLU F 167 14.82 -8.35 4.30
C GLU F 167 14.74 -9.44 3.22
N VAL F 168 15.23 -9.17 2.02
CA VAL F 168 15.33 -10.14 0.89
C VAL F 168 16.25 -11.32 1.23
N ALA F 169 17.28 -11.12 2.06
CA ALA F 169 18.52 -11.92 1.97
C ALA F 169 18.31 -13.39 2.36
N PRO F 170 17.58 -13.71 3.45
CA PRO F 170 17.39 -15.09 3.91
C PRO F 170 16.60 -15.97 2.93
N ARG F 171 15.40 -15.53 2.54
CA ARG F 171 14.52 -16.24 1.55
C ARG F 171 15.29 -16.39 0.24
N ALA F 172 16.21 -15.51 -0.08
CA ALA F 172 16.94 -15.50 -1.37
C ALA F 172 18.20 -16.36 -1.29
N GLY F 173 18.52 -16.86 -0.10
CA GLY F 173 19.69 -17.72 0.17
C GLY F 173 20.98 -16.93 0.05
N LEU F 174 20.96 -15.68 0.53
CA LEU F 174 22.08 -14.70 0.45
C LEU F 174 22.76 -14.58 1.80
N ALA F 175 22.07 -15.00 2.86
CA ALA F 175 22.52 -14.91 4.27
C ALA F 175 21.55 -15.66 5.18
N ASP F 176 22.05 -16.07 6.34
CA ASP F 176 21.34 -16.92 7.32
C ASP F 176 20.44 -16.00 8.16
N ALA F 177 20.83 -14.74 8.37
CA ALA F 177 20.01 -13.79 9.17
C ALA F 177 20.27 -12.37 8.69
N ILE F 178 19.61 -11.40 9.31
CA ILE F 178 19.77 -9.97 8.95
C ILE F 178 19.79 -9.14 10.21
N ALA F 179 20.27 -7.91 10.07
CA ALA F 179 20.21 -6.89 11.14
C ALA F 179 19.68 -5.63 10.47
N ASP F 180 18.43 -5.27 10.75
CA ASP F 180 17.79 -4.10 10.11
C ASP F 180 17.18 -3.19 11.16
N LEU F 181 16.87 -1.97 10.74
CA LEU F 181 15.99 -1.06 11.48
C LEU F 181 14.58 -1.67 11.48
N VAL F 182 13.86 -1.47 12.57
CA VAL F 182 12.53 -2.09 12.81
C VAL F 182 11.71 -1.14 13.68
N SER F 183 10.38 -1.22 13.57
CA SER F 183 9.40 -0.60 14.51
C SER F 183 8.21 -1.56 14.74
N THR F 184 7.49 -1.87 13.67
CA THR F 184 6.22 -2.63 13.69
C THR F 184 6.54 -4.13 13.50
N GLY F 185 7.26 -4.47 12.44
CA GLY F 185 7.54 -5.86 12.05
C GLY F 185 6.99 -6.15 10.70
N ALA F 186 6.31 -5.18 10.06
CA ALA F 186 5.54 -5.38 8.80
C ALA F 186 6.45 -6.06 7.76
N THR F 187 7.55 -5.40 7.42
CA THR F 187 8.50 -5.85 6.38
C THR F 187 8.99 -7.27 6.71
N LEU F 188 9.18 -7.55 8.00
CA LEU F 188 9.76 -8.81 8.51
C LEU F 188 8.78 -9.93 8.22
N GLU F 189 7.53 -9.79 8.72
CA GLU F 189 6.42 -10.77 8.53
C GLU F 189 6.29 -10.99 7.01
N ALA F 190 6.20 -9.92 6.21
CA ALA F 190 6.04 -9.98 4.75
C ALA F 190 7.10 -10.89 4.12
N ASN F 191 8.27 -10.98 4.72
CA ASN F 191 9.46 -11.62 4.09
C ASN F 191 9.89 -12.85 4.86
N GLY F 192 9.08 -13.25 5.85
CA GLY F 192 9.17 -14.57 6.51
C GLY F 192 10.14 -14.55 7.67
N LEU F 193 10.31 -13.40 8.32
CA LEU F 193 11.32 -13.20 9.38
C LEU F 193 10.65 -12.73 10.69
N LYS F 194 11.32 -12.95 11.82
CA LYS F 194 10.92 -12.47 13.17
C LYS F 194 12.09 -11.76 13.84
N GLU F 195 11.84 -10.59 14.42
CA GLU F 195 12.84 -9.90 15.26
C GLU F 195 13.14 -10.82 16.44
N VAL F 196 14.40 -11.00 16.84
CA VAL F 196 14.72 -11.90 17.96
C VAL F 196 15.72 -11.24 18.90
N GLU F 197 16.22 -10.04 18.59
CA GLU F 197 17.36 -9.46 19.34
C GLU F 197 17.62 -7.99 18.98
N VAL F 198 17.38 -7.10 19.93
CA VAL F 198 17.61 -5.64 19.81
C VAL F 198 19.10 -5.41 20.08
N ILE F 199 19.84 -4.86 19.12
CA ILE F 199 21.31 -4.68 19.27
C ILE F 199 21.66 -3.20 19.41
N PHE F 200 20.76 -2.30 19.00
CA PHE F 200 20.98 -0.84 19.17
C PHE F 200 19.63 -0.11 19.19
N GLU F 201 19.45 0.77 20.17
CA GLU F 201 18.28 1.68 20.28
C GLU F 201 18.79 3.09 19.99
N SER F 202 18.26 3.76 18.98
CA SER F 202 18.68 5.12 18.52
C SER F 202 17.57 6.12 18.79
N LYS F 203 17.92 7.36 19.11
CA LYS F 203 17.08 8.56 18.81
C LYS F 203 17.91 9.51 17.96
N ALA F 204 17.30 10.55 17.41
CA ALA F 204 18.06 11.66 16.78
C ALA F 204 18.84 12.35 17.88
N THR F 205 19.90 13.05 17.53
CA THR F 205 20.81 13.77 18.45
C THR F 205 21.24 15.04 17.74
N LEU F 206 21.62 16.03 18.53
CA LEU F 206 22.23 17.25 18.00
C LEU F 206 23.72 17.24 18.36
N ILE F 207 24.58 17.17 17.35
CA ILE F 207 26.06 17.20 17.53
C ILE F 207 26.65 18.52 17.00
N GLN F 208 27.87 18.85 17.44
CA GLN F 208 28.64 20.05 17.09
C GLN F 208 29.99 19.61 16.51
N ARG F 209 30.45 20.27 15.44
CA ARG F 209 31.82 20.08 14.90
C ARG F 209 32.80 20.29 16.04
N PRO F 210 33.97 19.64 15.99
CA PRO F 210 35.01 19.89 16.99
C PRO F 210 35.73 21.21 16.63
N GLY F 211 36.37 21.78 17.65
CA GLY F 211 37.22 22.97 17.54
C GLY F 211 36.61 24.19 18.23
N ALA F 212 37.20 25.36 17.96
CA ALA F 212 36.87 26.62 18.66
C ALA F 212 35.71 27.31 17.94
N PHE F 213 34.91 28.07 18.67
CA PHE F 213 33.79 28.87 18.13
C PHE F 213 34.03 30.33 18.53
N ALA F 214 33.82 31.27 17.60
CA ALA F 214 33.68 32.71 17.94
C ALA F 214 32.61 32.84 19.04
N ALA F 215 32.85 33.67 20.07
CA ALA F 215 31.97 33.81 21.26
C ALA F 215 30.56 34.26 20.87
N ASP F 216 30.38 35.06 19.82
CA ASP F 216 29.05 35.39 19.22
C ASP F 216 28.30 34.08 18.90
N LYS F 217 28.91 33.25 18.05
CA LYS F 217 28.38 31.98 17.55
C LYS F 217 28.19 31.04 18.74
N ALA F 218 29.10 31.09 19.72
CA ALA F 218 28.97 30.30 20.97
C ALA F 218 27.68 30.71 21.68
N ALA F 219 27.49 32.01 21.88
CA ALA F 219 26.34 32.60 22.59
C ALA F 219 25.04 32.17 21.87
N LEU F 220 25.08 32.15 20.54
CA LEU F 220 23.88 31.81 19.73
C LEU F 220 23.48 30.34 19.95
N ILE F 221 24.43 29.42 19.88
CA ILE F 221 24.19 27.97 20.11
C ILE F 221 23.63 27.80 21.52
N ASP F 222 24.13 28.57 22.46
CA ASP F 222 23.72 28.44 23.87
C ASP F 222 22.27 28.92 24.00
N LYS F 223 21.94 30.02 23.33
CA LYS F 223 20.56 30.58 23.31
C LYS F 223 19.64 29.49 22.75
N LEU F 224 20.01 28.92 21.59
CA LEU F 224 19.21 27.90 20.88
C LEU F 224 18.99 26.71 21.79
N LEU F 225 20.05 26.15 22.35
CA LEU F 225 19.95 25.01 23.29
C LEU F 225 18.97 25.35 24.43
N THR F 226 19.10 26.49 25.09
CA THR F 226 18.23 26.83 26.25
C THR F 226 16.77 26.82 25.79
N ARG F 227 16.53 27.32 24.58
CA ARG F 227 15.17 27.38 23.98
C ARG F 227 14.70 25.95 23.72
N MET F 228 15.54 25.09 23.16
CA MET F 228 15.19 23.67 22.86
C MET F 228 14.78 22.99 24.17
N HIS F 229 15.51 23.26 25.24
CA HIS F 229 15.22 22.72 26.59
C HIS F 229 13.79 23.13 26.97
N GLY F 230 13.46 24.39 26.72
CA GLY F 230 12.15 24.97 27.06
C GLY F 230 11.07 24.39 26.19
N VAL F 231 11.33 24.12 24.91
CA VAL F 231 10.28 23.58 24.02
C VAL F 231 10.00 22.14 24.46
N GLN F 232 11.01 21.39 24.87
CA GLN F 232 10.85 20.02 25.40
C GLN F 232 10.10 20.11 26.72
N GLN F 233 10.49 21.02 27.60
CA GLN F 233 9.92 21.09 28.97
C GLN F 233 8.43 21.39 28.86
N ALA F 234 8.01 22.19 27.87
CA ALA F 234 6.59 22.57 27.65
C ALA F 234 5.82 21.35 27.12
N LYS F 235 6.46 20.52 26.30
CA LYS F 235 5.83 19.31 25.72
C LYS F 235 5.50 18.39 26.90
N GLU F 236 6.48 18.21 27.79
CA GLU F 236 6.45 17.23 28.91
C GLU F 236 5.52 17.76 30.00
N SER F 237 5.75 18.99 30.44
CA SER F 237 5.03 19.68 31.54
C SER F 237 3.55 19.94 31.19
N LYS F 238 2.73 20.10 32.22
CA LYS F 238 1.26 20.30 32.15
C LYS F 238 0.81 21.08 33.38
N TYR F 239 -0.16 21.99 33.30
CA TYR F 239 -0.78 22.61 34.51
C TYR F 239 -1.95 21.73 34.93
N ILE F 240 -1.91 21.18 36.14
CA ILE F 240 -2.95 20.25 36.67
C ILE F 240 -3.72 20.93 37.80
N MET F 241 -5.04 20.81 37.77
CA MET F 241 -5.92 21.33 38.84
C MET F 241 -6.76 20.14 39.30
N LEU F 242 -6.84 19.89 40.61
CA LEU F 242 -7.74 18.83 41.16
C LEU F 242 -8.22 19.19 42.57
N HIS F 243 -9.30 18.52 42.99
CA HIS F 243 -9.85 18.45 44.36
C HIS F 243 -9.43 17.11 44.98
N ALA F 244 -8.95 17.12 46.23
CA ALA F 244 -8.59 15.88 46.97
C ALA F 244 -9.04 15.92 48.42
N PRO F 245 -9.29 14.75 49.07
CA PRO F 245 -9.23 14.68 50.54
C PRO F 245 -7.89 15.15 51.14
N VAL F 246 -7.96 15.98 52.21
CA VAL F 246 -6.78 16.71 52.77
C VAL F 246 -5.76 15.67 53.24
N GLU F 247 -6.28 14.56 53.76
CA GLU F 247 -5.53 13.39 54.31
C GLU F 247 -4.62 12.76 53.25
N LYS F 248 -4.98 12.84 51.95
CA LYS F 248 -4.33 12.04 50.86
C LYS F 248 -3.20 12.84 50.23
N LEU F 249 -2.87 14.01 50.80
CA LEU F 249 -2.01 15.04 50.18
C LEU F 249 -0.62 14.49 49.85
N ALA F 250 0.10 13.94 50.84
CA ALA F 250 1.48 13.40 50.70
C ALA F 250 1.54 12.35 49.59
N GLN F 251 0.54 11.45 49.54
CA GLN F 251 0.38 10.40 48.50
C GLN F 251 0.22 11.04 47.12
N ILE F 252 -0.62 12.08 47.00
CA ILE F 252 -0.88 12.83 45.73
C ILE F 252 0.43 13.45 45.25
N LYS F 253 1.14 14.14 46.17
CA LYS F 253 2.48 14.73 45.94
C LYS F 253 3.37 13.67 45.27
N THR F 254 3.47 12.45 45.83
CA THR F 254 4.31 11.35 45.30
C THR F 254 3.86 11.05 43.87
N LEU F 255 2.55 10.97 43.59
CA LEU F 255 1.97 10.53 42.29
C LEU F 255 2.29 11.55 41.18
N LEU F 256 2.46 12.83 41.55
CA LEU F 256 2.80 13.96 40.63
C LEU F 256 4.21 14.48 40.97
N PRO F 257 5.28 13.93 40.35
CA PRO F 257 6.59 14.58 40.42
C PRO F 257 6.56 15.88 39.60
N GLY F 258 7.15 16.92 40.18
CA GLY F 258 7.28 18.26 39.60
C GLY F 258 8.22 19.11 40.43
N ALA F 259 8.62 20.29 39.93
CA ALA F 259 9.61 21.23 40.51
C ALA F 259 9.03 22.01 41.70
N GLU F 260 7.88 22.72 41.54
CA GLU F 260 7.32 23.63 42.57
C GLU F 260 6.36 22.83 43.47
N ASP F 261 6.05 23.36 44.66
CA ASP F 261 5.03 22.79 45.57
C ASP F 261 3.66 23.14 44.97
N PRO F 262 2.65 22.26 45.19
CA PRO F 262 1.27 22.65 44.92
C PRO F 262 0.72 23.79 45.79
N THR F 263 0.02 24.75 45.19
CA THR F 263 -0.45 26.00 45.84
C THR F 263 -1.32 25.86 47.12
N VAL F 264 -2.38 25.03 47.13
CA VAL F 264 -3.33 24.96 48.28
C VAL F 264 -4.22 23.73 48.09
N ALA F 275 -8.55 22.21 47.04
CA ALA F 275 -8.13 22.41 45.63
C ALA F 275 -6.60 22.50 45.53
N VAL F 276 -6.01 21.67 44.66
CA VAL F 276 -4.55 21.67 44.35
C VAL F 276 -4.35 22.14 42.90
N HIS F 277 -3.46 23.13 42.73
CA HIS F 277 -2.98 23.65 41.43
C HIS F 277 -1.49 23.35 41.38
N MET F 278 -0.96 22.76 40.31
CA MET F 278 0.51 22.62 40.16
C MET F 278 0.92 22.23 38.75
N VAL F 279 2.22 22.24 38.48
CA VAL F 279 2.85 21.90 37.17
C VAL F 279 3.59 20.58 37.27
N SER F 280 3.19 19.55 36.52
CA SER F 280 3.90 18.23 36.45
C SER F 280 5.12 18.40 35.56
N SER F 281 6.18 17.62 35.80
CA SER F 281 7.42 17.54 34.98
C SER F 281 7.24 16.47 33.90
N GLU F 282 6.34 15.50 34.14
CA GLU F 282 6.06 14.36 33.19
C GLU F 282 4.62 14.52 32.68
N ASN F 283 4.33 13.91 31.53
CA ASN F 283 2.93 13.73 31.03
C ASN F 283 2.15 12.86 32.03
N LEU F 284 0.92 13.25 32.34
CA LEU F 284 -0.04 12.36 33.03
C LEU F 284 -0.45 11.23 32.08
N PHE F 285 -0.24 9.99 32.50
CA PHE F 285 -0.90 8.82 31.87
C PHE F 285 -2.27 8.56 32.54
N TRP F 286 -3.14 7.86 31.80
CA TRP F 286 -4.47 7.46 32.30
C TRP F 286 -4.34 6.74 33.65
N GLU F 287 -3.36 5.84 33.72
CA GLU F 287 -3.02 4.98 34.89
C GLU F 287 -2.83 5.89 36.12
N THR F 288 -2.07 6.98 35.96
CA THR F 288 -1.79 7.98 37.03
C THR F 288 -3.10 8.68 37.41
N MET F 289 -3.87 9.13 36.43
CA MET F 289 -5.18 9.78 36.68
C MET F 289 -6.08 8.83 37.47
N GLU F 290 -6.06 7.54 37.13
CA GLU F 290 -6.90 6.48 37.74
C GLU F 290 -6.44 6.26 39.19
N GLN F 291 -5.12 6.23 39.41
CA GLN F 291 -4.49 6.23 40.77
C GLN F 291 -5.05 7.40 41.59
N LEU F 292 -5.13 8.60 41.02
CA LEU F 292 -5.62 9.80 41.73
C LEU F 292 -7.10 9.66 42.10
N LYS F 293 -7.96 9.16 41.20
CA LYS F 293 -9.41 8.99 41.51
C LYS F 293 -9.51 8.00 42.68
N ALA F 294 -8.71 6.93 42.63
CA ALA F 294 -8.56 5.88 43.69
C ALA F 294 -8.23 6.50 45.06
N LEU F 295 -7.36 7.51 45.12
CA LEU F 295 -7.06 8.24 46.38
C LEU F 295 -8.26 9.09 46.78
N GLY F 296 -9.26 9.21 45.89
CA GLY F 296 -10.54 9.89 46.17
C GLY F 296 -10.55 11.30 45.63
N ALA F 297 -9.54 11.69 44.84
CA ALA F 297 -9.42 13.01 44.19
C ALA F 297 -10.45 13.13 43.06
N SER F 298 -10.88 14.35 42.78
CA SER F 298 -11.99 14.64 41.82
C SER F 298 -11.65 15.88 40.99
N SER F 299 -12.37 16.06 39.89
CA SER F 299 -12.23 17.21 38.95
C SER F 299 -10.75 17.39 38.60
N ILE F 300 -10.15 16.32 38.08
CA ILE F 300 -8.76 16.31 37.55
C ILE F 300 -8.80 16.98 36.17
N LEU F 301 -8.17 18.16 36.04
CA LEU F 301 -7.95 18.88 34.76
C LEU F 301 -6.47 18.88 34.42
N VAL F 302 -6.18 18.81 33.14
CA VAL F 302 -4.79 18.97 32.60
C VAL F 302 -4.85 20.00 31.49
N LEU F 303 -4.22 21.16 31.69
CA LEU F 303 -4.18 22.24 30.69
C LEU F 303 -2.81 22.19 30.03
N PRO F 304 -2.75 22.48 28.71
CA PRO F 304 -1.48 22.50 28.00
C PRO F 304 -0.67 23.75 28.31
N ILE F 305 0.63 23.65 28.05
CA ILE F 305 1.62 24.75 28.16
C ILE F 305 2.33 24.86 26.82
N GLU F 306 2.12 25.98 26.13
CA GLU F 306 2.58 26.29 24.76
C GLU F 306 4.11 26.50 24.78
N LYS F 307 4.62 27.13 25.82
CA LYS F 307 5.99 27.67 25.84
C LYS F 307 6.40 27.82 27.31
N MET F 308 7.68 27.63 27.61
CA MET F 308 8.12 27.90 29.00
C MET F 308 9.63 28.10 29.05
N MET F 309 10.11 28.54 30.21
CA MET F 309 11.53 28.70 30.58
C MET F 309 11.58 28.71 32.11
N GLU F 310 12.05 27.62 32.72
CA GLU F 310 12.34 27.54 34.19
C GLU F 310 13.41 28.61 34.50
#